data_4WU3
#
_entry.id   4WU3
#
_cell.length_a   73.899
_cell.length_b   86.680
_cell.length_c   124.149
_cell.angle_alpha   107.27
_cell.angle_beta   91.69
_cell.angle_gamma   90.01
#
_symmetry.space_group_name_H-M   'P 1'
#
loop_
_entity.id
_entity.type
_entity.pdbx_description
1 polymer 'MYO-INOSITOL PHOSPHOHYDROLASE'
2 non-polymer INOSITOL-(1,3,4,5)-TETRAKISPHOSPHATE
3 non-polymer 'PHOSPHATE ION'
4 non-polymer GLYCEROL
5 water water
#
_entity_poly.entity_id   1
_entity_poly.type   'polypeptide(L)'
_entity_poly.pdbx_seq_one_letter_code
;MGSSHHHHHHSSGLVPRGSHMASAPAAVVQEVSAEAQAPAVVKNPPKLALKIDRADVNQLPRNFRMGSDKYVGVTKTGIM
PTRKGMDTMNVSASSCFSEKELEAILKKVPVKPSQFYDVDLRGESHGYLNGTAVSWFANHDWGNDGRTEDIIIPLEKEQL
ASLKGSTVKSIYRFDDKKNVILSPVYVNYNKVRTEEEMVKQHGANYFRLTLQDHFRPDDPDVDKFLEFYKSLPKDAWLHY
HSYAGMGRTTIFMVMHDILKNAKDVSFDDIIQRQKLIGIVDLSEIPDKKKNYGRKAYIERYQFVQHFYDYVKENPDLKTP
YSVWAKKNKVNSWEPDYNGYIWRLDTKDRNQLPRNFRTMNSAFRTDVNVKKTGKGFTPTPTRKGLDTLYMSGSAEFSNGE
LQAMLPVLKQQAKGPIYIMDLRQETHGVFNGNAVSWYGLRDWGNLGKNKAEVLKDENSRLNAARGKSLIVAELDKDKMPI
DPKPVKIESVMTEQQLVEKNGLHYYRIAATDHIWPSAANIDEFINFTRTMPANAWLHFHSQAGAGRTTAYMAMYDMMKNP
DVSLGDILSRQYLLGGNYVAYEIAKPKPDQWKADYYHQKAHMIEKFYQYVQENHADGFKTSWSQWLAAHQDV
;
_entity_poly.pdbx_strand_id   A,B,C,D
#
# COMPACT_ATOMS: atom_id res chain seq x y z
N PRO A 39 -19.49 -51.41 -41.80
CA PRO A 39 -18.34 -51.89 -41.04
C PRO A 39 -18.69 -52.05 -39.57
N ALA A 40 -17.83 -52.76 -38.84
CA ALA A 40 -18.09 -53.07 -37.44
C ALA A 40 -17.18 -52.27 -36.52
N VAL A 41 -17.67 -51.97 -35.32
CA VAL A 41 -16.87 -51.29 -34.33
C VAL A 41 -15.71 -52.20 -33.95
N VAL A 42 -14.51 -51.65 -33.86
CA VAL A 42 -13.34 -52.41 -33.43
C VAL A 42 -13.27 -52.44 -31.91
N LYS A 43 -13.27 -53.64 -31.32
CA LYS A 43 -13.38 -53.78 -29.87
C LYS A 43 -12.20 -53.16 -29.12
N ASN A 44 -10.98 -53.63 -29.40
CA ASN A 44 -9.81 -53.10 -28.72
C ASN A 44 -8.86 -52.46 -29.72
N PRO A 45 -9.12 -51.21 -30.09
CA PRO A 45 -8.28 -50.51 -31.06
C PRO A 45 -6.94 -50.10 -30.44
N PRO A 46 -5.89 -50.02 -31.27
CA PRO A 46 -4.62 -49.57 -30.69
C PRO A 46 -4.78 -48.19 -30.05
N LYS A 47 -3.83 -47.82 -29.20
CA LYS A 47 -3.92 -46.52 -28.55
C LYS A 47 -3.92 -45.41 -29.59
N LEU A 48 -3.18 -45.60 -30.67
CA LEU A 48 -3.10 -44.60 -31.72
C LEU A 48 -3.37 -45.25 -33.06
N ALA A 49 -4.52 -44.97 -33.64
CA ALA A 49 -4.92 -45.67 -34.86
C ALA A 49 -4.96 -44.76 -36.08
N LEU A 50 -4.35 -45.22 -37.16
CA LEU A 50 -4.40 -44.48 -38.41
C LEU A 50 -5.75 -44.77 -38.99
N LYS A 51 -6.54 -43.74 -39.26
CA LYS A 51 -7.86 -43.95 -39.81
C LYS A 51 -8.22 -42.92 -40.86
N ILE A 52 -9.30 -43.23 -41.58
CA ILE A 52 -9.79 -42.40 -42.66
C ILE A 52 -10.65 -41.25 -42.12
N ASP A 53 -10.30 -40.03 -42.46
CA ASP A 53 -11.07 -38.85 -42.08
C ASP A 53 -12.14 -38.58 -43.13
N ARG A 54 -11.70 -38.47 -44.39
CA ARG A 54 -12.58 -38.20 -45.53
C ARG A 54 -12.19 -39.04 -46.74
N ALA A 55 -13.12 -39.89 -47.18
CA ALA A 55 -12.99 -40.60 -48.42
C ALA A 55 -13.00 -39.56 -49.52
N ASP A 56 -12.31 -39.83 -50.62
CA ASP A 56 -12.15 -38.84 -51.67
C ASP A 56 -13.34 -38.81 -52.61
N VAL A 57 -14.18 -37.79 -52.46
CA VAL A 57 -15.45 -37.72 -53.16
C VAL A 57 -15.66 -36.31 -53.69
N ASN A 58 -16.17 -36.19 -54.91
CA ASN A 58 -16.40 -34.87 -55.51
C ASN A 58 -17.64 -34.19 -54.92
N GLN A 59 -17.44 -33.43 -53.86
CA GLN A 59 -18.55 -32.80 -53.16
C GLN A 59 -18.03 -31.78 -52.16
N LEU A 60 -18.89 -30.88 -51.73
CA LEU A 60 -18.57 -30.03 -50.59
C LEU A 60 -18.52 -30.92 -49.36
N PRO A 61 -17.60 -30.62 -48.44
CA PRO A 61 -17.48 -31.45 -47.24
C PRO A 61 -18.57 -31.19 -46.22
N ARG A 62 -18.56 -32.02 -45.19
CA ARG A 62 -19.44 -31.95 -44.04
C ARG A 62 -19.46 -30.57 -43.39
N ASN A 63 -20.66 -30.08 -43.09
CA ASN A 63 -20.85 -28.83 -42.38
C ASN A 63 -20.26 -27.63 -43.07
N PHE A 64 -20.15 -27.68 -44.39
CA PHE A 64 -19.67 -26.52 -45.13
C PHE A 64 -20.65 -25.36 -45.00
N ARG A 65 -20.14 -24.16 -44.74
CA ARG A 65 -20.97 -22.98 -44.84
C ARG A 65 -20.13 -21.78 -45.18
N MET A 66 -20.76 -20.80 -45.83
CA MET A 66 -20.14 -19.53 -46.07
C MET A 66 -20.79 -18.51 -45.15
N GLY A 67 -20.05 -17.46 -44.82
CA GLY A 67 -20.54 -16.44 -43.91
C GLY A 67 -21.77 -15.74 -44.44
N SER A 68 -21.93 -15.75 -45.75
CA SER A 68 -23.06 -15.09 -46.41
C SER A 68 -24.28 -16.00 -46.54
N ASP A 69 -24.19 -17.24 -46.06
CA ASP A 69 -25.30 -18.17 -46.16
C ASP A 69 -26.54 -17.67 -45.42
N LYS A 70 -27.70 -18.10 -45.90
CA LYS A 70 -28.98 -17.77 -45.27
C LYS A 70 -29.12 -18.51 -43.94
N TYR A 71 -29.98 -17.99 -43.07
CA TYR A 71 -30.25 -18.65 -41.80
C TYR A 71 -31.06 -19.91 -42.04
N VAL A 72 -30.76 -20.97 -41.31
CA VAL A 72 -31.59 -22.17 -41.31
C VAL A 72 -31.98 -22.48 -39.88
N GLY A 73 -33.27 -22.74 -39.65
CA GLY A 73 -33.79 -23.03 -38.31
C GLY A 73 -34.29 -21.75 -37.65
N VAL A 74 -34.49 -21.81 -36.33
CA VAL A 74 -35.02 -20.66 -35.56
C VAL A 74 -34.21 -20.45 -34.30
N THR A 75 -34.31 -19.26 -33.71
CA THR A 75 -33.78 -19.02 -32.38
C THR A 75 -34.83 -19.37 -31.33
N LYS A 76 -34.41 -19.43 -30.08
CA LYS A 76 -35.32 -19.79 -28.99
C LYS A 76 -36.41 -18.75 -28.78
N THR A 77 -36.12 -17.50 -29.13
CA THR A 77 -37.09 -16.42 -28.98
C THR A 77 -38.00 -16.29 -30.18
N GLY A 78 -37.61 -16.92 -31.29
CA GLY A 78 -38.28 -16.70 -32.57
C GLY A 78 -37.84 -15.43 -33.28
N ILE A 79 -36.94 -14.67 -32.68
CA ILE A 79 -36.45 -13.44 -33.28
C ILE A 79 -35.08 -13.66 -33.90
N MET A 80 -34.93 -13.26 -35.15
CA MET A 80 -33.69 -13.50 -35.88
C MET A 80 -32.68 -12.41 -35.58
N PRO A 81 -31.41 -12.79 -35.43
CA PRO A 81 -30.39 -11.78 -35.27
C PRO A 81 -30.15 -11.03 -36.58
N THR A 82 -29.80 -9.76 -36.45
CA THR A 82 -29.42 -8.95 -37.59
C THR A 82 -28.40 -9.68 -38.44
N ARG A 83 -28.45 -9.48 -39.76
CA ARG A 83 -27.49 -10.07 -40.69
C ARG A 83 -26.37 -9.09 -40.99
N LYS A 84 -26.36 -7.95 -40.30
CA LYS A 84 -25.41 -6.89 -40.63
C LYS A 84 -23.95 -7.36 -40.61
N GLY A 85 -23.25 -7.07 -41.71
CA GLY A 85 -21.84 -7.40 -41.84
C GLY A 85 -21.52 -8.80 -42.34
N MET A 86 -22.52 -9.68 -42.39
CA MET A 86 -22.27 -11.08 -42.72
C MET A 86 -21.78 -11.30 -44.15
N ASP A 87 -22.32 -10.54 -45.09
CA ASP A 87 -22.11 -10.83 -46.50
C ASP A 87 -20.74 -10.39 -47.04
N THR A 88 -20.01 -9.60 -46.25
CA THR A 88 -18.71 -9.07 -46.68
C THR A 88 -17.54 -9.61 -45.85
N MET A 89 -17.76 -10.72 -45.17
CA MET A 89 -16.74 -11.28 -44.27
C MET A 89 -15.70 -12.09 -45.03
N ASN A 90 -16.07 -12.58 -46.21
CA ASN A 90 -15.17 -13.33 -47.05
C ASN A 90 -14.62 -14.53 -46.33
N VAL A 91 -15.54 -15.36 -45.86
CA VAL A 91 -15.20 -16.42 -44.98
C VAL A 91 -16.04 -17.66 -45.29
N SER A 92 -15.44 -18.84 -45.13
CA SER A 92 -16.21 -20.10 -45.14
C SER A 92 -15.61 -21.04 -44.11
N ALA A 93 -16.28 -22.18 -43.90
CA ALA A 93 -15.87 -23.15 -42.89
C ALA A 93 -16.46 -24.53 -43.18
N SER A 94 -15.86 -25.55 -42.58
CA SER A 94 -16.31 -26.93 -42.78
C SER A 94 -15.54 -27.87 -41.92
N SER A 95 -15.93 -29.14 -42.02
CA SER A 95 -15.14 -30.25 -41.54
C SER A 95 -13.85 -30.36 -42.33
N CYS A 96 -13.01 -31.30 -41.95
CA CYS A 96 -11.86 -31.60 -42.76
C CYS A 96 -12.37 -32.09 -44.10
N PHE A 97 -11.48 -32.07 -45.10
CA PHE A 97 -11.84 -32.34 -46.48
C PHE A 97 -10.83 -33.25 -47.18
N SER A 98 -11.34 -34.10 -48.06
CA SER A 98 -10.49 -34.83 -49.00
C SER A 98 -10.03 -33.86 -50.08
N GLU A 99 -9.16 -34.33 -50.97
CA GLU A 99 -8.67 -33.47 -52.04
C GLU A 99 -9.79 -33.01 -52.98
N LYS A 100 -10.65 -33.92 -53.40
CA LYS A 100 -11.79 -33.55 -54.25
C LYS A 100 -12.75 -32.60 -53.53
N GLU A 101 -12.86 -32.72 -52.21
CA GLU A 101 -13.72 -31.79 -51.47
C GLU A 101 -13.09 -30.41 -51.41
N LEU A 102 -11.76 -30.34 -51.31
CA LEU A 102 -11.08 -29.05 -51.40
C LEU A 102 -11.34 -28.43 -52.77
N GLU A 103 -11.24 -29.25 -53.82
CA GLU A 103 -11.45 -28.77 -55.17
C GLU A 103 -12.86 -28.18 -55.32
N ALA A 104 -13.84 -28.84 -54.71
CA ALA A 104 -15.20 -28.32 -54.68
C ALA A 104 -15.29 -26.99 -53.92
N ILE A 105 -14.56 -26.88 -52.80
CA ILE A 105 -14.51 -25.63 -52.05
C ILE A 105 -13.91 -24.48 -52.88
N LEU A 106 -12.76 -24.76 -53.49
CA LEU A 106 -12.07 -23.76 -54.31
C LEU A 106 -12.95 -23.29 -55.48
N LYS A 107 -13.69 -24.22 -56.08
CA LYS A 107 -14.59 -23.85 -57.17
C LYS A 107 -15.68 -22.94 -56.64
N LYS A 108 -16.25 -23.29 -55.48
CA LYS A 108 -17.42 -22.60 -55.00
C LYS A 108 -17.13 -21.18 -54.52
N VAL A 109 -16.00 -20.96 -53.87
CA VAL A 109 -15.74 -19.64 -53.30
C VAL A 109 -15.35 -18.64 -54.40
N PRO A 110 -15.83 -17.40 -54.28
CA PRO A 110 -15.63 -16.44 -55.35
C PRO A 110 -14.28 -15.73 -55.31
N VAL A 111 -13.20 -16.50 -55.13
CA VAL A 111 -11.86 -15.97 -55.28
C VAL A 111 -11.02 -16.98 -56.03
N LYS A 112 -9.84 -16.55 -56.46
CA LYS A 112 -8.86 -17.45 -57.02
C LYS A 112 -8.11 -18.13 -55.89
N PRO A 113 -7.50 -19.28 -56.17
CA PRO A 113 -6.72 -19.97 -55.16
C PRO A 113 -5.70 -19.05 -54.47
N SER A 114 -5.08 -18.15 -55.22
CA SER A 114 -4.07 -17.26 -54.64
C SER A 114 -4.61 -16.37 -53.51
N GLN A 115 -5.93 -16.21 -53.46
CA GLN A 115 -6.57 -15.44 -52.39
C GLN A 115 -7.18 -16.30 -51.28
N PHE A 116 -6.96 -17.61 -51.33
CA PHE A 116 -7.64 -18.53 -50.44
C PHE A 116 -6.68 -19.01 -49.36
N TYR A 117 -7.10 -18.90 -48.10
CA TYR A 117 -6.28 -19.36 -46.97
C TYR A 117 -6.98 -20.49 -46.22
N ASP A 118 -6.36 -21.66 -46.23
CA ASP A 118 -6.81 -22.78 -45.45
C ASP A 118 -6.30 -22.59 -44.05
N VAL A 119 -7.21 -22.38 -43.11
CA VAL A 119 -6.86 -22.29 -41.71
C VAL A 119 -7.20 -23.61 -41.05
N ASP A 120 -6.14 -24.39 -40.84
CA ASP A 120 -6.21 -25.75 -40.34
C ASP A 120 -6.05 -25.76 -38.83
N LEU A 121 -7.15 -25.99 -38.11
CA LEU A 121 -7.16 -25.84 -36.66
C LEU A 121 -6.80 -27.14 -35.92
N ARG A 122 -6.33 -28.13 -36.64
CA ARG A 122 -6.25 -29.47 -36.06
C ARG A 122 -4.91 -29.74 -35.41
N GLY A 123 -4.93 -30.00 -34.11
CA GLY A 123 -3.73 -30.38 -33.37
C GLY A 123 -3.38 -31.85 -33.54
N GLU A 124 -4.39 -32.67 -33.78
CA GLU A 124 -4.18 -34.08 -34.12
C GLU A 124 -3.36 -34.25 -35.42
N SER A 125 -2.49 -35.26 -35.48
CA SER A 125 -1.71 -35.50 -36.69
C SER A 125 -2.57 -36.04 -37.82
N HIS A 126 -2.42 -35.42 -38.99
CA HIS A 126 -3.22 -35.78 -40.14
C HIS A 126 -2.47 -35.52 -41.43
N GLY A 127 -3.01 -36.05 -42.51
CA GLY A 127 -2.42 -35.84 -43.82
C GLY A 127 -3.25 -36.49 -44.91
N TYR A 128 -2.61 -36.73 -46.05
CA TYR A 128 -3.30 -37.24 -47.24
C TYR A 128 -2.55 -38.41 -47.86
N LEU A 129 -3.32 -39.43 -48.23
CA LEU A 129 -2.85 -40.53 -49.08
C LEU A 129 -3.59 -40.45 -50.40
N ASN A 130 -2.88 -40.05 -51.44
CA ASN A 130 -3.52 -39.51 -52.64
C ASN A 130 -4.50 -38.40 -52.20
N GLY A 131 -5.78 -38.52 -52.54
CA GLY A 131 -6.74 -37.51 -52.13
C GLY A 131 -7.49 -37.82 -50.83
N THR A 132 -7.27 -39.01 -50.27
CA THR A 132 -7.97 -39.43 -49.07
C THR A 132 -7.35 -38.81 -47.82
N ALA A 133 -8.19 -38.24 -46.96
CA ALA A 133 -7.69 -37.63 -45.73
C ALA A 133 -7.65 -38.67 -44.64
N VAL A 134 -6.50 -38.75 -43.97
CA VAL A 134 -6.31 -39.68 -42.86
C VAL A 134 -5.73 -38.95 -41.66
N SER A 135 -5.88 -39.54 -40.48
CA SER A 135 -5.33 -38.95 -39.28
C SER A 135 -5.04 -40.01 -38.25
N TRP A 136 -4.21 -39.68 -37.27
CA TRP A 136 -3.89 -40.57 -36.19
C TRP A 136 -4.80 -40.29 -35.01
N PHE A 137 -5.66 -41.27 -34.74
CA PHE A 137 -6.71 -41.10 -33.73
C PHE A 137 -6.43 -41.87 -32.43
N ALA A 138 -6.50 -41.15 -31.32
CA ALA A 138 -6.57 -41.76 -29.99
C ALA A 138 -7.92 -41.40 -29.36
N ASN A 139 -8.25 -42.03 -28.25
CA ASN A 139 -9.52 -41.74 -27.57
C ASN A 139 -9.74 -40.25 -27.38
N HIS A 140 -10.98 -39.81 -27.57
CA HIS A 140 -11.35 -38.38 -27.51
C HIS A 140 -10.62 -37.54 -28.53
N ASP A 141 -10.03 -38.16 -29.55
CA ASP A 141 -9.24 -37.46 -30.58
C ASP A 141 -8.10 -36.62 -29.98
N TRP A 142 -7.43 -37.19 -28.98
CA TRP A 142 -6.34 -36.50 -28.30
C TRP A 142 -4.99 -37.16 -28.60
N GLY A 143 -4.79 -37.51 -29.86
CA GLY A 143 -3.57 -38.21 -30.28
C GLY A 143 -2.30 -37.46 -29.93
N ASN A 144 -2.39 -36.13 -29.87
CA ASN A 144 -1.24 -35.29 -29.54
C ASN A 144 -1.46 -34.53 -28.24
N ASP A 145 -2.19 -35.20 -27.33
CA ASP A 145 -2.52 -34.64 -26.03
C ASP A 145 -1.32 -33.99 -25.34
N GLY A 146 -1.42 -32.70 -25.06
CA GLY A 146 -0.42 -31.99 -24.28
C GLY A 146 0.76 -31.44 -25.05
N ARG A 147 0.89 -31.83 -26.31
CA ARG A 147 2.04 -31.43 -27.11
C ARG A 147 1.95 -30.00 -27.64
N THR A 148 3.11 -29.37 -27.70
CA THR A 148 3.26 -28.06 -28.33
C THR A 148 3.43 -28.19 -29.86
N GLU A 149 3.18 -27.10 -30.56
CA GLU A 149 3.33 -27.02 -31.99
C GLU A 149 4.69 -27.53 -32.48
N ASP A 150 5.78 -27.22 -31.77
CA ASP A 150 7.10 -27.58 -32.28
C ASP A 150 7.45 -29.05 -32.09
N ILE A 151 6.65 -29.76 -31.33
CA ILE A 151 6.74 -31.21 -31.33
C ILE A 151 5.78 -31.79 -32.37
N ILE A 152 4.57 -31.23 -32.44
CA ILE A 152 3.50 -31.79 -33.29
C ILE A 152 3.83 -31.74 -34.79
N ILE A 153 4.31 -30.60 -35.28
CA ILE A 153 4.57 -30.45 -36.72
C ILE A 153 5.59 -31.46 -37.24
N PRO A 154 6.79 -31.53 -36.62
CA PRO A 154 7.77 -32.53 -37.09
C PRO A 154 7.35 -33.98 -36.80
N LEU A 155 6.59 -34.22 -35.74
CA LEU A 155 6.09 -35.55 -35.44
C LEU A 155 5.14 -36.03 -36.55
N GLU A 156 4.20 -35.16 -36.92
CA GLU A 156 3.26 -35.41 -38.03
C GLU A 156 3.98 -35.72 -39.36
N LYS A 157 5.02 -34.95 -39.70
CA LYS A 157 5.79 -35.22 -40.91
C LYS A 157 6.41 -36.62 -40.87
N GLU A 158 6.96 -36.97 -39.70
CA GLU A 158 7.57 -38.29 -39.49
C GLU A 158 6.55 -39.42 -39.60
N GLN A 159 5.40 -39.24 -38.97
CA GLN A 159 4.32 -40.24 -39.04
C GLN A 159 3.95 -40.52 -40.48
N LEU A 160 3.74 -39.45 -41.24
CA LEU A 160 3.41 -39.52 -42.66
C LEU A 160 4.58 -40.11 -43.46
N ALA A 161 5.80 -39.71 -43.11
CA ALA A 161 6.98 -40.19 -43.79
C ALA A 161 7.05 -41.71 -43.69
N SER A 162 6.61 -42.27 -42.58
CA SER A 162 6.65 -43.71 -42.38
C SER A 162 5.74 -44.51 -43.33
N LEU A 163 4.86 -43.82 -44.06
CA LEU A 163 3.94 -44.48 -45.00
C LEU A 163 4.47 -44.49 -46.45
N LYS A 164 5.49 -43.68 -46.71
CA LYS A 164 6.13 -43.64 -48.02
C LYS A 164 6.90 -44.94 -48.17
N GLY A 165 7.13 -45.38 -49.38
CA GLY A 165 7.74 -46.71 -49.54
C GLY A 165 6.76 -47.87 -49.43
N SER A 166 5.49 -47.58 -49.11
CA SER A 166 4.41 -48.53 -49.34
C SER A 166 3.44 -47.85 -50.30
N THR A 167 2.63 -48.65 -50.99
CA THR A 167 1.64 -48.12 -51.91
C THR A 167 0.24 -48.63 -51.57
N VAL A 168 0.15 -49.41 -50.51
CA VAL A 168 -1.12 -49.92 -50.05
C VAL A 168 -1.03 -50.17 -48.54
N LYS A 169 -2.12 -49.91 -47.83
CA LYS A 169 -2.13 -50.01 -46.38
C LYS A 169 -3.55 -50.23 -45.88
N SER A 170 -3.68 -51.11 -44.90
CA SER A 170 -4.94 -51.33 -44.22
C SER A 170 -5.16 -50.14 -43.30
N ILE A 171 -6.25 -49.39 -43.52
CA ILE A 171 -6.53 -48.18 -42.73
C ILE A 171 -7.91 -48.26 -42.12
N TYR A 172 -7.98 -48.00 -40.82
CA TYR A 172 -9.25 -48.10 -40.11
C TYR A 172 -10.26 -47.11 -40.69
N ARG A 173 -11.53 -47.50 -40.66
CA ARG A 173 -12.61 -46.59 -40.96
C ARG A 173 -13.08 -45.95 -39.65
N PHE A 174 -14.07 -45.07 -39.74
CA PHE A 174 -14.41 -44.23 -38.61
C PHE A 174 -15.86 -43.83 -38.65
N ASP A 175 -16.50 -43.87 -37.49
CA ASP A 175 -17.87 -43.42 -37.34
C ASP A 175 -17.91 -42.04 -36.72
N ASP A 176 -18.41 -41.06 -37.47
CA ASP A 176 -18.43 -39.68 -37.00
C ASP A 176 -19.50 -39.43 -35.95
N LYS A 177 -20.49 -40.31 -35.86
CA LYS A 177 -21.56 -40.13 -34.90
C LYS A 177 -21.08 -40.44 -33.50
N LYS A 178 -20.36 -41.54 -33.34
CA LYS A 178 -19.88 -41.96 -32.03
C LYS A 178 -18.40 -41.68 -31.83
N ASN A 179 -17.74 -41.20 -32.87
CA ASN A 179 -16.28 -41.00 -32.85
C ASN A 179 -15.56 -42.25 -32.35
N VAL A 180 -15.78 -43.36 -33.06
CA VAL A 180 -15.09 -44.62 -32.77
C VAL A 180 -14.54 -45.29 -34.05
N ILE A 181 -13.46 -46.03 -33.84
CA ILE A 181 -12.75 -46.75 -34.89
C ILE A 181 -13.56 -47.92 -35.45
N LEU A 182 -13.66 -47.99 -36.77
CA LEU A 182 -14.37 -49.08 -37.43
C LEU A 182 -13.41 -49.96 -38.23
N SER A 183 -13.85 -51.17 -38.58
CA SER A 183 -12.99 -52.14 -39.27
C SER A 183 -12.39 -51.56 -40.56
N PRO A 184 -11.13 -51.93 -40.84
CA PRO A 184 -10.33 -51.26 -41.85
C PRO A 184 -10.63 -51.65 -43.28
N VAL A 185 -10.24 -50.79 -44.22
CA VAL A 185 -10.17 -51.15 -45.62
C VAL A 185 -8.77 -50.86 -46.11
N TYR A 186 -8.44 -51.42 -47.26
CA TYR A 186 -7.16 -51.17 -47.89
C TYR A 186 -7.24 -49.91 -48.76
N VAL A 187 -6.26 -49.05 -48.59
CA VAL A 187 -6.17 -47.81 -49.33
C VAL A 187 -4.94 -47.86 -50.23
N ASN A 188 -5.13 -47.60 -51.51
CA ASN A 188 -4.02 -47.59 -52.46
C ASN A 188 -3.61 -46.17 -52.70
N TYR A 189 -2.31 -45.93 -52.80
CA TYR A 189 -1.80 -44.59 -52.93
C TYR A 189 -0.38 -44.63 -53.50
N ASN A 190 0.01 -43.56 -54.14
CA ASN A 190 1.41 -43.39 -54.53
C ASN A 190 1.89 -41.99 -54.16
N LYS A 191 1.15 -41.34 -53.27
CA LYS A 191 1.47 -40.02 -52.76
C LYS A 191 1.14 -39.90 -51.28
N VAL A 192 2.05 -39.32 -50.51
CA VAL A 192 1.79 -39.02 -49.11
C VAL A 192 2.11 -37.54 -48.89
N ARG A 193 1.16 -36.78 -48.35
CA ARG A 193 1.32 -35.34 -48.21
C ARG A 193 0.77 -34.85 -46.88
N THR A 194 1.40 -33.82 -46.33
CA THR A 194 0.80 -33.01 -45.28
C THR A 194 -0.30 -32.19 -45.91
N GLU A 195 -1.17 -31.61 -45.11
CA GLU A 195 -2.25 -30.78 -45.66
C GLU A 195 -1.67 -29.58 -46.38
N GLU A 196 -0.59 -29.05 -45.83
CA GLU A 196 0.06 -27.88 -46.40
C GLU A 196 0.50 -28.17 -47.82
N GLU A 197 1.16 -29.30 -48.00
CA GLU A 197 1.64 -29.68 -49.32
C GLU A 197 0.48 -29.80 -50.29
N MET A 198 -0.60 -30.44 -49.87
CA MET A 198 -1.73 -30.68 -50.75
C MET A 198 -2.37 -29.35 -51.10
N VAL A 199 -2.51 -28.47 -50.12
CA VAL A 199 -3.18 -27.19 -50.35
C VAL A 199 -2.34 -26.29 -51.25
N LYS A 200 -1.04 -26.26 -51.02
CA LYS A 200 -0.18 -25.43 -51.84
C LYS A 200 -0.06 -25.95 -53.28
N GLN A 201 -0.19 -27.25 -53.48
CA GLN A 201 -0.18 -27.81 -54.83
C GLN A 201 -1.41 -27.39 -55.60
N HIS A 202 -2.43 -26.96 -54.89
CA HIS A 202 -3.62 -26.41 -55.53
C HIS A 202 -3.52 -24.91 -55.70
N GLY A 203 -2.37 -24.35 -55.34
CA GLY A 203 -2.11 -22.92 -55.52
C GLY A 203 -2.69 -22.06 -54.42
N ALA A 204 -3.13 -22.69 -53.33
CA ALA A 204 -3.75 -21.96 -52.24
C ALA A 204 -2.77 -21.71 -51.11
N ASN A 205 -3.21 -20.95 -50.11
CA ASN A 205 -2.40 -20.66 -48.94
C ASN A 205 -2.81 -21.47 -47.72
N TYR A 206 -1.91 -21.57 -46.75
CA TYR A 206 -2.07 -22.47 -45.62
C TYR A 206 -1.63 -21.82 -44.32
N PHE A 207 -2.40 -22.04 -43.26
CA PHE A 207 -2.03 -21.60 -41.92
C PHE A 207 -2.49 -22.64 -40.90
N ARG A 208 -1.60 -23.00 -39.99
CA ARG A 208 -1.87 -24.05 -39.03
C ARG A 208 -1.87 -23.52 -37.60
N LEU A 209 -2.89 -23.92 -36.85
CA LEU A 209 -2.88 -23.84 -35.40
C LEU A 209 -3.11 -25.22 -34.89
N THR A 210 -2.26 -25.68 -33.97
CA THR A 210 -2.37 -27.05 -33.48
C THR A 210 -3.29 -27.16 -32.25
N LEU A 211 -4.59 -27.04 -32.47
CA LEU A 211 -5.57 -26.99 -31.38
C LEU A 211 -6.10 -28.37 -31.01
N GLN A 212 -6.14 -28.65 -29.71
CA GLN A 212 -6.67 -29.91 -29.22
C GLN A 212 -8.17 -29.94 -29.43
N ASP A 213 -8.67 -31.08 -29.91
CA ASP A 213 -10.09 -31.28 -30.06
C ASP A 213 -10.76 -31.10 -28.71
N HIS A 214 -11.94 -30.49 -28.74
CA HIS A 214 -12.81 -30.34 -27.56
C HIS A 214 -12.61 -29.07 -26.71
N PHE A 215 -11.57 -28.29 -26.97
CA PHE A 215 -11.21 -27.17 -26.11
C PHE A 215 -11.04 -25.90 -26.91
N ARG A 216 -11.09 -24.77 -26.21
CA ARG A 216 -10.79 -23.47 -26.79
C ARG A 216 -9.32 -23.40 -27.13
N PRO A 217 -8.95 -22.50 -28.04
CA PRO A 217 -7.53 -22.20 -28.21
C PRO A 217 -6.95 -21.53 -26.95
N ASP A 218 -5.71 -21.88 -26.60
CA ASP A 218 -5.01 -21.17 -25.52
C ASP A 218 -4.58 -19.80 -26.02
N ASP A 219 -4.36 -18.89 -25.09
CA ASP A 219 -4.02 -17.50 -25.41
C ASP A 219 -2.89 -17.32 -26.46
N PRO A 220 -1.77 -18.06 -26.31
CA PRO A 220 -0.69 -17.85 -27.29
C PRO A 220 -1.09 -18.19 -28.72
N ASP A 221 -2.01 -19.15 -28.88
CA ASP A 221 -2.55 -19.50 -30.20
C ASP A 221 -3.53 -18.46 -30.75
N VAL A 222 -4.28 -17.84 -29.85
CA VAL A 222 -5.04 -16.67 -30.22
C VAL A 222 -4.06 -15.59 -30.71
N ASP A 223 -2.98 -15.34 -29.97
CA ASP A 223 -2.01 -14.31 -30.38
C ASP A 223 -1.45 -14.61 -31.78
N LYS A 224 -1.14 -15.88 -32.00
CA LYS A 224 -0.57 -16.32 -33.25
C LYS A 224 -1.55 -16.10 -34.39
N PHE A 225 -2.83 -16.45 -34.17
CA PHE A 225 -3.86 -16.20 -35.18
C PHE A 225 -3.99 -14.71 -35.52
N LEU A 226 -4.03 -13.87 -34.50
CA LEU A 226 -4.19 -12.41 -34.67
C LEU A 226 -3.05 -11.78 -35.46
N GLU A 227 -1.82 -12.21 -35.19
CA GLU A 227 -0.68 -11.72 -35.95
C GLU A 227 -0.75 -12.19 -37.42
N PHE A 228 -1.23 -13.41 -37.66
CA PHE A 228 -1.54 -13.85 -39.03
C PHE A 228 -2.65 -13.01 -39.65
N TYR A 229 -3.71 -12.79 -38.87
CA TYR A 229 -4.86 -12.07 -39.37
C TYR A 229 -4.48 -10.66 -39.81
N LYS A 230 -3.70 -9.98 -38.99
CA LYS A 230 -3.32 -8.61 -39.25
C LYS A 230 -2.40 -8.46 -40.46
N SER A 231 -1.77 -9.56 -40.88
CA SER A 231 -0.87 -9.49 -42.01
C SER A 231 -1.56 -9.89 -43.31
N LEU A 232 -2.86 -10.17 -43.27
CA LEU A 232 -3.56 -10.64 -44.47
C LEU A 232 -3.79 -9.53 -45.46
N PRO A 233 -3.71 -9.87 -46.75
CA PRO A 233 -4.16 -8.92 -47.72
C PRO A 233 -5.66 -8.72 -47.60
N LYS A 234 -6.10 -7.54 -47.92
CA LYS A 234 -7.48 -7.24 -47.81
C LYS A 234 -8.38 -8.16 -48.62
N ASP A 235 -7.90 -8.77 -49.69
CA ASP A 235 -8.85 -9.53 -50.47
C ASP A 235 -8.82 -11.01 -50.08
N ALA A 236 -8.31 -11.28 -48.90
CA ALA A 236 -8.08 -12.65 -48.50
C ALA A 236 -9.38 -13.38 -48.17
N TRP A 237 -9.48 -14.63 -48.60
CA TRP A 237 -10.61 -15.45 -48.24
C TRP A 237 -10.13 -16.49 -47.25
N LEU A 238 -10.78 -16.56 -46.10
CA LEU A 238 -10.43 -17.49 -45.03
C LEU A 238 -11.41 -18.66 -44.93
N HIS A 239 -10.87 -19.86 -44.96
CA HIS A 239 -11.66 -21.06 -44.76
C HIS A 239 -11.16 -21.78 -43.53
N TYR A 240 -11.97 -21.80 -42.47
CA TYR A 240 -11.61 -22.45 -41.22
C TYR A 240 -12.09 -23.89 -41.21
N HIS A 241 -11.27 -24.78 -40.71
CA HIS A 241 -11.71 -26.15 -40.51
C HIS A 241 -11.00 -26.86 -39.36
N SER A 242 -11.70 -27.84 -38.80
CA SER A 242 -11.16 -28.68 -37.76
C SER A 242 -11.39 -30.13 -38.21
N TYR A 243 -11.78 -31.03 -37.32
CA TYR A 243 -12.19 -32.36 -37.80
C TYR A 243 -13.66 -32.36 -38.26
N ALA A 244 -14.56 -31.94 -37.39
CA ALA A 244 -15.99 -32.07 -37.68
C ALA A 244 -16.61 -30.76 -38.18
N GLY A 245 -15.86 -29.68 -38.10
CA GLY A 245 -16.38 -28.38 -38.47
C GLY A 245 -17.42 -27.92 -37.47
N MET A 246 -17.32 -28.45 -36.26
CA MET A 246 -18.25 -28.13 -35.19
C MET A 246 -17.63 -27.18 -34.16
N GLY A 247 -16.99 -27.71 -33.12
CA GLY A 247 -16.46 -26.89 -32.02
C GLY A 247 -15.37 -25.87 -32.36
N ARG A 248 -14.20 -26.36 -32.70
CA ARG A 248 -13.06 -25.48 -32.94
C ARG A 248 -13.39 -24.58 -34.12
N THR A 249 -14.07 -25.13 -35.12
CA THR A 249 -14.41 -24.36 -36.32
C THR A 249 -15.37 -23.22 -35.98
N THR A 250 -16.36 -23.49 -35.14
CA THR A 250 -17.35 -22.47 -34.79
C THR A 250 -16.77 -21.39 -33.88
N ILE A 251 -15.88 -21.78 -32.98
CA ILE A 251 -15.16 -20.80 -32.21
C ILE A 251 -14.50 -19.80 -33.13
N PHE A 252 -13.84 -20.28 -34.18
CA PHE A 252 -13.11 -19.36 -35.04
C PHE A 252 -13.95 -18.60 -36.04
N MET A 253 -15.10 -19.15 -36.41
CA MET A 253 -16.07 -18.43 -37.23
C MET A 253 -16.67 -17.29 -36.42
N VAL A 254 -16.91 -17.54 -35.14
CA VAL A 254 -17.35 -16.53 -34.18
C VAL A 254 -16.28 -15.45 -33.97
N MET A 255 -15.03 -15.85 -33.79
CA MET A 255 -13.92 -14.89 -33.70
C MET A 255 -13.83 -13.99 -34.95
N HIS A 256 -13.93 -14.61 -36.12
CA HIS A 256 -13.88 -13.88 -37.38
C HIS A 256 -14.99 -12.83 -37.44
N ASP A 257 -16.22 -13.26 -37.16
CA ASP A 257 -17.39 -12.39 -37.18
C ASP A 257 -17.13 -11.21 -36.23
N ILE A 258 -16.60 -11.51 -35.05
CA ILE A 258 -16.31 -10.49 -34.05
C ILE A 258 -15.26 -9.47 -34.55
N LEU A 259 -14.20 -9.97 -35.17
CA LEU A 259 -13.16 -9.11 -35.73
C LEU A 259 -13.70 -8.16 -36.82
N LYS A 260 -14.70 -8.61 -37.55
CA LYS A 260 -15.31 -7.79 -38.59
C LYS A 260 -16.44 -6.90 -38.08
N ASN A 261 -17.14 -7.32 -37.04
CA ASN A 261 -18.43 -6.73 -36.75
C ASN A 261 -18.71 -6.39 -35.29
N ALA A 262 -17.76 -6.62 -34.39
CA ALA A 262 -18.05 -6.43 -32.99
C ALA A 262 -18.60 -5.02 -32.73
N LYS A 263 -18.15 -4.04 -33.52
CA LYS A 263 -18.51 -2.64 -33.31
C LYS A 263 -20.00 -2.38 -33.52
N ASP A 264 -20.60 -3.14 -34.42
CA ASP A 264 -21.95 -2.86 -34.86
C ASP A 264 -22.94 -3.92 -34.44
N VAL A 265 -22.44 -5.08 -34.01
CA VAL A 265 -23.30 -6.23 -33.72
C VAL A 265 -23.04 -6.78 -32.32
N SER A 266 -24.10 -7.16 -31.63
CA SER A 266 -23.97 -7.64 -30.27
C SER A 266 -23.37 -9.04 -30.22
N PHE A 267 -22.78 -9.37 -29.08
CA PHE A 267 -22.22 -10.68 -28.85
C PHE A 267 -23.26 -11.78 -29.07
N ASP A 268 -24.43 -11.60 -28.47
CA ASP A 268 -25.48 -12.61 -28.57
C ASP A 268 -25.90 -12.88 -30.01
N ASP A 269 -25.95 -11.84 -30.82
CA ASP A 269 -26.40 -11.97 -32.19
C ASP A 269 -25.36 -12.77 -32.98
N ILE A 270 -24.10 -12.49 -32.73
CA ILE A 270 -23.05 -13.23 -33.41
C ILE A 270 -23.14 -14.73 -33.09
N ILE A 271 -23.22 -15.06 -31.81
CA ILE A 271 -23.34 -16.46 -31.38
C ILE A 271 -24.52 -17.15 -32.07
N GLN A 272 -25.68 -16.49 -32.04
CA GLN A 272 -26.88 -17.03 -32.67
C GLN A 272 -26.71 -17.17 -34.17
N ARG A 273 -26.20 -16.14 -34.85
CA ARG A 273 -26.16 -16.25 -36.31
C ARG A 273 -25.15 -17.31 -36.79
N GLN A 274 -24.06 -17.50 -36.06
CA GLN A 274 -23.11 -18.55 -36.41
C GLN A 274 -23.70 -19.94 -36.18
N LYS A 275 -24.71 -20.06 -35.31
CA LYS A 275 -25.45 -21.30 -35.20
C LYS A 275 -26.41 -21.44 -36.38
N LEU A 276 -27.09 -20.36 -36.72
CA LEU A 276 -28.09 -20.42 -37.79
C LEU A 276 -27.53 -20.82 -39.16
N ILE A 277 -26.30 -20.42 -39.47
CA ILE A 277 -25.67 -20.80 -40.74
C ILE A 277 -24.77 -22.03 -40.58
N GLY A 278 -24.63 -22.49 -39.34
CA GLY A 278 -23.76 -23.61 -39.06
C GLY A 278 -24.45 -24.74 -38.31
N ILE A 279 -23.79 -25.23 -37.27
CA ILE A 279 -24.20 -26.45 -36.61
C ILE A 279 -24.11 -26.32 -35.07
N VAL A 280 -23.32 -25.36 -34.59
CA VAL A 280 -23.12 -25.20 -33.15
C VAL A 280 -23.46 -23.82 -32.60
N ASP A 281 -24.16 -23.86 -31.46
CA ASP A 281 -24.42 -22.69 -30.62
C ASP A 281 -23.50 -22.74 -29.39
N LEU A 282 -22.46 -21.92 -29.40
CA LEU A 282 -21.47 -21.94 -28.34
C LEU A 282 -22.02 -21.59 -26.96
N SER A 283 -23.21 -20.98 -26.91
CA SER A 283 -23.82 -20.64 -25.62
C SER A 283 -24.65 -21.79 -25.04
N GLU A 284 -24.80 -22.86 -25.80
CA GLU A 284 -25.60 -23.98 -25.35
C GLU A 284 -24.75 -24.94 -24.51
N ILE A 285 -25.13 -25.07 -23.26
CA ILE A 285 -24.58 -26.09 -22.38
C ILE A 285 -25.67 -27.14 -22.15
N PRO A 286 -25.67 -28.19 -22.97
CA PRO A 286 -26.75 -29.17 -22.94
C PRO A 286 -26.72 -30.11 -21.73
N ASP A 287 -27.88 -30.69 -21.42
CA ASP A 287 -28.02 -31.55 -20.26
C ASP A 287 -27.10 -32.77 -20.31
N LYS A 288 -26.83 -33.27 -21.51
CA LYS A 288 -26.03 -34.48 -21.66
C LYS A 288 -24.55 -34.23 -21.36
N LYS A 289 -24.10 -32.98 -21.40
CA LYS A 289 -22.72 -32.67 -21.01
C LYS A 289 -22.62 -32.56 -19.50
N LYS A 290 -21.72 -33.34 -18.90
CA LYS A 290 -21.56 -33.40 -17.45
C LYS A 290 -20.08 -33.37 -17.06
N ASN A 291 -19.83 -33.04 -15.81
CA ASN A 291 -18.48 -32.96 -15.26
C ASN A 291 -17.48 -32.34 -16.24
N TYR A 292 -16.48 -33.10 -16.69
CA TYR A 292 -15.39 -32.56 -17.52
C TYR A 292 -15.84 -31.93 -18.84
N GLY A 293 -16.73 -32.62 -19.53
CA GLY A 293 -17.21 -32.14 -20.83
C GLY A 293 -17.96 -30.83 -20.65
N ARG A 294 -18.74 -30.78 -19.58
CA ARG A 294 -19.49 -29.59 -19.27
C ARG A 294 -18.55 -28.41 -19.02
N LYS A 295 -17.44 -28.64 -18.33
CA LYS A 295 -16.46 -27.58 -18.07
C LYS A 295 -15.88 -27.04 -19.36
N ALA A 296 -15.60 -27.92 -20.30
CA ALA A 296 -15.04 -27.51 -21.57
C ALA A 296 -16.02 -26.68 -22.40
N TYR A 297 -17.31 -27.02 -22.37
CA TYR A 297 -18.31 -26.22 -23.10
C TYR A 297 -18.40 -24.82 -22.47
N ILE A 298 -18.36 -24.81 -21.14
CA ILE A 298 -18.37 -23.56 -20.41
C ILE A 298 -17.13 -22.74 -20.73
N GLU A 299 -15.96 -23.36 -20.63
CA GLU A 299 -14.69 -22.70 -20.91
C GLU A 299 -14.68 -22.03 -22.28
N ARG A 300 -15.10 -22.74 -23.32
CA ARG A 300 -15.03 -22.15 -24.64
C ARG A 300 -16.09 -21.07 -24.88
N TYR A 301 -17.23 -21.15 -24.19
CA TYR A 301 -18.22 -20.07 -24.29
C TYR A 301 -17.67 -18.80 -23.68
N GLN A 302 -17.08 -18.94 -22.50
CA GLN A 302 -16.50 -17.81 -21.82
C GLN A 302 -15.37 -17.23 -22.64
N PHE A 303 -14.64 -18.07 -23.36
CA PHE A 303 -13.55 -17.55 -24.16
C PHE A 303 -14.05 -16.59 -25.22
N VAL A 304 -15.13 -16.94 -25.92
CA VAL A 304 -15.60 -16.06 -26.99
C VAL A 304 -16.18 -14.77 -26.42
N GLN A 305 -16.70 -14.81 -25.20
CA GLN A 305 -17.13 -13.59 -24.51
C GLN A 305 -15.91 -12.69 -24.28
N HIS A 306 -14.82 -13.27 -23.83
CA HIS A 306 -13.64 -12.46 -23.54
C HIS A 306 -13.01 -11.91 -24.81
N PHE A 307 -12.97 -12.72 -25.86
CA PHE A 307 -12.48 -12.25 -27.15
C PHE A 307 -13.34 -11.10 -27.69
N TYR A 308 -14.67 -11.22 -27.55
CA TYR A 308 -15.56 -10.12 -27.95
C TYR A 308 -15.20 -8.81 -27.25
N ASP A 309 -15.09 -8.89 -25.92
CA ASP A 309 -14.68 -7.75 -25.10
C ASP A 309 -13.33 -7.18 -25.54
N TYR A 310 -12.38 -8.06 -25.85
CA TYR A 310 -11.05 -7.64 -26.27
C TYR A 310 -11.10 -6.83 -27.56
N VAL A 311 -11.84 -7.34 -28.54
CA VAL A 311 -11.97 -6.63 -29.80
C VAL A 311 -12.73 -5.31 -29.58
N LYS A 312 -13.77 -5.34 -28.75
CA LYS A 312 -14.50 -4.12 -28.44
C LYS A 312 -13.61 -3.04 -27.84
N GLU A 313 -12.80 -3.42 -26.86
CA GLU A 313 -11.91 -2.46 -26.20
C GLU A 313 -10.67 -2.12 -27.00
N ASN A 314 -10.28 -3.00 -27.92
CA ASN A 314 -9.04 -2.80 -28.67
C ASN A 314 -9.25 -2.92 -30.19
N PRO A 315 -10.03 -1.99 -30.78
CA PRO A 315 -10.38 -2.09 -32.20
C PRO A 315 -9.17 -1.94 -33.12
N ASP A 316 -8.05 -1.48 -32.58
CA ASP A 316 -6.80 -1.42 -33.34
C ASP A 316 -5.97 -2.72 -33.21
N LEU A 317 -6.37 -3.61 -32.31
CA LEU A 317 -5.66 -4.88 -32.10
C LEU A 317 -4.20 -4.67 -31.73
N LYS A 318 -3.91 -3.53 -31.10
CA LYS A 318 -2.53 -3.17 -30.77
C LYS A 318 -1.97 -3.99 -29.62
N THR A 319 -2.64 -3.95 -28.47
CA THR A 319 -2.26 -4.78 -27.34
C THR A 319 -2.60 -6.23 -27.67
N PRO A 320 -1.62 -7.13 -27.52
CA PRO A 320 -1.90 -8.54 -27.80
C PRO A 320 -3.00 -9.07 -26.90
N TYR A 321 -3.75 -10.07 -27.39
CA TYR A 321 -4.86 -10.63 -26.64
C TYR A 321 -4.39 -11.20 -25.31
N SER A 322 -3.28 -11.93 -25.34
CA SER A 322 -2.72 -12.54 -24.12
C SER A 322 -2.41 -11.48 -23.07
N VAL A 323 -1.93 -10.31 -23.52
CA VAL A 323 -1.57 -9.23 -22.60
C VAL A 323 -2.84 -8.61 -22.02
N TRP A 324 -3.79 -8.29 -22.88
CA TRP A 324 -5.07 -7.79 -22.41
C TRP A 324 -5.72 -8.79 -21.45
N ALA A 325 -5.72 -10.06 -21.81
CA ALA A 325 -6.42 -11.07 -21.03
C ALA A 325 -5.81 -11.22 -19.63
N LYS A 326 -4.48 -11.17 -19.57
CA LYS A 326 -3.76 -11.23 -18.31
C LYS A 326 -4.13 -10.04 -17.40
N LYS A 327 -4.06 -8.84 -17.94
CA LYS A 327 -4.44 -7.65 -17.19
C LYS A 327 -5.87 -7.75 -16.65
N ASN A 328 -6.77 -8.42 -17.37
CA ASN A 328 -8.17 -8.50 -16.97
C ASN A 328 -8.52 -9.80 -16.28
N LYS A 329 -7.50 -10.60 -16.00
CA LYS A 329 -7.64 -11.82 -15.20
C LYS A 329 -8.54 -12.86 -15.84
N VAL A 330 -8.61 -12.84 -17.17
CA VAL A 330 -9.39 -13.83 -17.91
C VAL A 330 -8.48 -14.62 -18.86
N ASN A 331 -7.18 -14.59 -18.57
CA ASN A 331 -6.20 -15.34 -19.34
C ASN A 331 -6.31 -16.86 -19.16
N SER A 332 -5.91 -17.61 -20.18
CA SER A 332 -5.69 -19.03 -20.00
C SER A 332 -4.38 -19.22 -19.24
N TRP A 333 -4.24 -20.37 -18.58
CA TRP A 333 -3.06 -20.64 -17.81
C TRP A 333 -1.92 -21.08 -18.72
N GLU A 334 -0.73 -20.58 -18.39
N GLU A 334 -0.74 -20.53 -18.47
CA GLU A 334 0.50 -20.94 -19.08
CA GLU A 334 0.45 -21.11 -19.05
C GLU A 334 1.60 -21.20 -18.05
C GLU A 334 1.56 -21.28 -18.03
N PRO A 335 2.50 -22.17 -18.31
CA PRO A 335 3.62 -22.33 -17.40
C PRO A 335 4.53 -21.11 -17.40
N ASP A 336 5.14 -20.81 -16.27
CA ASP A 336 6.15 -19.75 -16.20
C ASP A 336 7.52 -20.43 -16.05
N TYR A 337 8.38 -20.24 -17.05
CA TYR A 337 9.68 -20.89 -17.08
C TYR A 337 10.79 -20.00 -16.57
N ASN A 338 10.44 -18.80 -16.11
CA ASN A 338 11.44 -17.84 -15.64
C ASN A 338 12.15 -18.30 -14.37
N GLY A 339 13.42 -17.96 -14.27
CA GLY A 339 14.23 -18.32 -13.11
C GLY A 339 13.67 -17.72 -11.83
N TYR A 340 13.78 -18.46 -10.73
CA TYR A 340 13.32 -17.98 -9.44
C TYR A 340 14.28 -18.33 -8.29
N ILE A 341 15.42 -18.96 -8.61
CA ILE A 341 16.39 -19.31 -7.58
C ILE A 341 17.80 -19.44 -8.14
N TRP A 342 18.79 -19.13 -7.32
CA TRP A 342 20.17 -19.41 -7.68
C TRP A 342 20.49 -20.85 -7.28
N ARG A 343 20.70 -21.68 -8.29
CA ARG A 343 21.04 -23.06 -8.10
C ARG A 343 22.55 -23.19 -7.98
N LEU A 344 22.98 -24.00 -7.03
CA LEU A 344 24.38 -24.40 -6.94
C LEU A 344 24.65 -25.56 -7.90
N ASP A 345 25.26 -25.27 -9.04
CA ASP A 345 25.55 -26.29 -10.05
C ASP A 345 26.66 -27.20 -9.58
N THR A 346 27.72 -26.60 -9.07
CA THR A 346 28.84 -27.38 -8.56
C THR A 346 29.67 -26.53 -7.59
N LYS A 347 29.98 -27.16 -6.47
CA LYS A 347 30.72 -26.53 -5.40
C LYS A 347 32.18 -26.43 -5.77
N ASP A 348 32.83 -25.37 -5.31
CA ASP A 348 34.25 -25.16 -5.56
C ASP A 348 35.06 -26.25 -4.88
N ARG A 349 35.68 -27.10 -5.68
CA ARG A 349 36.40 -28.27 -5.19
C ARG A 349 37.61 -28.54 -6.07
N ASN A 350 38.68 -29.03 -5.46
CA ASN A 350 39.93 -29.33 -6.18
C ASN A 350 39.93 -30.75 -6.74
N GLN A 351 39.20 -30.95 -7.83
CA GLN A 351 39.10 -32.22 -8.49
C GLN A 351 38.46 -32.00 -9.86
N LEU A 352 38.55 -33.00 -10.74
CA LEU A 352 37.96 -32.87 -12.06
C LEU A 352 36.45 -32.72 -11.93
N PRO A 353 35.83 -31.96 -12.84
CA PRO A 353 34.39 -31.79 -12.79
C PRO A 353 33.68 -33.11 -13.03
N ARG A 354 32.41 -33.18 -12.65
CA ARG A 354 31.61 -34.38 -12.89
C ARG A 354 31.59 -34.73 -14.39
N ASN A 355 31.54 -36.02 -14.67
CA ASN A 355 31.40 -36.53 -16.05
C ASN A 355 32.48 -36.03 -17.01
N PHE A 356 33.70 -35.88 -16.49
CA PHE A 356 34.82 -35.39 -17.28
C PHE A 356 35.38 -36.52 -18.11
N ARG A 357 35.68 -36.25 -19.38
CA ARG A 357 36.34 -37.25 -20.21
C ARG A 357 37.05 -36.60 -21.38
N THR A 358 38.08 -37.26 -21.89
CA THR A 358 38.69 -36.88 -23.15
C THR A 358 38.56 -38.06 -24.07
N MET A 359 38.85 -37.87 -25.36
CA MET A 359 38.75 -38.94 -26.31
C MET A 359 39.88 -39.95 -26.15
N ASN A 360 40.79 -39.66 -25.22
CA ASN A 360 41.84 -40.63 -24.82
C ASN A 360 41.46 -41.41 -23.56
N SER A 361 40.31 -41.11 -22.97
CA SER A 361 39.90 -41.72 -21.71
C SER A 361 39.54 -43.19 -21.86
N ALA A 362 39.48 -43.90 -20.73
CA ALA A 362 39.04 -45.30 -20.73
C ALA A 362 37.52 -45.38 -20.82
N PHE A 363 37.03 -46.39 -21.54
CA PHE A 363 35.60 -46.68 -21.53
C PHE A 363 35.14 -46.97 -20.11
N ARG A 364 33.88 -46.67 -19.82
CA ARG A 364 33.29 -46.92 -18.51
C ARG A 364 33.05 -48.41 -18.28
N THR A 365 32.96 -48.80 -17.02
CA THR A 365 32.68 -50.19 -16.67
C THR A 365 31.28 -50.38 -16.10
N ASP A 366 30.50 -49.30 -16.06
CA ASP A 366 29.16 -49.35 -15.49
C ASP A 366 28.07 -49.25 -16.57
N VAL A 367 28.30 -49.93 -17.69
CA VAL A 367 27.36 -49.94 -18.81
C VAL A 367 25.96 -50.40 -18.39
N ASN A 368 24.95 -49.62 -18.75
CA ASN A 368 23.56 -50.00 -18.55
C ASN A 368 22.84 -50.02 -19.89
N VAL A 369 22.66 -51.20 -20.44
CA VAL A 369 22.11 -51.35 -21.79
C VAL A 369 20.72 -50.72 -21.88
N LYS A 370 20.01 -50.63 -20.76
CA LYS A 370 18.66 -50.09 -20.78
C LYS A 370 18.65 -48.57 -20.95
N LYS A 371 19.80 -47.95 -20.78
CA LYS A 371 19.94 -46.51 -20.99
C LYS A 371 20.68 -46.19 -22.29
N THR A 372 20.82 -47.21 -23.14
CA THR A 372 21.42 -47.02 -24.46
C THR A 372 20.28 -46.86 -25.48
N GLY A 373 20.35 -47.56 -26.59
CA GLY A 373 19.34 -47.42 -27.64
C GLY A 373 19.78 -48.04 -28.95
N LYS A 374 19.16 -47.61 -30.05
CA LYS A 374 19.43 -48.17 -31.37
C LYS A 374 20.90 -48.03 -31.76
N GLY A 375 21.50 -49.16 -32.14
CA GLY A 375 22.87 -49.17 -32.66
C GLY A 375 23.93 -49.40 -31.59
N PHE A 376 23.52 -49.55 -30.34
CA PHE A 376 24.50 -49.64 -29.27
C PHE A 376 25.34 -50.90 -29.34
N THR A 377 26.65 -50.72 -29.30
CA THR A 377 27.57 -51.83 -29.14
C THR A 377 28.55 -51.56 -28.03
N PRO A 378 28.90 -52.61 -27.27
CA PRO A 378 29.89 -52.45 -26.20
C PRO A 378 31.32 -52.35 -26.75
N THR A 379 31.50 -52.61 -28.05
CA THR A 379 32.84 -52.66 -28.63
C THR A 379 32.93 -51.86 -29.93
N PRO A 380 32.67 -50.55 -29.86
CA PRO A 380 32.76 -49.71 -31.05
C PRO A 380 34.20 -49.43 -31.39
N THR A 381 34.45 -49.05 -32.64
CA THR A 381 35.80 -48.70 -33.07
C THR A 381 36.22 -47.44 -32.35
N ARG A 382 37.51 -47.35 -32.03
CA ARG A 382 38.09 -46.16 -31.42
C ARG A 382 38.81 -45.33 -32.46
N LYS A 383 38.47 -45.57 -33.73
CA LYS A 383 39.16 -44.90 -34.81
C LYS A 383 38.94 -43.39 -34.85
N GLY A 384 40.04 -42.65 -34.90
CA GLY A 384 39.94 -41.20 -35.00
C GLY A 384 40.03 -40.50 -33.66
N LEU A 385 39.78 -41.23 -32.59
CA LEU A 385 39.73 -40.66 -31.25
C LEU A 385 41.05 -40.02 -30.84
N ASP A 386 42.15 -40.62 -31.29
CA ASP A 386 43.49 -40.13 -30.92
C ASP A 386 43.79 -38.72 -31.48
N THR A 387 43.05 -38.30 -32.51
CA THR A 387 43.29 -36.97 -33.09
C THR A 387 42.02 -36.09 -33.10
N LEU A 388 40.98 -36.53 -32.40
CA LEU A 388 39.72 -35.76 -32.34
C LEU A 388 39.85 -34.50 -31.46
N TYR A 389 40.75 -34.54 -30.50
CA TYR A 389 41.02 -33.42 -29.61
C TYR A 389 39.73 -32.85 -29.02
N MET A 390 39.03 -33.67 -28.26
CA MET A 390 37.76 -33.25 -27.69
C MET A 390 37.59 -33.79 -26.30
N SER A 391 36.97 -32.99 -25.44
CA SER A 391 36.62 -33.43 -24.09
C SER A 391 35.26 -32.88 -23.73
N GLY A 392 34.68 -33.41 -22.65
CA GLY A 392 33.41 -32.90 -22.14
C GLY A 392 33.29 -33.05 -20.62
N SER A 393 32.38 -32.31 -20.02
CA SER A 393 32.07 -32.49 -18.62
C SER A 393 30.86 -31.70 -18.21
N ALA A 394 30.47 -31.89 -16.95
CA ALA A 394 29.51 -31.03 -16.30
C ALA A 394 30.10 -29.64 -16.14
N GLU A 395 29.28 -28.71 -15.65
CA GLU A 395 29.77 -27.38 -15.32
C GLU A 395 30.91 -27.49 -14.32
N PHE A 396 31.77 -26.48 -14.29
CA PHE A 396 32.93 -26.47 -13.40
C PHE A 396 33.00 -25.22 -12.53
N SER A 397 33.29 -25.43 -11.24
CA SER A 397 33.68 -24.36 -10.35
C SER A 397 35.12 -23.98 -10.68
N ASN A 398 35.64 -22.95 -10.01
CA ASN A 398 37.04 -22.55 -10.18
C ASN A 398 38.01 -23.68 -9.89
N GLY A 399 37.79 -24.35 -8.77
CA GLY A 399 38.64 -25.44 -8.34
C GLY A 399 38.67 -26.56 -9.36
N GLU A 400 37.54 -26.79 -10.01
CA GLU A 400 37.46 -27.88 -10.98
C GLU A 400 38.12 -27.47 -12.28
N LEU A 401 38.03 -26.18 -12.61
CA LEU A 401 38.73 -25.71 -13.79
C LEU A 401 40.24 -25.87 -13.59
N GLN A 402 40.72 -25.57 -12.38
CA GLN A 402 42.16 -25.70 -12.10
C GLN A 402 42.63 -27.14 -12.28
N ALA A 403 41.79 -28.09 -11.91
CA ALA A 403 42.14 -29.50 -12.06
C ALA A 403 42.13 -29.96 -13.53
N MET A 404 41.24 -29.39 -14.34
CA MET A 404 41.16 -29.74 -15.76
C MET A 404 42.38 -29.25 -16.52
N LEU A 405 42.89 -28.10 -16.12
CA LEU A 405 43.94 -27.41 -16.85
C LEU A 405 45.14 -28.28 -17.22
N PRO A 406 45.80 -28.89 -16.21
CA PRO A 406 46.98 -29.68 -16.56
C PRO A 406 46.65 -30.88 -17.42
N VAL A 407 45.48 -31.48 -17.21
CA VAL A 407 45.08 -32.64 -17.98
C VAL A 407 44.92 -32.26 -19.45
N LEU A 408 44.20 -31.18 -19.73
CA LEU A 408 43.96 -30.78 -21.11
C LEU A 408 45.25 -30.32 -21.79
N LYS A 409 46.03 -29.51 -21.09
CA LYS A 409 47.32 -29.07 -21.63
C LYS A 409 48.26 -30.24 -21.87
N GLN A 410 48.17 -31.25 -21.03
CA GLN A 410 48.91 -32.49 -21.25
C GLN A 410 48.59 -33.09 -22.62
N GLN A 411 47.31 -33.11 -22.99
CA GLN A 411 46.86 -33.84 -24.19
C GLN A 411 46.68 -32.96 -25.42
N ALA A 412 46.52 -31.66 -25.22
CA ALA A 412 46.22 -30.75 -26.33
C ALA A 412 47.45 -30.43 -27.18
N LYS A 413 47.24 -30.35 -28.48
CA LYS A 413 48.31 -30.06 -29.44
C LYS A 413 48.12 -28.68 -30.06
N GLY A 414 47.18 -27.90 -29.52
CA GLY A 414 46.89 -26.58 -30.05
C GLY A 414 45.98 -25.84 -29.08
N PRO A 415 45.44 -24.70 -29.50
CA PRO A 415 44.62 -23.86 -28.60
C PRO A 415 43.36 -24.58 -28.07
N ILE A 416 43.06 -24.33 -26.79
CA ILE A 416 41.97 -25.00 -26.10
C ILE A 416 40.77 -24.07 -25.94
N TYR A 417 39.61 -24.51 -26.44
CA TYR A 417 38.38 -23.74 -26.33
C TYR A 417 37.43 -24.40 -25.36
N ILE A 418 36.88 -23.62 -24.43
CA ILE A 418 35.77 -24.07 -23.61
C ILE A 418 34.49 -23.71 -24.36
N MET A 419 33.72 -24.73 -24.74
CA MET A 419 32.48 -24.54 -25.45
C MET A 419 31.31 -24.65 -24.48
N ASP A 420 30.84 -23.50 -24.01
CA ASP A 420 29.75 -23.44 -23.04
C ASP A 420 28.44 -23.52 -23.82
N LEU A 421 27.69 -24.60 -23.62
CA LEU A 421 26.50 -24.85 -24.41
C LEU A 421 25.20 -24.47 -23.70
N ARG A 422 25.29 -23.66 -22.67
CA ARG A 422 24.14 -23.42 -21.79
C ARG A 422 23.30 -22.18 -22.14
N GLN A 423 22.03 -22.40 -22.47
CA GLN A 423 21.14 -21.27 -22.75
C GLN A 423 20.81 -20.55 -21.45
N GLU A 424 20.65 -21.32 -20.38
CA GLU A 424 20.28 -20.78 -19.09
C GLU A 424 21.39 -19.87 -18.57
N THR A 425 20.99 -18.84 -17.83
CA THR A 425 21.92 -17.90 -17.23
C THR A 425 22.72 -18.55 -16.09
N HIS A 426 24.04 -18.41 -16.13
CA HIS A 426 24.91 -18.98 -15.10
C HIS A 426 26.18 -18.16 -14.96
N GLY A 427 26.93 -18.46 -13.90
CA GLY A 427 28.19 -17.78 -13.62
C GLY A 427 28.89 -18.39 -12.43
N VAL A 428 29.68 -17.57 -11.75
CA VAL A 428 30.46 -18.03 -10.61
C VAL A 428 30.28 -17.08 -9.42
N PHE A 429 29.81 -17.65 -8.31
CA PHE A 429 29.70 -16.93 -7.04
C PHE A 429 30.70 -17.50 -6.03
N ASN A 430 31.63 -16.69 -5.55
CA ASN A 430 32.62 -17.15 -4.56
C ASN A 430 33.37 -18.41 -4.98
N GLY A 431 33.57 -18.58 -6.27
CA GLY A 431 34.28 -19.75 -6.78
C GLY A 431 33.36 -20.90 -7.16
N ASN A 432 32.10 -20.83 -6.74
CA ASN A 432 31.12 -21.88 -7.04
C ASN A 432 30.36 -21.58 -8.31
N ALA A 433 30.12 -22.62 -9.12
CA ALA A 433 29.30 -22.51 -10.32
C ALA A 433 27.82 -22.42 -9.92
N VAL A 434 27.13 -21.39 -10.41
CA VAL A 434 25.73 -21.19 -10.12
C VAL A 434 24.97 -20.90 -11.40
N SER A 435 23.66 -21.06 -11.34
CA SER A 435 22.77 -20.74 -12.46
C SER A 435 21.42 -20.21 -11.98
N TRP A 436 20.77 -19.43 -12.82
CA TRP A 436 19.47 -18.88 -12.48
C TRP A 436 18.42 -19.87 -12.96
N TYR A 437 17.89 -20.65 -12.02
CA TYR A 437 17.10 -21.82 -12.35
C TYR A 437 15.62 -21.51 -12.39
N GLY A 438 15.01 -21.78 -13.54
CA GLY A 438 13.55 -21.77 -13.65
C GLY A 438 13.03 -23.18 -13.90
N LEU A 439 11.72 -23.34 -13.86
CA LEU A 439 11.10 -24.63 -14.12
C LEU A 439 11.68 -25.30 -15.38
N ARG A 440 11.95 -26.59 -15.28
CA ARG A 440 12.63 -27.35 -16.34
C ARG A 440 13.99 -26.81 -16.78
N ASP A 441 14.59 -25.95 -15.97
CA ASP A 441 15.81 -25.24 -16.34
C ASP A 441 15.66 -24.43 -17.65
N TRP A 442 14.49 -23.85 -17.86
CA TRP A 442 14.23 -23.09 -19.09
C TRP A 442 14.15 -21.58 -18.82
N GLY A 443 15.02 -21.12 -17.92
CA GLY A 443 15.09 -19.70 -17.58
C GLY A 443 15.21 -18.74 -18.75
N ASN A 444 15.84 -19.17 -19.84
CA ASN A 444 16.04 -18.30 -20.99
C ASN A 444 15.41 -18.84 -22.27
N LEU A 445 14.35 -19.61 -22.11
CA LEU A 445 13.61 -20.15 -23.25
C LEU A 445 13.13 -19.02 -24.16
N GLY A 446 13.41 -19.13 -25.44
CA GLY A 446 12.93 -18.16 -26.42
C GLY A 446 13.85 -16.97 -26.63
N LYS A 447 14.92 -16.88 -25.84
CA LYS A 447 15.86 -15.77 -25.97
C LYS A 447 16.95 -16.10 -27.00
N ASN A 448 17.34 -15.11 -27.80
CA ASN A 448 18.52 -15.27 -28.63
C ASN A 448 19.80 -15.10 -27.79
N LYS A 449 20.94 -15.33 -28.41
CA LYS A 449 22.23 -15.28 -27.71
C LYS A 449 22.49 -13.93 -27.04
N ALA A 450 22.25 -12.84 -27.78
CA ALA A 450 22.47 -11.50 -27.24
C ALA A 450 21.64 -11.26 -25.98
N GLU A 451 20.37 -11.65 -26.02
CA GLU A 451 19.49 -11.46 -24.88
C GLU A 451 19.94 -12.32 -23.69
N VAL A 452 20.40 -13.53 -23.98
CA VAL A 452 20.94 -14.40 -22.93
C VAL A 452 22.10 -13.75 -22.22
N LEU A 453 23.08 -13.25 -22.97
CA LEU A 453 24.26 -12.65 -22.34
C LEU A 453 23.92 -11.38 -21.56
N LYS A 454 22.94 -10.62 -22.05
CA LYS A 454 22.48 -9.42 -21.35
C LYS A 454 21.76 -9.76 -20.04
N ASP A 455 20.89 -10.76 -20.09
CA ASP A 455 20.24 -11.24 -18.88
C ASP A 455 21.30 -11.74 -17.90
N GLU A 456 22.28 -12.48 -18.41
CA GLU A 456 23.34 -13.06 -17.57
C GLU A 456 24.16 -12.01 -16.87
N ASN A 457 24.69 -11.05 -17.63
CA ASN A 457 25.55 -10.04 -17.04
C ASN A 457 24.78 -9.26 -15.99
N SER A 458 23.52 -8.99 -16.27
CA SER A 458 22.69 -8.14 -15.41
C SER A 458 22.41 -8.83 -14.09
N ARG A 459 22.07 -10.10 -14.14
CA ARG A 459 21.71 -10.83 -12.93
C ARG A 459 22.92 -11.12 -12.05
N LEU A 460 24.06 -11.40 -12.66
CA LEU A 460 25.30 -11.66 -11.91
C LEU A 460 25.74 -10.38 -11.19
N ASN A 461 25.77 -9.27 -11.92
CA ASN A 461 26.10 -7.99 -11.33
C ASN A 461 25.20 -7.66 -10.14
N ALA A 462 23.90 -7.81 -10.35
CA ALA A 462 22.92 -7.49 -9.32
C ALA A 462 23.08 -8.35 -8.07
N ALA A 463 23.73 -9.50 -8.22
CA ALA A 463 23.90 -10.42 -7.10
C ALA A 463 25.10 -10.05 -6.21
N ARG A 464 26.07 -9.35 -6.79
CA ARG A 464 27.27 -8.91 -6.06
C ARG A 464 26.92 -8.32 -4.72
N GLY A 465 27.59 -8.79 -3.66
CA GLY A 465 27.49 -8.18 -2.33
C GLY A 465 26.20 -8.44 -1.58
N LYS A 466 25.29 -9.18 -2.20
CA LYS A 466 24.01 -9.50 -1.59
C LYS A 466 24.11 -10.78 -0.80
N SER A 467 23.14 -10.98 0.08
CA SER A 467 23.00 -12.23 0.79
C SER A 467 21.81 -12.98 0.20
N LEU A 468 22.09 -14.09 -0.49
CA LEU A 468 21.06 -14.80 -1.29
C LEU A 468 21.03 -16.29 -1.02
N ILE A 469 19.91 -16.92 -1.32
CA ILE A 469 19.82 -18.38 -1.30
C ILE A 469 20.55 -18.93 -2.52
N VAL A 470 21.54 -19.79 -2.29
CA VAL A 470 22.21 -20.53 -3.35
C VAL A 470 22.21 -21.99 -2.92
N ALA A 471 21.35 -22.79 -3.55
CA ALA A 471 21.06 -24.12 -3.05
C ALA A 471 21.24 -25.19 -4.11
N GLU A 472 21.69 -26.36 -3.68
CA GLU A 472 21.67 -27.51 -4.54
C GLU A 472 20.22 -27.97 -4.65
N LEU A 473 19.85 -28.43 -5.84
CA LEU A 473 18.51 -28.98 -6.03
C LEU A 473 18.51 -30.50 -5.91
N ASP A 474 17.46 -31.04 -5.30
CA ASP A 474 17.31 -32.50 -5.17
C ASP A 474 16.61 -33.11 -6.40
N LYS A 475 16.29 -34.39 -6.32
CA LYS A 475 15.67 -35.10 -7.42
C LYS A 475 14.36 -34.43 -7.89
N ASP A 476 13.69 -33.73 -6.97
CA ASP A 476 12.42 -33.08 -7.29
C ASP A 476 12.62 -31.59 -7.63
N LYS A 477 13.88 -31.19 -7.78
CA LYS A 477 14.20 -29.81 -8.12
C LYS A 477 13.81 -28.86 -6.99
N MET A 478 13.80 -29.37 -5.78
CA MET A 478 13.51 -28.54 -4.61
C MET A 478 14.82 -28.27 -3.89
N PRO A 479 14.98 -27.07 -3.33
CA PRO A 479 16.25 -26.76 -2.70
C PRO A 479 16.53 -27.63 -1.47
N ILE A 480 17.79 -27.99 -1.28
CA ILE A 480 18.24 -28.74 -0.11
C ILE A 480 18.83 -27.83 0.98
N ASP A 481 18.23 -27.83 2.16
CA ASP A 481 18.73 -27.04 3.28
C ASP A 481 19.10 -25.62 2.93
N PRO A 482 18.22 -24.90 2.22
CA PRO A 482 18.49 -23.55 1.73
C PRO A 482 18.77 -22.55 2.83
N LYS A 483 19.92 -21.89 2.74
CA LYS A 483 20.30 -20.82 3.65
C LYS A 483 20.91 -19.67 2.87
N PRO A 484 20.71 -18.46 3.36
CA PRO A 484 21.35 -17.39 2.63
C PRO A 484 22.85 -17.52 2.78
N VAL A 485 23.59 -17.05 1.78
CA VAL A 485 25.03 -16.96 1.88
C VAL A 485 25.44 -15.64 1.26
N LYS A 486 26.49 -15.05 1.80
CA LYS A 486 26.95 -13.74 1.36
C LYS A 486 27.73 -13.91 0.06
N ILE A 487 27.35 -13.16 -0.97
CA ILE A 487 28.02 -13.27 -2.26
C ILE A 487 29.16 -12.25 -2.30
N GLU A 488 30.39 -12.75 -2.16
CA GLU A 488 31.57 -11.87 -2.09
C GLU A 488 32.18 -11.62 -3.47
N SER A 489 32.39 -12.68 -4.25
CA SER A 489 32.92 -12.51 -5.61
C SER A 489 31.99 -13.06 -6.69
N VAL A 490 31.97 -12.36 -7.82
CA VAL A 490 31.10 -12.70 -8.94
C VAL A 490 31.81 -12.56 -10.29
N MET A 491 31.92 -13.66 -11.03
CA MET A 491 32.47 -13.69 -12.39
C MET A 491 31.48 -14.35 -13.36
N THR A 492 31.61 -14.04 -14.65
CA THR A 492 31.02 -14.89 -15.68
C THR A 492 31.99 -16.03 -15.89
N GLU A 493 31.52 -17.10 -16.54
CA GLU A 493 32.41 -18.23 -16.84
C GLU A 493 33.48 -17.80 -17.82
N GLN A 494 33.10 -16.92 -18.75
CA GLN A 494 34.05 -16.43 -19.73
C GLN A 494 35.23 -15.74 -19.06
N GLN A 495 34.92 -14.84 -18.11
CA GLN A 495 35.95 -14.16 -17.34
C GLN A 495 36.83 -15.16 -16.63
N LEU A 496 36.22 -16.13 -15.96
CA LEU A 496 36.99 -17.20 -15.32
C LEU A 496 37.89 -17.96 -16.30
N VAL A 497 37.33 -18.35 -17.44
CA VAL A 497 38.08 -19.16 -18.40
C VAL A 497 39.24 -18.38 -19.04
N GLU A 498 39.00 -17.13 -19.41
CA GLU A 498 40.01 -16.36 -20.13
C GLU A 498 41.15 -15.95 -19.20
N LYS A 499 40.78 -15.57 -17.98
CA LYS A 499 41.73 -15.32 -16.90
C LYS A 499 42.72 -16.48 -16.72
N ASN A 500 42.29 -17.71 -17.01
CA ASN A 500 43.15 -18.89 -16.91
C ASN A 500 43.78 -19.32 -18.23
N GLY A 501 43.79 -18.42 -19.20
CA GLY A 501 44.54 -18.62 -20.44
C GLY A 501 43.89 -19.51 -21.49
N LEU A 502 42.57 -19.65 -21.41
CA LEU A 502 41.84 -20.45 -22.40
C LEU A 502 40.88 -19.57 -23.17
N HIS A 503 40.46 -20.05 -24.33
CA HIS A 503 39.46 -19.35 -25.12
C HIS A 503 38.06 -19.78 -24.74
N TYR A 504 37.08 -18.98 -25.12
CA TYR A 504 35.71 -19.22 -24.72
C TYR A 504 34.76 -19.02 -25.88
N TYR A 505 33.81 -19.93 -26.02
CA TYR A 505 32.74 -19.74 -26.99
C TYR A 505 31.43 -20.23 -26.39
N ARG A 506 30.35 -19.49 -26.66
CA ARG A 506 29.06 -19.73 -26.07
C ARG A 506 28.02 -20.09 -27.13
N ILE A 507 27.36 -21.24 -26.97
CA ILE A 507 26.16 -21.54 -27.74
C ILE A 507 25.01 -21.70 -26.73
N ALA A 508 23.95 -20.94 -26.94
CA ALA A 508 22.84 -20.92 -26.01
C ALA A 508 21.83 -22.03 -26.29
N ALA A 509 22.21 -23.26 -25.95
CA ALA A 509 21.38 -24.44 -26.25
C ALA A 509 20.42 -24.71 -25.10
N THR A 510 19.15 -24.87 -25.42
CA THR A 510 18.13 -25.07 -24.40
C THR A 510 18.25 -26.45 -23.78
N ASP A 511 18.15 -26.50 -22.46
CA ASP A 511 18.32 -27.75 -21.72
C ASP A 511 17.19 -28.76 -22.05
N HIS A 512 17.57 -30.04 -22.06
CA HIS A 512 16.66 -31.17 -22.29
C HIS A 512 16.29 -31.44 -23.75
N ILE A 513 16.60 -30.51 -24.66
CA ILE A 513 16.09 -30.64 -26.03
C ILE A 513 17.17 -30.71 -27.08
N TRP A 514 16.80 -31.27 -28.23
CA TRP A 514 17.73 -31.38 -29.34
C TRP A 514 18.16 -29.98 -29.75
N PRO A 515 19.48 -29.75 -29.85
CA PRO A 515 19.94 -28.42 -30.24
C PRO A 515 19.23 -27.89 -31.49
N SER A 516 18.85 -26.63 -31.48
CA SER A 516 18.14 -26.05 -32.62
C SER A 516 19.02 -26.00 -33.86
N ALA A 517 18.39 -25.95 -35.01
CA ALA A 517 19.11 -25.79 -36.28
C ALA A 517 20.10 -24.65 -36.23
N ALA A 518 19.66 -23.48 -35.75
CA ALA A 518 20.53 -22.32 -35.64
C ALA A 518 21.74 -22.63 -34.78
N ASN A 519 21.50 -23.32 -33.67
CA ASN A 519 22.55 -23.65 -32.73
C ASN A 519 23.58 -24.60 -33.31
N ILE A 520 23.14 -25.51 -34.17
CA ILE A 520 24.02 -26.47 -34.81
C ILE A 520 24.80 -25.78 -35.92
N ASP A 521 24.15 -24.90 -36.67
CA ASP A 521 24.82 -24.09 -37.69
C ASP A 521 25.92 -23.25 -37.06
N GLU A 522 25.63 -22.65 -35.91
CA GLU A 522 26.62 -21.85 -35.21
C GLU A 522 27.84 -22.72 -34.92
N PHE A 523 27.64 -23.94 -34.46
CA PHE A 523 28.77 -24.80 -34.21
C PHE A 523 29.54 -25.17 -35.48
N ILE A 524 28.83 -25.48 -36.56
CA ILE A 524 29.51 -25.87 -37.79
C ILE A 524 30.35 -24.71 -38.33
N ASN A 525 29.75 -23.54 -38.34
CA ASN A 525 30.48 -22.35 -38.71
C ASN A 525 31.71 -22.19 -37.83
N PHE A 526 31.57 -22.37 -36.52
CA PHE A 526 32.73 -22.29 -35.64
C PHE A 526 33.81 -23.25 -36.09
N THR A 527 33.44 -24.49 -36.43
CA THR A 527 34.45 -25.48 -36.79
C THR A 527 35.16 -25.14 -38.07
N ARG A 528 34.51 -24.41 -38.96
CA ARG A 528 35.13 -24.08 -40.25
C ARG A 528 36.32 -23.12 -40.12
N THR A 529 36.28 -22.25 -39.11
CA THR A 529 37.28 -21.19 -38.99
C THR A 529 38.25 -21.42 -37.81
N MET A 530 37.98 -22.43 -37.00
CA MET A 530 38.80 -22.63 -35.82
C MET A 530 40.20 -23.06 -36.23
N PRO A 531 41.19 -22.73 -35.41
CA PRO A 531 42.57 -23.06 -35.75
C PRO A 531 42.78 -24.55 -35.83
N ALA A 532 43.75 -24.98 -36.63
CA ALA A 532 44.08 -26.38 -36.67
C ALA A 532 44.61 -26.81 -35.32
N ASN A 533 44.44 -28.08 -35.03
CA ASN A 533 44.80 -28.69 -33.74
C ASN A 533 44.04 -28.08 -32.56
N ALA A 534 43.02 -27.27 -32.81
CA ALA A 534 42.21 -26.72 -31.72
C ALA A 534 41.61 -27.89 -30.93
N TRP A 535 41.55 -27.72 -29.61
CA TRP A 535 40.94 -28.71 -28.72
C TRP A 535 39.64 -28.14 -28.17
N LEU A 536 38.55 -28.87 -28.34
CA LEU A 536 37.24 -28.41 -27.89
C LEU A 536 36.78 -29.14 -26.65
N HIS A 537 36.53 -28.38 -25.59
CA HIS A 537 35.96 -28.94 -24.37
C HIS A 537 34.51 -28.50 -24.19
N PHE A 538 33.58 -29.42 -24.40
CA PHE A 538 32.18 -29.09 -24.28
C PHE A 538 31.69 -29.30 -22.85
N HIS A 539 30.91 -28.35 -22.38
CA HIS A 539 30.20 -28.53 -21.11
C HIS A 539 28.79 -27.99 -21.22
N SER A 540 27.91 -28.53 -20.40
CA SER A 540 26.60 -27.95 -20.22
C SER A 540 26.38 -27.93 -18.72
N GLN A 541 25.22 -28.35 -18.24
CA GLN A 541 24.97 -28.33 -16.79
C GLN A 541 25.55 -29.59 -16.19
N ALA A 542 25.17 -30.74 -16.74
CA ALA A 542 25.57 -32.04 -16.21
C ALA A 542 26.58 -32.78 -17.08
N GLY A 543 26.92 -32.23 -18.23
CA GLY A 543 27.81 -32.92 -19.15
C GLY A 543 27.17 -34.16 -19.72
N ALA A 544 25.84 -34.15 -19.85
CA ALA A 544 25.10 -35.29 -20.37
C ALA A 544 24.43 -34.98 -21.71
N GLY A 545 23.18 -34.52 -21.65
CA GLY A 545 22.34 -34.29 -22.84
C GLY A 545 22.94 -33.42 -23.93
N ARG A 546 23.06 -32.13 -23.65
CA ARG A 546 23.61 -31.20 -24.61
C ARG A 546 25.08 -31.47 -24.94
N THR A 547 25.89 -31.75 -23.94
CA THR A 547 27.31 -32.01 -24.14
C THR A 547 27.57 -33.23 -25.04
N THR A 548 26.87 -34.34 -24.76
CA THR A 548 27.06 -35.56 -25.54
C THR A 548 26.50 -35.43 -26.95
N ALA A 549 25.43 -34.68 -27.09
CA ALA A 549 24.88 -34.36 -28.42
C ALA A 549 25.93 -33.64 -29.29
N TYR A 550 26.50 -32.56 -28.79
CA TYR A 550 27.51 -31.83 -29.54
C TYR A 550 28.76 -32.67 -29.78
N MET A 551 29.22 -33.40 -28.76
CA MET A 551 30.40 -34.26 -28.94
C MET A 551 30.17 -35.30 -30.05
N ALA A 552 28.99 -35.91 -30.08
CA ALA A 552 28.64 -36.89 -31.09
C ALA A 552 28.58 -36.28 -32.48
N MET A 553 28.08 -35.05 -32.58
CA MET A 553 28.00 -34.37 -33.87
C MET A 553 29.38 -34.02 -34.42
N TYR A 554 30.27 -33.55 -33.55
CA TYR A 554 31.63 -33.24 -33.93
C TYR A 554 32.39 -34.52 -34.30
N ASP A 555 32.28 -35.56 -33.47
CA ASP A 555 32.88 -36.85 -33.77
C ASP A 555 32.50 -37.29 -35.20
N MET A 556 31.20 -37.28 -35.50
CA MET A 556 30.70 -37.70 -36.81
C MET A 556 31.33 -36.88 -37.90
N MET A 557 31.33 -35.57 -37.71
CA MET A 557 31.84 -34.66 -38.72
C MET A 557 33.26 -35.03 -39.10
N LYS A 558 34.06 -35.38 -38.10
CA LYS A 558 35.50 -35.62 -38.30
C LYS A 558 35.78 -37.05 -38.73
N ASN A 559 34.85 -37.95 -38.42
CA ASN A 559 35.03 -39.37 -38.71
C ASN A 559 33.78 -39.94 -39.37
N PRO A 560 33.45 -39.44 -40.56
CA PRO A 560 32.22 -39.85 -41.25
C PRO A 560 32.25 -41.32 -41.68
N ASP A 561 33.41 -41.96 -41.63
CA ASP A 561 33.53 -43.37 -41.98
C ASP A 561 33.14 -44.31 -40.84
N VAL A 562 32.89 -43.76 -39.65
CA VAL A 562 32.47 -44.56 -38.52
C VAL A 562 30.93 -44.62 -38.44
N SER A 563 30.39 -45.76 -38.05
CA SER A 563 28.92 -45.93 -38.06
C SER A 563 28.23 -45.04 -37.02
N LEU A 564 26.95 -44.74 -37.24
CA LEU A 564 26.20 -43.95 -36.27
C LEU A 564 26.26 -44.64 -34.90
N GLY A 565 25.97 -45.92 -34.90
CA GLY A 565 25.97 -46.69 -33.66
C GLY A 565 27.30 -46.75 -32.94
N ASP A 566 28.41 -46.75 -33.69
CA ASP A 566 29.74 -46.73 -33.08
C ASP A 566 30.03 -45.37 -32.42
N ILE A 567 29.68 -44.29 -33.12
CA ILE A 567 29.83 -42.95 -32.57
C ILE A 567 29.05 -42.83 -31.25
N LEU A 568 27.75 -43.12 -31.31
CA LEU A 568 26.91 -42.97 -30.12
C LEU A 568 27.40 -43.89 -29.00
N SER A 569 27.80 -45.08 -29.37
CA SER A 569 28.28 -46.05 -28.40
C SER A 569 29.58 -45.58 -27.71
N ARG A 570 30.56 -45.12 -28.47
CA ARG A 570 31.79 -44.71 -27.83
C ARG A 570 31.62 -43.42 -27.03
N GLN A 571 30.82 -42.47 -27.53
CA GLN A 571 30.54 -41.26 -26.75
C GLN A 571 29.83 -41.61 -25.42
N TYR A 572 28.98 -42.64 -25.45
CA TYR A 572 28.37 -43.15 -24.24
C TYR A 572 29.42 -43.81 -23.36
N LEU A 573 30.21 -44.69 -23.96
CA LEU A 573 31.19 -45.45 -23.22
C LEU A 573 32.21 -44.54 -22.57
N LEU A 574 32.51 -43.42 -23.22
CA LEU A 574 33.52 -42.51 -22.68
C LEU A 574 33.00 -41.67 -21.54
N GLY A 575 31.69 -41.74 -21.28
CA GLY A 575 31.09 -41.05 -20.14
C GLY A 575 29.95 -40.09 -20.44
N GLY A 576 29.55 -39.99 -21.71
CA GLY A 576 28.36 -39.24 -22.08
C GLY A 576 27.12 -40.08 -21.80
N ASN A 577 25.96 -39.58 -22.17
CA ASN A 577 24.78 -40.43 -22.20
C ASN A 577 24.67 -40.98 -23.61
N TYR A 578 23.59 -41.70 -23.91
CA TYR A 578 23.34 -42.20 -25.25
C TYR A 578 22.36 -41.25 -25.93
N VAL A 579 22.78 -40.59 -27.01
CA VAL A 579 22.01 -39.51 -27.58
C VAL A 579 20.66 -39.99 -28.10
N ALA A 580 20.57 -41.26 -28.50
CA ALA A 580 19.36 -41.78 -29.13
C ALA A 580 18.49 -42.56 -28.17
N TYR A 581 18.70 -42.33 -26.87
CA TYR A 581 17.85 -42.93 -25.85
C TYR A 581 16.40 -42.54 -26.06
N GLU A 582 15.51 -43.53 -25.93
CA GLU A 582 14.09 -43.26 -25.92
C GLU A 582 13.49 -44.02 -24.75
N ILE A 583 12.43 -43.44 -24.17
CA ILE A 583 11.72 -44.08 -23.08
C ILE A 583 10.83 -45.17 -23.65
N ALA A 584 11.05 -46.39 -23.19
CA ALA A 584 10.34 -47.56 -23.69
C ALA A 584 8.82 -47.36 -23.65
N LYS A 585 8.25 -47.23 -22.45
CA LYS A 585 6.80 -47.11 -22.33
C LYS A 585 6.45 -45.91 -21.48
N PRO A 586 6.37 -44.76 -22.12
CA PRO A 586 6.24 -43.48 -21.43
C PRO A 586 5.01 -43.39 -20.56
N LYS A 587 5.20 -42.96 -19.32
CA LYS A 587 4.07 -42.63 -18.45
C LYS A 587 3.75 -41.14 -18.54
N PRO A 588 2.55 -40.75 -18.11
CA PRO A 588 2.08 -39.37 -18.16
C PRO A 588 3.03 -38.35 -17.54
N ASP A 589 3.67 -38.69 -16.43
CA ASP A 589 4.59 -37.73 -15.79
C ASP A 589 5.96 -37.62 -16.48
N GLN A 590 6.18 -38.39 -17.54
CA GLN A 590 7.48 -38.41 -18.21
C GLN A 590 7.51 -37.45 -19.38
N TRP A 591 7.58 -36.17 -19.06
CA TRP A 591 7.45 -35.11 -20.05
C TRP A 591 8.58 -35.11 -21.07
N LYS A 592 9.70 -35.77 -20.75
CA LYS A 592 10.86 -35.77 -21.63
C LYS A 592 10.72 -36.74 -22.78
N ALA A 593 9.69 -37.56 -22.76
CA ALA A 593 9.55 -38.64 -23.74
C ALA A 593 9.62 -38.15 -25.18
N ASP A 594 8.80 -37.17 -25.52
CA ASP A 594 8.79 -36.58 -26.87
C ASP A 594 10.13 -35.96 -27.24
N TYR A 595 10.83 -35.41 -26.24
CA TYR A 595 12.12 -34.72 -26.49
C TYR A 595 13.28 -35.70 -26.68
N TYR A 596 13.28 -36.80 -25.94
CA TYR A 596 14.18 -37.91 -26.22
C TYR A 596 13.94 -38.48 -27.61
N HIS A 597 12.66 -38.62 -27.97
CA HIS A 597 12.33 -39.17 -29.28
C HIS A 597 12.84 -38.28 -30.38
N GLN A 598 12.67 -36.97 -30.19
CA GLN A 598 13.12 -36.00 -31.15
C GLN A 598 14.65 -36.09 -31.29
N LYS A 599 15.34 -36.33 -30.18
CA LYS A 599 16.80 -36.47 -30.26
C LYS A 599 17.19 -37.72 -31.03
N ALA A 600 16.52 -38.83 -30.72
CA ALA A 600 16.82 -40.07 -31.39
C ALA A 600 16.65 -39.90 -32.89
N HIS A 601 15.59 -39.22 -33.29
CA HIS A 601 15.28 -39.03 -34.69
C HIS A 601 16.30 -38.10 -35.35
N MET A 602 16.56 -36.96 -34.73
CA MET A 602 17.37 -35.92 -35.35
C MET A 602 18.86 -36.26 -35.38
N ILE A 603 19.35 -37.06 -34.44
CA ILE A 603 20.77 -37.43 -34.47
C ILE A 603 21.06 -38.32 -35.67
N GLU A 604 20.10 -39.17 -36.04
CA GLU A 604 20.20 -39.95 -37.27
C GLU A 604 20.19 -39.05 -38.50
N LYS A 605 19.30 -38.06 -38.50
CA LYS A 605 19.26 -37.13 -39.61
C LYS A 605 20.62 -36.48 -39.74
N PHE A 606 21.18 -36.01 -38.63
CA PHE A 606 22.44 -35.31 -38.69
C PHE A 606 23.54 -36.22 -39.22
N TYR A 607 23.48 -37.51 -38.90
CA TYR A 607 24.42 -38.46 -39.47
C TYR A 607 24.32 -38.46 -40.99
N GLN A 608 23.10 -38.47 -41.51
CA GLN A 608 22.89 -38.43 -42.95
C GLN A 608 23.45 -37.14 -43.54
N TYR A 609 23.22 -36.04 -42.85
CA TYR A 609 23.70 -34.75 -43.32
C TYR A 609 25.22 -34.79 -43.50
N VAL A 610 25.90 -35.41 -42.55
CA VAL A 610 27.35 -35.52 -42.60
C VAL A 610 27.76 -36.39 -43.78
N GLN A 611 27.14 -37.56 -43.89
CA GLN A 611 27.46 -38.46 -44.99
C GLN A 611 27.47 -37.72 -46.33
N GLU A 612 26.53 -36.79 -46.50
CA GLU A 612 26.29 -36.12 -47.78
C GLU A 612 27.06 -34.82 -47.98
N ASN A 613 27.58 -34.22 -46.91
CA ASN A 613 28.18 -32.89 -47.03
C ASN A 613 29.59 -32.74 -46.48
N HIS A 614 30.13 -33.79 -45.86
CA HIS A 614 31.48 -33.68 -45.29
C HIS A 614 32.56 -33.52 -46.37
N ALA A 615 32.36 -34.16 -47.51
CA ALA A 615 33.37 -34.18 -48.58
C ALA A 615 33.84 -32.77 -48.96
N ASP A 616 32.90 -31.85 -49.15
CA ASP A 616 33.24 -30.49 -49.59
C ASP A 616 33.29 -29.50 -48.42
N GLY A 617 33.54 -30.01 -47.22
CA GLY A 617 33.69 -29.15 -46.04
C GLY A 617 32.41 -28.47 -45.58
N PHE A 618 31.26 -29.09 -45.82
CA PHE A 618 30.00 -28.61 -45.27
C PHE A 618 29.56 -27.27 -45.83
N LYS A 619 29.86 -27.02 -47.09
CA LYS A 619 29.51 -25.75 -47.71
C LYS A 619 28.02 -25.48 -47.60
N THR A 620 27.22 -26.54 -47.69
CA THR A 620 25.79 -26.46 -47.44
C THR A 620 25.48 -26.60 -45.95
N SER A 621 24.74 -25.65 -45.40
CA SER A 621 24.49 -25.65 -43.97
C SER A 621 23.43 -26.68 -43.57
N TRP A 622 23.40 -26.98 -42.28
CA TRP A 622 22.42 -27.90 -41.70
C TRP A 622 20.99 -27.38 -41.88
N SER A 623 20.81 -26.08 -41.67
CA SER A 623 19.50 -25.46 -41.84
C SER A 623 19.01 -25.55 -43.29
N GLN A 624 19.88 -25.20 -44.23
CA GLN A 624 19.54 -25.29 -45.66
C GLN A 624 19.23 -26.74 -46.05
N TRP A 625 20.06 -27.68 -45.58
CA TRP A 625 19.86 -29.10 -45.85
C TRP A 625 18.50 -29.57 -45.33
N LEU A 626 18.18 -29.24 -44.09
CA LEU A 626 16.88 -29.58 -43.52
C LEU A 626 15.77 -29.05 -44.42
N ALA A 627 15.94 -27.82 -44.88
CA ALA A 627 14.93 -27.15 -45.71
C ALA A 627 15.11 -27.51 -47.19
N ALA A 628 14.88 -28.77 -47.54
CA ALA A 628 15.03 -29.21 -48.92
C ALA A 628 14.43 -30.59 -49.13
N PRO B 39 -6.59 -56.82 0.48
CA PRO B 39 -7.77 -57.13 -0.32
C PRO B 39 -7.50 -57.04 -1.82
N ALA B 40 -8.48 -57.43 -2.63
CA ALA B 40 -8.29 -57.48 -4.08
C ALA B 40 -9.17 -56.46 -4.80
N VAL B 41 -8.64 -55.90 -5.87
CA VAL B 41 -9.40 -54.98 -6.68
C VAL B 41 -10.60 -55.70 -7.25
N VAL B 42 -11.74 -55.01 -7.28
CA VAL B 42 -12.96 -55.55 -7.88
C VAL B 42 -13.00 -55.22 -9.37
N LYS B 43 -13.01 -56.25 -10.21
CA LYS B 43 -12.85 -56.06 -11.65
C LYS B 43 -13.99 -55.26 -12.28
N ASN B 44 -15.23 -55.62 -11.97
CA ASN B 44 -16.38 -54.86 -12.45
C ASN B 44 -17.29 -54.49 -11.30
N PRO B 45 -17.01 -53.35 -10.65
CA PRO B 45 -17.81 -52.91 -9.53
C PRO B 45 -19.12 -52.32 -10.05
N PRO B 46 -20.15 -52.31 -9.21
CA PRO B 46 -21.41 -51.71 -9.64
C PRO B 46 -21.24 -50.22 -9.97
N LYS B 47 -22.19 -49.64 -10.70
CA LYS B 47 -22.04 -48.25 -11.07
C LYS B 47 -21.95 -47.39 -9.81
N LEU B 48 -22.71 -47.76 -8.79
CA LEU B 48 -22.68 -47.09 -7.50
C LEU B 48 -22.47 -48.14 -6.42
N ALA B 49 -21.40 -47.98 -5.66
CA ALA B 49 -21.02 -48.99 -4.68
C ALA B 49 -20.92 -48.38 -3.30
N LEU B 50 -21.60 -48.96 -2.33
CA LEU B 50 -21.44 -48.56 -0.95
C LEU B 50 -20.10 -49.12 -0.49
N LYS B 51 -19.22 -48.25 0.00
CA LYS B 51 -17.90 -48.66 0.45
C LYS B 51 -17.48 -47.97 1.73
N ILE B 52 -16.41 -48.47 2.36
CA ILE B 52 -15.93 -47.93 3.61
C ILE B 52 -15.04 -46.71 3.39
N ASP B 53 -15.37 -45.57 4.03
CA ASP B 53 -14.53 -44.36 3.96
C ASP B 53 -13.45 -44.39 5.02
N ARG B 54 -13.87 -44.59 6.27
CA ARG B 54 -12.97 -44.65 7.42
C ARG B 54 -13.37 -45.75 8.40
N ALA B 55 -12.48 -46.71 8.61
CA ALA B 55 -12.63 -47.68 9.68
C ALA B 55 -12.59 -46.90 10.99
N ASP B 56 -13.30 -47.39 12.00
CA ASP B 56 -13.44 -46.65 13.24
C ASP B 56 -12.25 -46.89 14.13
N VAL B 57 -11.36 -45.90 14.18
CA VAL B 57 -10.09 -46.03 14.88
C VAL B 57 -9.81 -44.80 15.73
N ASN B 58 -9.32 -45.02 16.95
CA ASN B 58 -8.99 -43.91 17.83
C ASN B 58 -7.70 -43.22 17.36
N GLN B 59 -7.86 -42.17 16.58
CA GLN B 59 -6.70 -41.45 16.05
C GLN B 59 -7.17 -40.19 15.35
N LEU B 60 -6.25 -39.26 15.11
CA LEU B 60 -6.53 -38.15 14.22
C LEU B 60 -6.61 -38.72 12.83
N PRO B 61 -7.47 -38.15 11.98
CA PRO B 61 -7.64 -38.72 10.67
C PRO B 61 -6.53 -38.31 9.71
N ARG B 62 -6.61 -38.85 8.51
CA ARG B 62 -5.68 -38.59 7.42
C ARG B 62 -5.58 -37.09 7.08
N ASN B 63 -4.36 -36.62 6.83
CA ASN B 63 -4.11 -35.24 6.43
C ASN B 63 -4.60 -34.21 7.42
N PHE B 64 -4.67 -34.58 8.70
CA PHE B 64 -5.12 -33.63 9.71
C PHE B 64 -4.11 -32.52 9.89
N ARG B 65 -4.56 -31.27 9.88
CA ARG B 65 -3.70 -30.16 10.25
C ARG B 65 -4.48 -29.04 10.87
N MET B 66 -3.78 -28.24 11.68
CA MET B 66 -4.32 -27.03 12.24
C MET B 66 -3.62 -25.86 11.61
N GLY B 67 -4.33 -24.73 11.52
CA GLY B 67 -3.80 -23.53 10.87
C GLY B 67 -2.56 -22.99 11.54
N SER B 68 -2.36 -23.36 12.80
CA SER B 68 -1.20 -22.89 13.55
C SER B 68 -0.04 -23.89 13.50
N ASP B 69 -0.20 -24.94 12.70
CA ASP B 69 0.85 -25.97 12.61
C ASP B 69 2.14 -25.39 12.03
N LYS B 70 3.25 -26.05 12.35
CA LYS B 70 4.54 -25.63 11.82
C LYS B 70 4.68 -26.03 10.34
N TYR B 71 5.54 -25.31 9.63
CA TYR B 71 5.86 -25.66 8.25
C TYR B 71 6.60 -26.98 8.21
N VAL B 72 6.26 -27.80 7.22
CA VAL B 72 7.00 -29.00 6.94
C VAL B 72 7.45 -28.95 5.48
N GLY B 73 8.73 -29.18 5.24
CA GLY B 73 9.25 -29.20 3.87
C GLY B 73 9.81 -27.85 3.49
N VAL B 74 10.01 -27.62 2.20
CA VAL B 74 10.53 -26.34 1.70
C VAL B 74 9.73 -25.82 0.52
N THR B 75 9.88 -24.53 0.22
CA THR B 75 9.34 -23.95 -1.00
C THR B 75 10.38 -24.06 -2.11
N LYS B 76 9.97 -23.82 -3.35
CA LYS B 76 10.86 -23.96 -4.49
C LYS B 76 11.99 -22.92 -4.46
N THR B 77 11.75 -21.78 -3.82
CA THR B 77 12.75 -20.71 -3.74
C THR B 77 13.65 -20.89 -2.55
N GLY B 78 13.23 -21.73 -1.61
CA GLY B 78 13.96 -21.91 -0.37
C GLY B 78 13.65 -20.80 0.62
N ILE B 79 12.75 -19.90 0.23
CA ILE B 79 12.29 -18.85 1.13
C ILE B 79 10.89 -19.18 1.64
N MET B 80 10.73 -19.09 2.95
CA MET B 80 9.48 -19.46 3.60
C MET B 80 8.55 -18.28 3.62
N PRO B 81 7.24 -18.53 3.47
CA PRO B 81 6.29 -17.44 3.57
C PRO B 81 6.08 -16.99 5.00
N THR B 82 5.77 -15.72 5.18
CA THR B 82 5.44 -15.18 6.48
C THR B 82 4.40 -16.08 7.15
N ARG B 83 4.47 -16.16 8.49
CA ARG B 83 3.46 -16.87 9.27
C ARG B 83 2.42 -15.92 9.82
N LYS B 84 2.46 -14.67 9.38
CA LYS B 84 1.55 -13.68 9.92
C LYS B 84 0.08 -14.09 9.85
N GLY B 85 -0.58 -14.09 11.01
CA GLY B 85 -2.00 -14.34 11.10
C GLY B 85 -2.38 -15.81 11.20
N MET B 86 -1.41 -16.71 11.05
CA MET B 86 -1.72 -18.12 10.99
C MET B 86 -2.23 -18.68 12.30
N ASP B 87 -1.68 -18.22 13.42
CA ASP B 87 -1.97 -18.81 14.71
C ASP B 87 -3.36 -18.42 15.28
N THR B 88 -3.97 -17.36 14.76
CA THR B 88 -5.26 -16.91 15.28
C THR B 88 -6.45 -17.17 14.34
N MET B 89 -6.30 -18.12 13.42
CA MET B 89 -7.36 -18.41 12.45
C MET B 89 -8.39 -19.39 12.99
N ASN B 90 -8.01 -20.13 14.03
CA ASN B 90 -8.94 -21.02 14.70
C ASN B 90 -9.55 -21.98 13.69
N VAL B 91 -8.69 -22.77 13.07
CA VAL B 91 -9.11 -23.60 11.98
C VAL B 91 -8.33 -24.91 11.97
N SER B 92 -8.99 -25.97 11.54
CA SER B 92 -8.31 -27.22 11.26
C SER B 92 -8.93 -27.85 10.01
N ALA B 93 -8.33 -28.92 9.51
CA ALA B 93 -8.82 -29.55 8.30
C ALA B 93 -8.30 -30.97 8.24
N SER B 94 -9.00 -31.82 7.48
CA SER B 94 -8.60 -33.22 7.36
C SER B 94 -9.39 -33.95 6.30
N SER B 95 -9.07 -35.23 6.14
CA SER B 95 -9.91 -36.17 5.40
C SER B 95 -11.24 -36.36 6.12
N CYS B 96 -12.13 -37.13 5.52
CA CYS B 96 -13.30 -37.55 6.27
C CYS B 96 -12.87 -38.38 7.48
N PHE B 97 -13.74 -38.46 8.48
CA PHE B 97 -13.42 -39.12 9.75
C PHE B 97 -14.46 -40.16 10.24
N SER B 98 -13.94 -41.20 10.89
CA SER B 98 -14.76 -42.12 11.65
C SER B 98 -15.21 -41.40 12.90
N GLU B 99 -16.08 -42.03 13.68
CA GLU B 99 -16.59 -41.39 14.90
C GLU B 99 -15.45 -41.19 15.89
N LYS B 100 -14.61 -42.21 16.04
CA LYS B 100 -13.48 -42.13 16.95
C LYS B 100 -12.46 -41.11 16.48
N GLU B 101 -12.32 -40.96 15.16
CA GLU B 101 -11.42 -39.96 14.62
C GLU B 101 -11.96 -38.55 14.90
N LEU B 102 -13.28 -38.36 14.84
CA LEU B 102 -13.86 -37.07 15.24
C LEU B 102 -13.61 -36.79 16.73
N GLU B 103 -13.79 -37.81 17.57
CA GLU B 103 -13.55 -37.68 19.01
C GLU B 103 -12.10 -37.27 19.27
N ALA B 104 -11.17 -37.81 18.49
CA ALA B 104 -9.78 -37.39 18.57
C ALA B 104 -9.66 -35.93 18.17
N ILE B 105 -10.40 -35.53 17.13
CA ILE B 105 -10.35 -34.14 16.70
C ILE B 105 -10.86 -33.23 17.80
N LEU B 106 -12.03 -33.54 18.34
CA LEU B 106 -12.65 -32.72 19.39
C LEU B 106 -11.74 -32.60 20.61
N LYS B 107 -11.08 -33.68 20.97
CA LYS B 107 -10.18 -33.65 22.10
C LYS B 107 -8.96 -32.76 21.83
N LYS B 108 -8.46 -32.79 20.61
CA LYS B 108 -7.24 -32.07 20.26
C LYS B 108 -7.41 -30.55 20.18
N VAL B 109 -8.47 -30.08 19.54
CA VAL B 109 -8.63 -28.64 19.31
C VAL B 109 -8.96 -27.90 20.61
N PRO B 110 -8.50 -26.64 20.75
CA PRO B 110 -8.67 -25.90 21.99
C PRO B 110 -9.98 -25.14 22.10
N VAL B 111 -11.09 -25.83 21.91
CA VAL B 111 -12.40 -25.24 22.12
C VAL B 111 -13.33 -26.31 22.61
N LYS B 112 -14.50 -25.90 23.09
CA LYS B 112 -15.56 -26.85 23.42
C LYS B 112 -16.29 -27.25 22.14
N PRO B 113 -16.94 -28.43 22.15
CA PRO B 113 -17.74 -28.85 21.03
C PRO B 113 -18.76 -27.81 20.55
N SER B 114 -19.38 -27.07 21.47
CA SER B 114 -20.39 -26.07 21.08
C SER B 114 -19.82 -24.97 20.18
N GLN B 115 -18.49 -24.89 20.13
CA GLN B 115 -17.80 -23.88 19.33
C GLN B 115 -17.22 -24.43 18.03
N PHE B 116 -17.37 -25.74 17.86
CA PHE B 116 -16.74 -26.44 16.77
C PHE B 116 -17.74 -26.58 15.64
N TYR B 117 -17.31 -26.24 14.43
CA TYR B 117 -18.16 -26.39 13.25
C TYR B 117 -17.53 -27.30 12.22
N ASP B 118 -18.13 -28.47 12.06
CA ASP B 118 -17.75 -29.39 11.03
C ASP B 118 -18.24 -28.86 9.68
N VAL B 119 -17.31 -28.46 8.82
CA VAL B 119 -17.66 -28.03 7.48
C VAL B 119 -17.40 -29.18 6.52
N ASP B 120 -18.49 -29.85 6.18
CA ASP B 120 -18.51 -31.04 5.38
C ASP B 120 -18.64 -30.69 3.91
N LEU B 121 -17.57 -30.84 3.14
CA LEU B 121 -17.55 -30.33 1.76
C LEU B 121 -17.98 -31.36 0.73
N ARG B 122 -18.48 -32.49 1.21
CA ARG B 122 -18.70 -33.63 0.34
C ARG B 122 -20.07 -33.63 -0.30
N GLY B 123 -20.06 -33.47 -1.63
CA GLY B 123 -21.24 -33.65 -2.47
C GLY B 123 -21.65 -35.11 -2.65
N GLU B 124 -20.69 -36.03 -2.58
CA GLU B 124 -21.01 -37.47 -2.65
C GLU B 124 -21.84 -37.93 -1.45
N SER B 125 -22.75 -38.87 -1.64
CA SER B 125 -23.57 -39.35 -0.52
C SER B 125 -22.76 -40.16 0.48
N HIS B 126 -22.85 -39.79 1.75
CA HIS B 126 -22.11 -40.48 2.80
C HIS B 126 -22.88 -40.50 4.11
N GLY B 127 -22.38 -41.29 5.05
CA GLY B 127 -22.94 -41.34 6.39
C GLY B 127 -22.15 -42.24 7.31
N TYR B 128 -22.83 -42.76 8.34
CA TYR B 128 -22.19 -43.54 9.38
C TYR B 128 -23.01 -44.76 9.77
N LEU B 129 -22.33 -45.91 9.82
CA LEU B 129 -22.85 -47.15 10.42
C LEU B 129 -22.09 -47.41 11.71
N ASN B 130 -22.78 -47.26 12.84
CA ASN B 130 -22.11 -47.07 14.12
C ASN B 130 -21.08 -45.95 13.94
N GLY B 131 -19.81 -46.24 14.19
CA GLY B 131 -18.75 -45.22 14.05
C GLY B 131 -18.02 -45.23 12.71
N THR B 132 -18.33 -46.21 11.86
CA THR B 132 -17.66 -46.37 10.58
C THR B 132 -18.22 -45.44 9.52
N ALA B 133 -17.34 -44.70 8.84
CA ALA B 133 -17.81 -43.79 7.82
C ALA B 133 -17.90 -44.55 6.51
N VAL B 134 -19.04 -44.40 5.85
CA VAL B 134 -19.28 -45.06 4.56
C VAL B 134 -19.83 -44.06 3.55
N SER B 135 -19.69 -44.38 2.28
CA SER B 135 -20.21 -43.51 1.23
C SER B 135 -20.53 -44.31 -0.03
N TRP B 136 -21.30 -43.69 -0.90
CA TRP B 136 -21.66 -44.27 -2.17
C TRP B 136 -20.76 -43.75 -3.27
N PHE B 137 -19.93 -44.66 -3.79
CA PHE B 137 -18.88 -44.32 -4.73
C PHE B 137 -19.22 -44.71 -6.17
N ALA B 138 -19.08 -43.74 -7.07
CA ALA B 138 -19.06 -44.02 -8.49
C ALA B 138 -17.69 -43.60 -9.02
N ASN B 139 -17.35 -44.01 -10.24
CA ASN B 139 -16.09 -43.62 -10.87
C ASN B 139 -15.79 -42.14 -10.69
N HIS B 140 -14.55 -41.83 -10.36
CA HIS B 140 -14.10 -40.45 -10.12
C HIS B 140 -14.81 -39.84 -8.92
N ASP B 141 -15.41 -40.68 -8.07
CA ASP B 141 -16.17 -40.20 -6.92
C ASP B 141 -17.27 -39.20 -7.32
N TRP B 142 -17.96 -39.49 -8.42
CA TRP B 142 -19.02 -38.62 -8.91
C TRP B 142 -20.42 -39.24 -8.72
N GLY B 143 -20.63 -39.81 -7.54
CA GLY B 143 -21.90 -40.47 -7.24
C GLY B 143 -23.12 -39.59 -7.44
N ASN B 144 -22.96 -38.29 -7.20
CA ASN B 144 -24.06 -37.36 -7.32
C ASN B 144 -23.76 -36.35 -8.40
N ASP B 145 -23.05 -36.81 -9.42
CA ASP B 145 -22.64 -35.96 -10.53
C ASP B 145 -23.81 -35.12 -10.99
N GLY B 146 -23.62 -33.80 -11.03
CA GLY B 146 -24.60 -32.91 -11.64
C GLY B 146 -25.77 -32.52 -10.75
N ARG B 147 -25.87 -33.14 -9.57
CA ARG B 147 -27.03 -32.91 -8.74
C ARG B 147 -26.91 -31.66 -7.89
N THR B 148 -28.05 -31.00 -7.70
CA THR B 148 -28.15 -29.87 -6.79
C THR B 148 -28.35 -30.36 -5.34
N GLU B 149 -28.01 -29.47 -4.41
CA GLU B 149 -28.16 -29.71 -2.98
C GLU B 149 -29.57 -30.20 -2.59
N ASP B 150 -30.62 -29.64 -3.19
CA ASP B 150 -31.99 -30.05 -2.87
C ASP B 150 -32.28 -31.48 -3.22
N ILE B 151 -31.52 -32.04 -4.15
CA ILE B 151 -31.70 -33.43 -4.53
C ILE B 151 -30.81 -34.31 -3.65
N ILE B 152 -29.58 -33.87 -3.46
CA ILE B 152 -28.57 -34.66 -2.76
C ILE B 152 -28.89 -34.91 -1.28
N ILE B 153 -29.28 -33.87 -0.55
CA ILE B 153 -29.56 -34.03 0.87
C ILE B 153 -30.65 -35.09 1.13
N PRO B 154 -31.86 -34.92 0.55
CA PRO B 154 -32.88 -35.96 0.77
C PRO B 154 -32.53 -37.31 0.14
N LEU B 155 -31.81 -37.32 -0.98
CA LEU B 155 -31.40 -38.58 -1.59
C LEU B 155 -30.46 -39.36 -0.63
N GLU B 156 -29.48 -38.67 -0.09
CA GLU B 156 -28.57 -39.21 0.93
C GLU B 156 -29.29 -39.79 2.15
N LYS B 157 -30.26 -39.07 2.68
CA LYS B 157 -31.05 -39.58 3.80
C LYS B 157 -31.79 -40.86 3.42
N GLU B 158 -32.32 -40.90 2.20
CA GLU B 158 -33.01 -42.06 1.68
C GLU B 158 -32.06 -43.26 1.53
N GLN B 159 -30.89 -43.01 0.93
CA GLN B 159 -29.88 -44.05 0.82
C GLN B 159 -29.54 -44.62 2.20
N LEU B 160 -29.33 -43.76 3.18
CA LEU B 160 -28.98 -44.24 4.52
C LEU B 160 -30.16 -44.97 5.15
N ALA B 161 -31.37 -44.45 4.95
CA ALA B 161 -32.56 -45.07 5.50
C ALA B 161 -32.73 -46.51 5.01
N SER B 162 -32.30 -46.79 3.79
CA SER B 162 -32.44 -48.13 3.22
C SER B 162 -31.61 -49.17 3.96
N LEU B 163 -30.73 -48.74 4.85
CA LEU B 163 -29.85 -49.65 5.55
C LEU B 163 -30.36 -49.98 6.95
N LYS B 164 -31.40 -49.25 7.39
CA LYS B 164 -31.89 -49.35 8.76
C LYS B 164 -32.66 -50.62 9.12
N GLY B 165 -33.05 -51.43 8.14
CA GLY B 165 -33.78 -52.66 8.43
C GLY B 165 -32.89 -53.89 8.56
N SER B 166 -31.59 -53.64 8.68
CA SER B 166 -30.60 -54.70 8.80
C SER B 166 -29.66 -54.31 9.94
N THR B 167 -28.91 -55.27 10.45
CA THR B 167 -27.86 -54.97 11.43
C THR B 167 -26.52 -55.38 10.89
N VAL B 168 -26.50 -55.85 9.63
CA VAL B 168 -25.26 -56.27 8.98
C VAL B 168 -25.36 -56.08 7.45
N LYS B 169 -24.23 -55.78 6.84
CA LYS B 169 -24.16 -55.52 5.40
C LYS B 169 -22.79 -55.88 4.87
N SER B 170 -22.77 -56.37 3.63
CA SER B 170 -21.53 -56.52 2.88
C SER B 170 -21.19 -55.16 2.26
N ILE B 171 -20.07 -54.56 2.69
CA ILE B 171 -19.67 -53.24 2.23
C ILE B 171 -18.30 -53.30 1.53
N TYR B 172 -18.20 -52.69 0.36
CA TYR B 172 -16.92 -52.69 -0.35
C TYR B 172 -15.82 -51.99 0.45
N ARG B 173 -14.60 -52.47 0.32
CA ARG B 173 -13.43 -51.77 0.85
C ARG B 173 -12.89 -50.87 -0.22
N PHE B 174 -11.86 -50.09 0.09
CA PHE B 174 -11.45 -49.03 -0.81
C PHE B 174 -9.96 -48.73 -0.70
N ASP B 175 -9.32 -48.53 -1.85
CA ASP B 175 -7.93 -48.16 -1.90
C ASP B 175 -7.77 -46.67 -2.20
N ASP B 176 -7.30 -45.91 -1.20
CA ASP B 176 -7.16 -44.46 -1.31
C ASP B 176 -6.07 -44.01 -2.27
N LYS B 177 -5.10 -44.87 -2.55
CA LYS B 177 -4.01 -44.50 -3.43
C LYS B 177 -4.52 -44.40 -4.87
N LYS B 178 -5.30 -45.39 -5.29
CA LYS B 178 -5.80 -45.45 -6.65
C LYS B 178 -7.26 -45.04 -6.78
N ASN B 179 -7.94 -44.88 -5.64
CA ASN B 179 -9.37 -44.58 -5.60
C ASN B 179 -10.19 -45.62 -6.38
N VAL B 180 -10.07 -46.89 -5.98
CA VAL B 180 -10.82 -47.97 -6.59
C VAL B 180 -11.42 -48.89 -5.54
N ILE B 181 -12.56 -49.48 -5.88
CA ILE B 181 -13.29 -50.41 -5.02
C ILE B 181 -12.51 -51.70 -4.81
N LEU B 182 -12.52 -52.21 -3.59
CA LEU B 182 -11.86 -53.47 -3.27
C LEU B 182 -12.86 -54.45 -2.68
N SER B 183 -12.43 -55.69 -2.48
CA SER B 183 -13.34 -56.74 -2.04
C SER B 183 -14.02 -56.39 -0.72
N PRO B 184 -15.30 -56.75 -0.60
CA PRO B 184 -16.12 -56.35 0.52
C PRO B 184 -15.96 -57.20 1.77
N VAL B 185 -16.29 -56.59 2.90
CA VAL B 185 -16.25 -57.23 4.20
C VAL B 185 -17.62 -56.96 4.83
N TYR B 186 -17.96 -57.73 5.85
CA TYR B 186 -19.25 -57.57 6.50
C TYR B 186 -19.10 -56.58 7.63
N VAL B 187 -20.09 -55.69 7.76
CA VAL B 187 -20.08 -54.68 8.80
C VAL B 187 -21.34 -54.81 9.64
N ASN B 188 -21.17 -54.84 10.96
CA ASN B 188 -22.28 -54.95 11.88
C ASN B 188 -22.54 -53.61 12.54
N TYR B 189 -23.81 -53.26 12.66
CA TYR B 189 -24.18 -51.97 13.20
C TYR B 189 -25.60 -52.05 13.72
N ASN B 190 -25.95 -51.13 14.60
CA ASN B 190 -27.34 -50.99 15.01
C ASN B 190 -27.76 -49.53 14.89
N LYS B 191 -26.91 -48.74 14.25
CA LYS B 191 -27.13 -47.30 14.16
C LYS B 191 -26.74 -46.82 12.76
N VAL B 192 -27.64 -46.07 12.14
CA VAL B 192 -27.36 -45.47 10.85
C VAL B 192 -27.61 -43.98 10.95
N ARG B 193 -26.62 -43.19 10.55
CA ARG B 193 -26.66 -41.76 10.78
C ARG B 193 -26.06 -40.95 9.65
N THR B 194 -26.61 -39.78 9.43
CA THR B 194 -25.97 -38.79 8.59
C THR B 194 -24.79 -38.28 9.38
N GLU B 195 -23.87 -37.58 8.72
CA GLU B 195 -22.75 -36.97 9.42
C GLU B 195 -23.30 -35.93 10.38
N GLU B 196 -24.31 -35.20 9.93
CA GLU B 196 -24.93 -34.18 10.77
C GLU B 196 -25.40 -34.79 12.08
N GLU B 197 -26.10 -35.91 12.02
CA GLU B 197 -26.60 -36.54 13.24
C GLU B 197 -25.44 -36.96 14.13
N MET B 198 -24.41 -37.57 13.55
CA MET B 198 -23.30 -38.05 14.34
C MET B 198 -22.58 -36.88 15.00
N VAL B 199 -22.41 -35.79 14.27
CA VAL B 199 -21.68 -34.64 14.79
C VAL B 199 -22.46 -33.93 15.88
N LYS B 200 -23.76 -33.76 15.67
CA LYS B 200 -24.58 -33.07 16.64
C LYS B 200 -24.70 -33.87 17.93
N GLN B 201 -24.62 -35.19 17.82
CA GLN B 201 -24.68 -36.05 19.00
C GLN B 201 -23.41 -35.97 19.84
N HIS B 202 -22.38 -35.29 19.32
CA HIS B 202 -21.18 -34.98 20.09
C HIS B 202 -21.19 -33.52 20.55
N GLY B 203 -22.32 -32.84 20.39
CA GLY B 203 -22.46 -31.47 20.86
C GLY B 203 -21.77 -30.42 20.01
N ALA B 204 -21.50 -30.74 18.75
CA ALA B 204 -20.84 -29.80 17.84
C ALA B 204 -21.78 -29.30 16.74
N ASN B 205 -21.33 -28.34 15.94
CA ASN B 205 -22.16 -27.81 14.87
C ASN B 205 -21.80 -28.37 13.51
N TYR B 206 -22.71 -28.22 12.56
CA TYR B 206 -22.55 -28.83 11.27
C TYR B 206 -22.93 -27.85 10.19
N PHE B 207 -22.18 -27.87 9.10
CA PHE B 207 -22.53 -27.12 7.90
C PHE B 207 -22.10 -27.91 6.67
N ARG B 208 -22.98 -27.99 5.69
CA ARG B 208 -22.76 -28.82 4.52
C ARG B 208 -22.71 -27.99 3.27
N LEU B 209 -21.71 -28.26 2.44
CA LEU B 209 -21.73 -27.85 1.05
C LEU B 209 -21.56 -29.09 0.20
N THR B 210 -22.41 -29.26 -0.80
CA THR B 210 -22.38 -30.45 -1.62
C THR B 210 -21.47 -30.26 -2.85
N LEU B 211 -20.17 -30.19 -2.61
CA LEU B 211 -19.19 -29.96 -3.68
C LEU B 211 -18.79 -31.26 -4.36
N GLN B 212 -18.76 -31.24 -5.69
CA GLN B 212 -18.29 -32.36 -6.48
C GLN B 212 -16.78 -32.53 -6.28
N ASP B 213 -16.34 -33.77 -6.15
CA ASP B 213 -14.93 -34.07 -5.99
C ASP B 213 -14.22 -33.61 -7.26
N HIS B 214 -13.01 -33.09 -7.11
CA HIS B 214 -12.16 -32.70 -8.24
C HIS B 214 -12.35 -31.28 -8.78
N PHE B 215 -13.38 -30.58 -8.34
CA PHE B 215 -13.64 -29.25 -8.85
C PHE B 215 -13.69 -28.19 -7.75
N ARG B 216 -13.57 -26.95 -8.19
CA ARG B 216 -13.81 -25.79 -7.36
C ARG B 216 -15.28 -25.74 -7.02
N PRO B 217 -15.63 -24.97 -5.99
CA PRO B 217 -17.03 -24.69 -5.72
C PRO B 217 -17.60 -23.71 -6.73
N ASP B 218 -18.86 -23.90 -7.12
CA ASP B 218 -19.51 -22.92 -7.99
C ASP B 218 -19.81 -21.68 -7.18
N ASP B 219 -19.98 -20.56 -7.88
CA ASP B 219 -20.24 -19.27 -7.22
C ASP B 219 -21.34 -19.30 -6.16
N PRO B 220 -22.50 -19.93 -6.44
CA PRO B 220 -23.59 -19.94 -5.45
C PRO B 220 -23.22 -20.64 -4.13
N ASP B 221 -22.34 -21.63 -4.20
CA ASP B 221 -21.82 -22.30 -3.01
C ASP B 221 -20.79 -21.45 -2.26
N VAL B 222 -19.98 -20.71 -2.99
CA VAL B 222 -19.16 -19.67 -2.38
C VAL B 222 -20.06 -18.67 -1.62
N ASP B 223 -21.13 -18.17 -2.27
CA ASP B 223 -22.05 -17.24 -1.61
C ASP B 223 -22.62 -17.86 -0.32
N LYS B 224 -23.01 -19.13 -0.41
CA LYS B 224 -23.59 -19.84 0.73
C LYS B 224 -22.58 -20.02 1.85
N PHE B 225 -21.33 -20.32 1.50
CA PHE B 225 -20.28 -20.41 2.51
C PHE B 225 -20.05 -19.06 3.20
N LEU B 226 -20.02 -18.00 2.40
CA LEU B 226 -19.81 -16.65 2.93
C LEU B 226 -20.89 -16.18 3.89
N GLU B 227 -22.16 -16.48 3.58
CA GLU B 227 -23.26 -16.09 4.46
C GLU B 227 -23.17 -16.88 5.77
N PHE B 228 -22.73 -18.13 5.66
CA PHE B 228 -22.44 -18.94 6.84
C PHE B 228 -21.27 -18.34 7.64
N TYR B 229 -20.19 -18.01 6.95
CA TYR B 229 -18.99 -17.52 7.61
C TYR B 229 -19.28 -16.24 8.39
N LYS B 230 -19.96 -15.31 7.74
CA LYS B 230 -20.33 -14.04 8.34
C LYS B 230 -21.28 -14.20 9.51
N SER B 231 -21.98 -15.33 9.62
CA SER B 231 -22.95 -15.50 10.68
C SER B 231 -22.35 -16.19 11.90
N LEU B 232 -21.07 -16.54 11.82
CA LEU B 232 -20.39 -17.23 12.91
C LEU B 232 -20.14 -16.34 14.10
N PRO B 233 -20.14 -16.94 15.30
CA PRO B 233 -19.65 -16.23 16.43
C PRO B 233 -18.14 -16.06 16.31
N LYS B 234 -17.65 -15.01 16.93
CA LYS B 234 -16.26 -14.67 16.87
C LYS B 234 -15.30 -15.76 17.31
N ASP B 235 -15.71 -16.52 18.31
CA ASP B 235 -14.88 -17.56 18.90
C ASP B 235 -15.05 -18.90 18.16
N ALA B 236 -15.64 -18.87 16.97
CA ALA B 236 -15.96 -20.12 16.27
C ALA B 236 -14.70 -20.82 15.76
N TRP B 237 -14.71 -22.15 15.85
CA TRP B 237 -13.63 -22.95 15.30
C TRP B 237 -14.15 -23.74 14.10
N LEU B 238 -13.51 -23.57 12.95
CA LEU B 238 -13.90 -24.26 11.73
C LEU B 238 -12.99 -25.43 11.41
N HIS B 239 -13.60 -26.61 11.20
CA HIS B 239 -12.88 -27.75 10.69
C HIS B 239 -13.39 -28.11 9.32
N TYR B 240 -12.56 -27.91 8.30
CA TYR B 240 -12.92 -28.26 6.94
C TYR B 240 -12.54 -29.68 6.63
N HIS B 241 -13.42 -30.39 5.93
CA HIS B 241 -13.06 -31.68 5.42
C HIS B 241 -13.81 -32.06 4.15
N SER B 242 -13.16 -32.90 3.33
CA SER B 242 -13.76 -33.45 2.13
C SER B 242 -13.57 -34.97 2.24
N TYR B 243 -13.31 -35.67 1.14
CA TYR B 243 -12.98 -37.09 1.28
C TYR B 243 -11.52 -37.27 1.71
N ALA B 244 -10.60 -36.69 0.95
CA ALA B 244 -9.18 -36.97 1.15
C ALA B 244 -8.48 -35.92 1.98
N GLY B 245 -9.14 -34.79 2.21
CA GLY B 245 -8.52 -33.66 2.84
C GLY B 245 -7.48 -33.01 1.94
N MET B 246 -7.62 -33.22 0.63
CA MET B 246 -6.65 -32.71 -0.34
C MET B 246 -7.21 -31.53 -1.15
N GLY B 247 -7.86 -31.81 -2.29
CA GLY B 247 -8.36 -30.77 -3.17
C GLY B 247 -9.37 -29.80 -2.58
N ARG B 248 -10.60 -30.25 -2.36
CA ARG B 248 -11.65 -29.38 -1.86
C ARG B 248 -11.28 -28.78 -0.51
N THR B 249 -10.67 -29.57 0.36
CA THR B 249 -10.28 -29.12 1.70
C THR B 249 -9.25 -27.99 1.60
N THR B 250 -8.25 -28.14 0.75
CA THR B 250 -7.21 -27.12 0.62
C THR B 250 -7.77 -25.84 0.00
N ILE B 251 -8.71 -25.97 -0.93
CA ILE B 251 -9.37 -24.78 -1.47
C ILE B 251 -9.97 -23.97 -0.33
N PHE B 252 -10.64 -24.64 0.59
CA PHE B 252 -11.33 -23.92 1.65
C PHE B 252 -10.41 -23.42 2.76
N MET B 253 -9.32 -24.14 3.01
CA MET B 253 -8.30 -23.64 3.94
C MET B 253 -7.66 -22.36 3.40
N VAL B 254 -7.40 -22.33 2.09
CA VAL B 254 -6.91 -21.12 1.43
C VAL B 254 -7.94 -19.98 1.52
N MET B 255 -9.21 -20.29 1.31
CA MET B 255 -10.27 -19.27 1.43
C MET B 255 -10.32 -18.69 2.84
N HIS B 256 -10.27 -19.57 3.84
CA HIS B 256 -10.25 -19.15 5.23
C HIS B 256 -9.07 -18.21 5.50
N ASP B 257 -7.87 -18.66 5.12
CA ASP B 257 -6.65 -17.89 5.32
C ASP B 257 -6.83 -16.55 4.65
N ILE B 258 -7.38 -16.55 3.44
CA ILE B 258 -7.64 -15.31 2.71
C ILE B 258 -8.62 -14.37 3.45
N LEU B 259 -9.73 -14.93 3.95
CA LEU B 259 -10.71 -14.13 4.70
C LEU B 259 -10.12 -13.50 5.95
N LYS B 260 -9.20 -14.22 6.60
CA LYS B 260 -8.52 -13.70 7.78
C LYS B 260 -7.35 -12.76 7.48
N ASN B 261 -6.67 -12.96 6.35
CA ASN B 261 -5.34 -12.37 6.21
C ASN B 261 -5.02 -11.70 4.87
N ALA B 262 -5.98 -11.60 3.98
CA ALA B 262 -5.72 -11.02 2.67
C ALA B 262 -5.11 -9.61 2.76
N LYS B 263 -5.56 -8.83 3.74
CA LYS B 263 -5.10 -7.45 3.87
C LYS B 263 -3.60 -7.35 4.12
N ASP B 264 -3.05 -8.35 4.80
CA ASP B 264 -1.68 -8.29 5.30
C ASP B 264 -0.72 -9.26 4.61
N VAL B 265 -1.25 -10.31 3.98
CA VAL B 265 -0.44 -11.39 3.43
C VAL B 265 -0.73 -11.58 1.94
N SER B 266 0.30 -11.86 1.16
CA SER B 266 0.15 -11.98 -0.27
C SER B 266 -0.53 -13.29 -0.66
N PHE B 267 -1.15 -13.28 -1.83
CA PHE B 267 -1.76 -14.48 -2.37
C PHE B 267 -0.75 -15.64 -2.42
N ASP B 268 0.42 -15.38 -2.96
CA ASP B 268 1.42 -16.44 -3.10
C ASP B 268 1.83 -17.05 -1.77
N ASP B 269 1.91 -16.23 -0.73
CA ASP B 269 2.33 -16.73 0.57
C ASP B 269 1.25 -17.60 1.17
N ILE B 270 -0.01 -17.22 0.98
CA ILE B 270 -1.11 -18.03 1.47
C ILE B 270 -1.05 -19.41 0.82
N ILE B 271 -0.96 -19.43 -0.52
CA ILE B 271 -0.94 -20.69 -1.27
C ILE B 271 0.20 -21.59 -0.79
N GLN B 272 1.40 -21.04 -0.69
CA GLN B 272 2.55 -21.79 -0.20
C GLN B 272 2.37 -22.29 1.24
N ARG B 273 1.95 -21.41 2.15
CA ARG B 273 1.87 -21.84 3.54
C ARG B 273 0.81 -22.91 3.74
N GLN B 274 -0.28 -22.89 2.97
CA GLN B 274 -1.29 -23.96 3.09
C GLN B 274 -0.78 -25.29 2.53
N LYS B 275 0.22 -25.24 1.65
CA LYS B 275 0.89 -26.45 1.23
C LYS B 275 1.81 -26.93 2.33
N LEU B 276 2.59 -26.00 2.89
CA LEU B 276 3.55 -26.34 3.94
C LEU B 276 2.95 -26.98 5.20
N ILE B 277 1.74 -26.59 5.59
CA ILE B 277 1.09 -27.22 6.74
C ILE B 277 0.18 -28.38 6.32
N GLY B 278 0.00 -28.52 5.02
CA GLY B 278 -0.89 -29.54 4.49
C GLY B 278 -0.25 -30.45 3.48
N ILE B 279 -0.98 -30.66 2.38
CA ILE B 279 -0.66 -31.69 1.43
C ILE B 279 -0.71 -31.24 -0.04
N VAL B 280 -1.43 -30.14 -0.32
CA VAL B 280 -1.59 -29.68 -1.70
C VAL B 280 -1.18 -28.22 -1.93
N ASP B 281 -0.41 -28.02 -3.01
CA ASP B 281 -0.10 -26.69 -3.54
C ASP B 281 -1.02 -26.39 -4.72
N LEU B 282 -2.00 -25.52 -4.49
CA LEU B 282 -3.00 -25.26 -5.48
C LEU B 282 -2.42 -24.62 -6.74
N SER B 283 -1.23 -24.04 -6.65
CA SER B 283 -0.62 -23.41 -7.83
C SER B 283 0.09 -24.43 -8.72
N GLU B 284 0.23 -25.65 -8.23
CA GLU B 284 0.94 -26.69 -8.96
C GLU B 284 0.03 -27.42 -9.94
N ILE B 285 0.39 -27.30 -11.22
CA ILE B 285 -0.25 -28.07 -12.30
C ILE B 285 0.76 -29.11 -12.77
N PRO B 286 0.66 -30.32 -12.24
CA PRO B 286 1.70 -31.30 -12.53
C PRO B 286 1.63 -31.89 -13.95
N ASP B 287 2.77 -32.39 -14.41
CA ASP B 287 2.90 -32.99 -15.74
C ASP B 287 1.94 -34.16 -15.93
N LYS B 288 1.67 -34.89 -14.86
CA LYS B 288 0.77 -36.05 -14.95
C LYS B 288 -0.70 -35.66 -15.16
N LYS B 289 -1.07 -34.41 -14.89
CA LYS B 289 -2.45 -33.99 -15.16
C LYS B 289 -2.57 -33.50 -16.61
N LYS B 290 -3.46 -34.12 -17.37
CA LYS B 290 -3.63 -33.79 -18.79
C LYS B 290 -5.07 -33.50 -19.15
N ASN B 291 -5.27 -32.94 -20.34
CA ASN B 291 -6.60 -32.68 -20.88
C ASN B 291 -7.58 -32.25 -19.79
N TYR B 292 -8.63 -33.03 -19.54
CA TYR B 292 -9.67 -32.64 -18.58
C TYR B 292 -9.16 -32.37 -17.15
N GLY B 293 -8.42 -33.33 -16.59
CA GLY B 293 -7.88 -33.18 -15.24
C GLY B 293 -7.07 -31.91 -15.10
N ARG B 294 -6.23 -31.64 -16.09
CA ARG B 294 -5.45 -30.42 -16.15
C ARG B 294 -6.33 -29.17 -16.08
N LYS B 295 -7.41 -29.14 -16.85
CA LYS B 295 -8.36 -28.03 -16.84
C LYS B 295 -8.93 -27.79 -15.44
N ALA B 296 -9.27 -28.86 -14.74
CA ALA B 296 -9.82 -28.71 -13.39
C ALA B 296 -8.79 -28.10 -12.39
N TYR B 297 -7.52 -28.50 -12.49
CA TYR B 297 -6.52 -27.92 -11.59
C TYR B 297 -6.37 -26.44 -11.87
N ILE B 298 -6.37 -26.10 -13.15
CA ILE B 298 -6.27 -24.74 -13.59
C ILE B 298 -7.47 -23.93 -13.09
N GLU B 299 -8.66 -24.49 -13.30
CA GLU B 299 -9.88 -23.81 -12.91
C GLU B 299 -9.88 -23.52 -11.41
N ARG B 300 -9.47 -24.47 -10.58
CA ARG B 300 -9.51 -24.22 -9.15
C ARG B 300 -8.39 -23.27 -8.66
N TYR B 301 -7.23 -23.27 -9.31
CA TYR B 301 -6.20 -22.29 -8.97
C TYR B 301 -6.71 -20.89 -9.29
N GLN B 302 -7.27 -20.72 -10.47
CA GLN B 302 -7.78 -19.41 -10.84
C GLN B 302 -8.89 -19.01 -9.88
N PHE B 303 -9.65 -19.98 -9.37
CA PHE B 303 -10.72 -19.62 -8.46
C PHE B 303 -10.17 -18.92 -7.23
N VAL B 304 -9.16 -19.51 -6.61
CA VAL B 304 -8.63 -18.94 -5.37
C VAL B 304 -7.97 -17.58 -5.61
N GLN B 305 -7.44 -17.36 -6.82
CA GLN B 305 -6.95 -16.02 -7.21
C GLN B 305 -8.10 -14.99 -7.25
N HIS B 306 -9.22 -15.36 -7.82
CA HIS B 306 -10.34 -14.45 -7.92
C HIS B 306 -10.91 -14.19 -6.55
N PHE B 307 -10.99 -15.23 -5.73
CA PHE B 307 -11.50 -15.07 -4.37
C PHE B 307 -10.61 -14.15 -3.54
N TYR B 308 -9.30 -14.25 -3.73
CA TYR B 308 -8.35 -13.33 -3.10
C TYR B 308 -8.69 -11.87 -3.43
N ASP B 309 -8.78 -11.58 -4.74
CA ASP B 309 -9.09 -10.25 -5.25
C ASP B 309 -10.39 -9.72 -4.68
N TYR B 310 -11.38 -10.61 -4.55
CA TYR B 310 -12.68 -10.27 -4.02
C TYR B 310 -12.59 -9.85 -2.57
N VAL B 311 -11.83 -10.60 -1.78
CA VAL B 311 -11.69 -10.24 -0.38
C VAL B 311 -10.88 -8.96 -0.25
N LYS B 312 -9.85 -8.82 -1.08
CA LYS B 312 -9.04 -7.62 -1.11
C LYS B 312 -9.87 -6.39 -1.44
N GLU B 313 -10.73 -6.52 -2.43
CA GLU B 313 -11.54 -5.39 -2.89
C GLU B 313 -12.75 -5.15 -2.01
N ASN B 314 -13.24 -6.21 -1.36
CA ASN B 314 -14.43 -6.13 -0.53
C ASN B 314 -14.21 -6.64 0.89
N PRO B 315 -13.40 -5.92 1.66
CA PRO B 315 -13.10 -6.35 3.02
C PRO B 315 -14.36 -6.41 3.89
N ASP B 316 -15.41 -5.68 3.54
CA ASP B 316 -16.65 -5.74 4.31
C ASP B 316 -17.53 -6.91 3.88
N LEU B 317 -17.13 -7.62 2.82
CA LEU B 317 -17.92 -8.74 2.31
C LEU B 317 -19.39 -8.39 2.08
N LYS B 318 -19.67 -7.15 1.70
CA LYS B 318 -21.03 -6.69 1.50
C LYS B 318 -21.58 -7.20 0.15
N THR B 319 -20.92 -6.81 -0.94
CA THR B 319 -21.29 -7.33 -2.24
C THR B 319 -21.07 -8.84 -2.27
N PRO B 320 -22.07 -9.59 -2.70
CA PRO B 320 -21.84 -11.02 -2.76
C PRO B 320 -20.74 -11.40 -3.76
N TYR B 321 -20.07 -12.53 -3.52
CA TYR B 321 -19.01 -12.99 -4.42
C TYR B 321 -19.51 -13.14 -5.85
N SER B 322 -20.69 -13.77 -5.98
CA SER B 322 -21.26 -14.07 -7.28
C SER B 322 -21.53 -12.78 -8.06
N VAL B 323 -21.97 -11.76 -7.35
CA VAL B 323 -22.26 -10.48 -7.98
C VAL B 323 -20.96 -9.76 -8.38
N TRP B 324 -19.95 -9.82 -7.52
CA TRP B 324 -18.64 -9.26 -7.85
C TRP B 324 -18.00 -10.03 -9.01
N ALA B 325 -18.18 -11.34 -9.02
CA ALA B 325 -17.52 -12.18 -10.02
C ALA B 325 -18.11 -11.94 -11.39
N LYS B 326 -19.44 -11.82 -11.44
CA LYS B 326 -20.15 -11.49 -12.66
C LYS B 326 -19.66 -10.14 -13.21
N LYS B 327 -19.69 -9.12 -12.37
CA LYS B 327 -19.26 -7.80 -12.81
C LYS B 327 -17.84 -7.82 -13.37
N ASN B 328 -16.97 -8.67 -12.81
CA ASN B 328 -15.57 -8.73 -13.23
C ASN B 328 -15.28 -9.82 -14.28
N LYS B 329 -16.34 -10.49 -14.71
CA LYS B 329 -16.29 -11.49 -15.79
C LYS B 329 -15.45 -12.71 -15.46
N VAL B 330 -15.43 -13.08 -14.19
CA VAL B 330 -14.69 -14.25 -13.73
C VAL B 330 -15.61 -15.17 -12.95
N ASN B 331 -16.91 -15.05 -13.23
CA ASN B 331 -17.95 -15.87 -12.61
C ASN B 331 -18.00 -17.27 -13.19
N SER B 332 -18.44 -18.23 -12.37
CA SER B 332 -18.69 -19.57 -12.86
C SER B 332 -20.02 -19.52 -13.62
N TRP B 333 -20.22 -20.47 -14.51
CA TRP B 333 -21.39 -20.44 -15.36
C TRP B 333 -22.57 -21.03 -14.61
N GLU B 334 -23.69 -20.34 -14.71
N GLU B 334 -23.69 -20.34 -14.69
CA GLU B 334 -24.96 -20.77 -14.12
CA GLU B 334 -24.93 -20.82 -14.09
C GLU B 334 -26.06 -20.72 -15.16
C GLU B 334 -26.06 -20.72 -15.12
N PRO B 335 -27.00 -21.68 -15.11
CA PRO B 335 -28.11 -21.60 -16.06
C PRO B 335 -29.03 -20.42 -15.75
N ASP B 336 -29.64 -19.87 -16.79
CA ASP B 336 -30.57 -18.75 -16.63
C ASP B 336 -31.99 -19.25 -16.92
N TYR B 337 -32.83 -19.31 -15.90
CA TYR B 337 -34.18 -19.88 -16.03
C TYR B 337 -35.25 -18.83 -16.33
N ASN B 338 -34.83 -17.60 -16.56
CA ASN B 338 -35.79 -16.53 -16.78
C ASN B 338 -36.51 -16.63 -18.11
N GLY B 339 -37.78 -16.25 -18.10
CA GLY B 339 -38.60 -16.29 -19.29
C GLY B 339 -37.99 -15.44 -20.39
N TYR B 340 -38.14 -15.89 -21.63
CA TYR B 340 -37.65 -15.17 -22.77
C TYR B 340 -38.63 -15.18 -23.94
N ILE B 341 -39.80 -15.80 -23.79
CA ILE B 341 -40.76 -15.87 -24.89
C ILE B 341 -42.16 -16.15 -24.41
N TRP B 342 -43.14 -15.54 -25.09
CA TRP B 342 -44.53 -15.87 -24.85
C TRP B 342 -44.87 -17.18 -25.56
N ARG B 343 -45.18 -18.17 -24.76
CA ARG B 343 -45.56 -19.47 -25.26
C ARG B 343 -47.07 -19.50 -25.38
N LEU B 344 -47.56 -20.04 -26.49
CA LEU B 344 -48.97 -20.33 -26.66
C LEU B 344 -49.28 -21.67 -25.99
N ASP B 345 -49.87 -21.63 -24.80
CA ASP B 345 -50.20 -22.85 -24.05
C ASP B 345 -51.36 -23.60 -24.69
N THR B 346 -52.39 -22.86 -25.09
CA THR B 346 -53.53 -23.49 -25.72
C THR B 346 -54.35 -22.46 -26.50
N LYS B 347 -54.70 -22.83 -27.71
CA LYS B 347 -55.43 -21.95 -28.59
C LYS B 347 -56.89 -21.85 -28.19
N ASP B 348 -57.45 -20.66 -28.33
CA ASP B 348 -58.86 -20.43 -28.11
C ASP B 348 -59.67 -21.31 -29.05
N ARG B 349 -60.41 -22.25 -28.48
CA ARG B 349 -61.17 -23.22 -29.25
C ARG B 349 -62.37 -23.71 -28.44
N ASN B 350 -63.45 -24.01 -29.14
CA ASN B 350 -64.69 -24.44 -28.49
C ASN B 350 -64.75 -25.93 -28.24
N GLN B 351 -63.96 -26.39 -27.27
CA GLN B 351 -63.87 -27.80 -26.92
C GLN B 351 -63.31 -27.90 -25.50
N LEU B 352 -63.51 -29.03 -24.83
CA LEU B 352 -62.90 -29.27 -23.52
C LEU B 352 -61.39 -29.17 -23.63
N PRO B 353 -60.75 -28.59 -22.58
CA PRO B 353 -59.31 -28.45 -22.58
C PRO B 353 -58.63 -29.80 -22.57
N ARG B 354 -57.37 -29.82 -22.96
CA ARG B 354 -56.64 -31.06 -23.08
C ARG B 354 -56.63 -31.79 -21.74
N ASN B 355 -56.61 -33.12 -21.78
CA ASN B 355 -56.53 -33.98 -20.59
C ASN B 355 -57.63 -33.73 -19.55
N PHE B 356 -58.79 -33.27 -20.00
CA PHE B 356 -59.90 -32.98 -19.09
C PHE B 356 -60.47 -34.28 -18.52
N ARG B 357 -60.76 -34.31 -17.22
CA ARG B 357 -61.45 -35.44 -16.62
C ARG B 357 -62.10 -35.10 -15.28
N THR B 358 -63.21 -35.77 -15.00
CA THR B 358 -63.82 -35.70 -13.68
C THR B 358 -63.76 -37.08 -13.07
N MET B 359 -64.06 -37.17 -11.78
CA MET B 359 -64.09 -38.44 -11.09
C MET B 359 -65.29 -39.31 -11.51
N ASN B 360 -66.12 -38.78 -12.41
CA ASN B 360 -67.18 -39.58 -13.04
C ASN B 360 -66.85 -39.92 -14.50
N SER B 361 -65.59 -39.72 -14.89
CA SER B 361 -65.16 -39.96 -16.26
C SER B 361 -64.78 -41.42 -16.48
N ALA B 362 -64.75 -41.78 -17.76
CA ALA B 362 -64.36 -43.13 -18.16
C ALA B 362 -62.87 -43.35 -17.97
N PHE B 363 -62.50 -44.59 -17.65
CA PHE B 363 -61.11 -44.99 -17.68
C PHE B 363 -60.62 -44.98 -19.12
N ARG B 364 -59.36 -44.59 -19.29
CA ARG B 364 -58.76 -44.49 -20.60
C ARG B 364 -58.56 -45.89 -21.21
N THR B 365 -58.45 -45.95 -22.53
CA THR B 365 -58.25 -47.23 -23.22
C THR B 365 -56.82 -47.39 -23.75
N ASP B 366 -56.01 -46.34 -23.61
CA ASP B 366 -54.64 -46.36 -24.11
C ASP B 366 -53.61 -46.54 -22.99
N VAL B 367 -53.86 -47.50 -22.11
CA VAL B 367 -52.97 -47.76 -21.00
C VAL B 367 -51.57 -48.16 -21.49
N ASN B 368 -50.55 -47.50 -20.97
CA ASN B 368 -49.17 -47.85 -21.28
C ASN B 368 -48.45 -48.22 -20.00
N VAL B 369 -48.38 -49.51 -19.70
CA VAL B 369 -47.85 -49.99 -18.42
C VAL B 369 -46.44 -49.46 -18.16
N LYS B 370 -45.70 -49.17 -19.22
CA LYS B 370 -44.32 -48.70 -19.08
C LYS B 370 -44.25 -47.25 -18.55
N LYS B 371 -45.39 -46.57 -18.56
CA LYS B 371 -45.49 -45.22 -18.01
C LYS B 371 -46.21 -45.25 -16.67
N THR B 372 -46.36 -46.44 -16.11
CA THR B 372 -46.95 -46.55 -14.78
C THR B 372 -45.83 -46.67 -13.77
N GLY B 373 -46.01 -47.50 -12.75
CA GLY B 373 -44.98 -47.66 -11.74
C GLY B 373 -45.44 -48.50 -10.57
N LYS B 374 -44.75 -48.38 -9.44
CA LYS B 374 -45.05 -49.22 -8.29
C LYS B 374 -46.50 -49.10 -7.88
N GLY B 375 -47.18 -50.25 -7.82
CA GLY B 375 -48.55 -50.33 -7.35
C GLY B 375 -49.61 -50.26 -8.45
N PHE B 376 -49.20 -50.20 -9.71
CA PHE B 376 -50.20 -50.05 -10.76
C PHE B 376 -51.10 -51.28 -10.90
N THR B 377 -52.41 -51.02 -10.96
CA THR B 377 -53.36 -52.05 -11.38
C THR B 377 -54.27 -51.48 -12.45
N PRO B 378 -54.63 -52.30 -13.45
CA PRO B 378 -55.53 -51.82 -14.49
C PRO B 378 -56.99 -51.84 -14.05
N THR B 379 -57.25 -52.35 -12.85
CA THR B 379 -58.62 -52.42 -12.33
C THR B 379 -58.69 -51.95 -10.89
N PRO B 380 -58.36 -50.69 -10.63
CA PRO B 380 -58.46 -50.18 -9.26
C PRO B 380 -59.93 -49.95 -8.89
N THR B 381 -60.21 -49.92 -7.59
CA THR B 381 -61.56 -49.59 -7.10
C THR B 381 -61.91 -48.15 -7.50
N ARG B 382 -63.19 -47.90 -7.73
CA ARG B 382 -63.66 -46.54 -7.94
C ARG B 382 -64.34 -46.06 -6.66
N LYS B 383 -64.14 -46.81 -5.58
CA LYS B 383 -64.73 -46.44 -4.31
C LYS B 383 -64.40 -45.01 -3.95
N GLY B 384 -65.44 -44.21 -3.68
CA GLY B 384 -65.27 -42.86 -3.15
C GLY B 384 -65.32 -41.78 -4.21
N LEU B 385 -65.24 -42.19 -5.47
CA LEU B 385 -65.18 -41.24 -6.57
C LEU B 385 -66.51 -40.55 -6.82
N ASP B 386 -67.60 -41.21 -6.45
CA ASP B 386 -68.92 -40.63 -6.64
C ASP B 386 -69.09 -39.36 -5.80
N THR B 387 -68.44 -39.31 -4.65
CA THR B 387 -68.51 -38.13 -3.77
C THR B 387 -67.17 -37.41 -3.61
N LEU B 388 -66.25 -37.70 -4.51
CA LEU B 388 -65.01 -36.93 -4.64
C LEU B 388 -65.25 -35.88 -5.71
N TYR B 389 -65.59 -34.67 -5.29
CA TYR B 389 -65.96 -33.62 -6.21
C TYR B 389 -64.72 -32.93 -6.79
N MET B 390 -64.15 -33.54 -7.82
CA MET B 390 -62.86 -33.10 -8.32
C MET B 390 -62.74 -33.37 -9.80
N SER B 391 -62.04 -32.47 -10.49
CA SER B 391 -61.72 -32.67 -11.88
C SER B 391 -60.31 -32.13 -12.10
N GLY B 392 -59.78 -32.34 -13.30
CA GLY B 392 -58.49 -31.79 -13.67
C GLY B 392 -58.34 -31.64 -15.18
N SER B 393 -57.45 -30.75 -15.60
CA SER B 393 -57.19 -30.57 -17.01
C SER B 393 -55.89 -29.83 -17.21
N ALA B 394 -55.51 -29.69 -18.48
CA ALA B 394 -54.46 -28.75 -18.88
C ALA B 394 -55.01 -27.35 -18.77
N GLU B 395 -54.15 -26.37 -19.02
CA GLU B 395 -54.56 -24.98 -19.04
C GLU B 395 -55.71 -24.82 -20.04
N PHE B 396 -56.51 -23.77 -19.88
CA PHE B 396 -57.63 -23.52 -20.77
C PHE B 396 -57.61 -22.10 -21.35
N SER B 397 -58.00 -22.02 -22.62
CA SER B 397 -58.33 -20.76 -23.26
C SER B 397 -59.75 -20.38 -22.86
N ASN B 398 -60.22 -19.24 -23.33
CA ASN B 398 -61.59 -18.84 -23.05
C ASN B 398 -62.57 -19.89 -23.59
N GLY B 399 -62.36 -20.31 -24.84
CA GLY B 399 -63.26 -21.25 -25.48
C GLY B 399 -63.33 -22.57 -24.74
N GLU B 400 -62.21 -22.98 -24.17
CA GLU B 400 -62.15 -24.24 -23.44
C GLU B 400 -62.80 -24.11 -22.07
N LEU B 401 -62.77 -22.90 -21.49
CA LEU B 401 -63.46 -22.67 -20.23
C LEU B 401 -64.96 -22.69 -20.44
N GLN B 402 -65.42 -22.18 -21.57
CA GLN B 402 -66.85 -22.16 -21.89
C GLN B 402 -67.37 -23.59 -22.08
N ALA B 403 -66.56 -24.44 -22.70
CA ALA B 403 -66.96 -25.82 -22.89
C ALA B 403 -66.95 -26.56 -21.55
N MET B 404 -66.10 -26.14 -20.62
CA MET B 404 -66.02 -26.79 -19.31
C MET B 404 -67.23 -26.48 -18.45
N LEU B 405 -67.64 -25.21 -18.45
CA LEU B 405 -68.66 -24.69 -17.54
C LEU B 405 -69.90 -25.58 -17.39
N PRO B 406 -70.57 -25.92 -18.51
CA PRO B 406 -71.79 -26.71 -18.40
C PRO B 406 -71.53 -28.12 -17.89
N VAL B 407 -70.37 -28.67 -18.23
CA VAL B 407 -70.02 -29.99 -17.75
C VAL B 407 -69.85 -30.02 -16.24
N LEU B 408 -69.10 -29.05 -15.70
CA LEU B 408 -68.87 -29.00 -14.25
C LEU B 408 -70.15 -28.65 -13.50
N LYS B 409 -70.90 -27.67 -14.01
CA LYS B 409 -72.14 -27.25 -13.37
C LYS B 409 -73.16 -28.39 -13.38
N GLN B 410 -73.06 -29.26 -14.37
CA GLN B 410 -73.87 -30.47 -14.41
C GLN B 410 -73.51 -31.42 -13.26
N GLN B 411 -72.22 -31.58 -12.97
CA GLN B 411 -71.77 -32.58 -11.99
C GLN B 411 -71.58 -32.04 -10.58
N ALA B 412 -71.39 -30.72 -10.45
CA ALA B 412 -71.09 -30.12 -9.14
C ALA B 412 -72.32 -30.03 -8.24
N LYS B 413 -72.11 -30.28 -6.95
CA LYS B 413 -73.17 -30.19 -5.95
C LYS B 413 -72.91 -29.03 -4.99
N GLY B 414 -71.97 -28.17 -5.35
CA GLY B 414 -71.59 -27.08 -4.49
C GLY B 414 -70.75 -26.10 -5.29
N PRO B 415 -70.12 -25.16 -4.60
CA PRO B 415 -69.36 -24.15 -5.32
C PRO B 415 -68.14 -24.74 -6.03
N ILE B 416 -67.82 -24.19 -7.18
CA ILE B 416 -66.72 -24.68 -7.99
C ILE B 416 -65.52 -23.78 -7.84
N TYR B 417 -64.36 -24.38 -7.57
CA TYR B 417 -63.10 -23.64 -7.46
C TYR B 417 -62.11 -24.08 -8.53
N ILE B 418 -61.59 -23.12 -9.28
CA ILE B 418 -60.48 -23.38 -10.20
C ILE B 418 -59.17 -23.25 -9.43
N MET B 419 -58.43 -24.35 -9.33
CA MET B 419 -57.19 -24.37 -8.58
C MET B 419 -56.01 -24.31 -9.53
N ASP B 420 -55.51 -23.10 -9.78
CA ASP B 420 -54.41 -22.89 -10.71
C ASP B 420 -53.09 -23.21 -9.99
N LEU B 421 -52.37 -24.22 -10.48
CA LEU B 421 -51.18 -24.70 -9.78
C LEU B 421 -49.87 -24.19 -10.38
N ARG B 422 -49.94 -23.17 -11.21
CA ARG B 422 -48.76 -22.75 -11.98
C ARG B 422 -47.91 -21.66 -11.32
N GLN B 423 -46.63 -21.96 -11.10
CA GLN B 423 -45.71 -20.92 -10.60
C GLN B 423 -45.36 -19.98 -11.73
N GLU B 424 -45.20 -20.55 -12.93
CA GLU B 424 -44.84 -19.75 -14.09
C GLU B 424 -45.90 -18.71 -14.42
N THR B 425 -45.45 -17.60 -14.96
CA THR B 425 -46.34 -16.49 -15.30
C THR B 425 -47.16 -16.82 -16.55
N HIS B 426 -48.47 -16.69 -16.44
CA HIS B 426 -49.36 -16.96 -17.55
C HIS B 426 -50.57 -16.05 -17.51
N GLY B 427 -51.39 -16.17 -18.55
CA GLY B 427 -52.57 -15.33 -18.70
C GLY B 427 -53.27 -15.62 -20.01
N VAL B 428 -54.01 -14.64 -20.50
CA VAL B 428 -54.81 -14.79 -21.70
C VAL B 428 -54.59 -13.65 -22.71
N PHE B 429 -54.11 -13.98 -23.90
CA PHE B 429 -53.99 -12.99 -24.99
C PHE B 429 -55.02 -13.30 -26.08
N ASN B 430 -55.88 -12.33 -26.38
CA ASN B 430 -56.87 -12.51 -27.44
C ASN B 430 -57.61 -13.86 -27.32
N GLY B 431 -57.90 -14.28 -26.09
CA GLY B 431 -58.66 -15.50 -25.88
C GLY B 431 -57.79 -16.75 -25.73
N ASN B 432 -56.50 -16.61 -26.02
CA ASN B 432 -55.59 -17.74 -25.99
C ASN B 432 -54.86 -17.82 -24.67
N ALA B 433 -54.65 -19.03 -24.16
CA ALA B 433 -53.84 -19.21 -22.95
C ALA B 433 -52.38 -19.10 -23.33
N VAL B 434 -51.64 -18.26 -22.62
CA VAL B 434 -50.21 -18.03 -22.89
C VAL B 434 -49.42 -18.03 -21.60
N SER B 435 -48.10 -18.20 -21.72
CA SER B 435 -47.20 -18.13 -20.58
C SER B 435 -45.83 -17.55 -20.95
N TRP B 436 -45.16 -16.96 -19.95
CA TRP B 436 -43.84 -16.42 -20.11
C TRP B 436 -42.86 -17.57 -19.88
N TYR B 437 -42.32 -18.12 -20.95
CA TYR B 437 -41.58 -19.37 -20.89
C TYR B 437 -40.10 -19.10 -20.75
N GLY B 438 -39.49 -19.73 -19.74
CA GLY B 438 -38.04 -19.77 -19.62
C GLY B 438 -37.56 -21.21 -19.65
N LEU B 439 -36.25 -21.42 -19.65
CA LEU B 439 -35.69 -22.76 -19.69
C LEU B 439 -36.32 -23.65 -18.60
N ARG B 440 -36.69 -24.86 -18.99
CA ARG B 440 -37.42 -25.80 -18.14
C ARG B 440 -38.77 -25.29 -17.61
N ASP B 441 -39.32 -24.26 -18.24
CA ASP B 441 -40.53 -23.63 -17.74
C ASP B 441 -40.35 -23.19 -16.28
N TRP B 442 -39.14 -22.75 -15.92
CA TRP B 442 -38.88 -22.30 -14.55
C TRP B 442 -38.73 -20.78 -14.46
N GLY B 443 -39.55 -20.06 -15.22
CA GLY B 443 -39.50 -18.60 -15.25
C GLY B 443 -39.63 -17.87 -13.93
N ASN B 444 -40.27 -18.51 -12.95
CA ASN B 444 -40.48 -17.89 -11.64
C ASN B 444 -39.89 -18.70 -10.51
N LEU B 445 -38.87 -19.50 -10.83
CA LEU B 445 -38.16 -20.33 -9.86
C LEU B 445 -37.63 -19.43 -8.75
N GLY B 446 -37.84 -19.84 -7.51
CA GLY B 446 -37.33 -19.10 -6.36
C GLY B 446 -38.26 -18.01 -5.87
N LYS B 447 -39.25 -17.65 -6.67
CA LYS B 447 -40.17 -16.60 -6.29
C LYS B 447 -41.25 -17.10 -5.34
N ASN B 448 -41.64 -16.26 -4.38
CA ASN B 448 -42.80 -16.52 -3.56
C ASN B 448 -44.07 -16.10 -4.31
N LYS B 449 -45.23 -16.36 -3.72
CA LYS B 449 -46.50 -16.14 -4.40
C LYS B 449 -46.72 -14.67 -4.75
N ALA B 450 -46.45 -13.79 -3.79
CA ALA B 450 -46.60 -12.35 -4.00
C ALA B 450 -45.76 -11.88 -5.19
N GLU B 451 -44.52 -12.35 -5.27
CA GLU B 451 -43.62 -11.98 -6.36
C GLU B 451 -44.08 -12.55 -7.71
N VAL B 452 -44.60 -13.77 -7.70
CA VAL B 452 -45.16 -14.40 -8.91
C VAL B 452 -46.31 -13.56 -9.45
N LEU B 453 -47.23 -13.18 -8.58
CA LEU B 453 -48.41 -12.39 -9.02
C LEU B 453 -48.00 -11.00 -9.52
N LYS B 454 -47.05 -10.39 -8.82
CA LYS B 454 -46.49 -9.11 -9.22
C LYS B 454 -45.83 -9.17 -10.61
N ASP B 455 -45.04 -10.21 -10.83
CA ASP B 455 -44.42 -10.43 -12.15
C ASP B 455 -45.50 -10.64 -13.21
N GLU B 456 -46.49 -11.43 -12.86
CA GLU B 456 -47.56 -11.79 -13.78
C GLU B 456 -48.36 -10.58 -14.20
N ASN B 457 -48.79 -9.77 -13.24
CA ASN B 457 -49.55 -8.57 -13.57
C ASN B 457 -48.73 -7.61 -14.41
N SER B 458 -47.47 -7.45 -14.03
CA SER B 458 -46.57 -6.51 -14.70
C SER B 458 -46.34 -6.90 -16.16
N ARG B 459 -46.02 -8.16 -16.40
CA ARG B 459 -45.73 -8.60 -17.77
C ARG B 459 -46.98 -8.62 -18.65
N LEU B 460 -48.12 -9.03 -18.09
CA LEU B 460 -49.36 -9.07 -18.88
C LEU B 460 -49.76 -7.64 -19.31
N ASN B 461 -49.71 -6.70 -18.37
CA ASN B 461 -50.02 -5.30 -18.66
C ASN B 461 -49.10 -4.72 -19.72
N ALA B 462 -47.82 -5.06 -19.65
CA ALA B 462 -46.83 -4.50 -20.56
C ALA B 462 -47.00 -5.06 -21.96
N ALA B 463 -47.73 -6.17 -22.08
CA ALA B 463 -47.93 -6.81 -23.38
C ALA B 463 -49.10 -6.19 -24.16
N ARG B 464 -50.02 -5.54 -23.45
CA ARG B 464 -51.24 -5.02 -24.05
C ARG B 464 -50.97 -3.95 -25.11
N GLY B 465 -51.49 -4.19 -26.31
CA GLY B 465 -51.30 -3.27 -27.44
C GLY B 465 -49.99 -3.45 -28.18
N LYS B 466 -49.13 -4.33 -27.70
CA LYS B 466 -47.86 -4.58 -28.35
C LYS B 466 -48.03 -5.59 -29.47
N SER B 467 -47.04 -5.70 -30.34
CA SER B 467 -46.98 -6.78 -31.32
C SER B 467 -45.84 -7.72 -30.94
N LEU B 468 -46.18 -8.94 -30.55
CA LEU B 468 -45.22 -9.86 -29.95
C LEU B 468 -45.30 -11.24 -30.59
N ILE B 469 -44.21 -11.99 -30.43
CA ILE B 469 -44.18 -13.40 -30.79
C ILE B 469 -44.94 -14.20 -29.73
N VAL B 470 -45.90 -14.99 -30.18
CA VAL B 470 -46.62 -15.91 -29.30
C VAL B 470 -46.64 -17.24 -30.01
N ALA B 471 -45.78 -18.15 -29.57
CA ALA B 471 -45.48 -19.32 -30.36
C ALA B 471 -45.77 -20.58 -29.59
N GLU B 472 -46.23 -21.59 -30.33
CA GLU B 472 -46.28 -22.93 -29.82
C GLU B 472 -44.85 -23.48 -29.86
N LEU B 473 -44.49 -24.25 -28.85
CA LEU B 473 -43.15 -24.84 -28.77
C LEU B 473 -43.16 -26.28 -29.20
N ASP B 474 -42.14 -26.67 -29.96
CA ASP B 474 -42.03 -28.05 -30.41
C ASP B 474 -41.43 -28.92 -29.31
N LYS B 475 -41.19 -30.18 -29.65
CA LYS B 475 -40.66 -31.17 -28.72
C LYS B 475 -39.32 -30.76 -28.13
N ASP B 476 -38.60 -29.90 -28.85
CA ASP B 476 -37.31 -29.39 -28.37
C ASP B 476 -37.42 -28.01 -27.69
N LYS B 477 -38.65 -27.55 -27.46
CA LYS B 477 -38.91 -26.27 -26.82
C LYS B 477 -38.46 -25.09 -27.69
N MET B 478 -38.46 -25.30 -29.00
CA MET B 478 -38.15 -24.24 -29.94
C MET B 478 -39.45 -23.81 -30.60
N PRO B 479 -39.58 -22.51 -30.90
CA PRO B 479 -40.84 -22.00 -31.43
C PRO B 479 -41.13 -22.49 -32.86
N ILE B 480 -42.40 -22.78 -33.13
CA ILE B 480 -42.86 -23.22 -34.46
C ILE B 480 -43.41 -22.05 -35.28
N ASP B 481 -42.78 -21.77 -36.42
CA ASP B 481 -43.28 -20.71 -37.30
C ASP B 481 -43.55 -19.42 -36.55
N PRO B 482 -42.60 -18.98 -35.74
CA PRO B 482 -42.88 -17.75 -34.99
C PRO B 482 -43.18 -16.56 -35.91
N LYS B 483 -44.27 -15.86 -35.61
CA LYS B 483 -44.65 -14.61 -36.28
C LYS B 483 -45.26 -13.67 -35.26
N PRO B 484 -44.95 -12.38 -35.37
CA PRO B 484 -45.51 -11.45 -34.39
C PRO B 484 -47.02 -11.32 -34.58
N VAL B 485 -47.75 -11.23 -33.47
CA VAL B 485 -49.19 -11.02 -33.52
C VAL B 485 -49.56 -9.83 -32.65
N LYS B 486 -50.58 -9.09 -33.06
CA LYS B 486 -51.02 -7.95 -32.29
C LYS B 486 -51.80 -8.41 -31.06
N ILE B 487 -51.42 -7.91 -29.90
CA ILE B 487 -52.11 -8.29 -28.67
C ILE B 487 -53.19 -7.26 -28.37
N GLU B 488 -54.44 -7.64 -28.62
CA GLU B 488 -55.58 -6.73 -28.47
C GLU B 488 -56.14 -6.79 -27.05
N SER B 489 -56.49 -7.99 -26.59
CA SER B 489 -57.02 -8.14 -25.23
C SER B 489 -56.12 -8.98 -24.33
N VAL B 490 -56.02 -8.56 -23.07
CA VAL B 490 -55.20 -9.22 -22.08
C VAL B 490 -55.99 -9.40 -20.79
N MET B 491 -55.98 -10.63 -20.26
CA MET B 491 -56.53 -10.93 -18.93
C MET B 491 -55.65 -11.91 -18.16
N THR B 492 -55.68 -11.82 -16.83
CA THR B 492 -55.19 -12.89 -16.00
C THR B 492 -56.22 -13.99 -16.09
N GLU B 493 -55.82 -15.20 -15.73
CA GLU B 493 -56.77 -16.30 -15.63
C GLU B 493 -57.81 -16.03 -14.53
N GLN B 494 -57.40 -15.39 -13.45
CA GLN B 494 -58.34 -15.06 -12.39
C GLN B 494 -59.50 -14.21 -12.89
N GLN B 495 -59.20 -13.20 -13.72
CA GLN B 495 -60.22 -12.33 -14.30
C GLN B 495 -61.15 -13.11 -15.20
N LEU B 496 -60.56 -13.96 -16.05
CA LEU B 496 -61.34 -14.79 -16.93
C LEU B 496 -62.28 -15.72 -16.15
N VAL B 497 -61.75 -16.36 -15.11
CA VAL B 497 -62.53 -17.32 -14.34
C VAL B 497 -63.67 -16.65 -13.57
N GLU B 498 -63.38 -15.52 -12.93
CA GLU B 498 -64.34 -14.88 -12.04
C GLU B 498 -65.43 -14.18 -12.86
N LYS B 499 -65.04 -13.71 -14.03
CA LYS B 499 -65.96 -13.12 -15.00
C LYS B 499 -66.99 -14.15 -15.46
N ASN B 500 -66.62 -15.43 -15.39
CA ASN B 500 -67.55 -16.51 -15.71
C ASN B 500 -68.19 -17.14 -14.47
N GLY B 501 -68.07 -16.45 -13.35
CA GLY B 501 -68.82 -16.80 -12.14
C GLY B 501 -68.28 -17.99 -11.38
N LEU B 502 -66.96 -18.18 -11.41
CA LEU B 502 -66.33 -19.26 -10.66
C LEU B 502 -65.34 -18.68 -9.68
N HIS B 503 -64.97 -19.46 -8.66
CA HIS B 503 -63.97 -19.03 -7.71
C HIS B 503 -62.58 -19.45 -8.20
N TYR B 504 -61.56 -18.71 -7.76
CA TYR B 504 -60.20 -18.93 -8.21
C TYR B 504 -59.28 -19.03 -7.00
N TYR B 505 -58.32 -19.93 -7.07
CA TYR B 505 -57.27 -19.97 -6.08
C TYR B 505 -55.98 -20.32 -6.80
N ARG B 506 -54.88 -19.74 -6.34
CA ARG B 506 -53.59 -19.91 -6.99
C ARG B 506 -52.62 -20.56 -6.04
N ILE B 507 -51.95 -21.61 -6.50
CA ILE B 507 -50.79 -22.17 -5.80
C ILE B 507 -49.65 -22.20 -6.80
N ALA B 508 -48.56 -21.52 -6.44
CA ALA B 508 -47.47 -21.32 -7.37
C ALA B 508 -46.52 -22.50 -7.32
N ALA B 509 -46.90 -23.62 -7.94
CA ALA B 509 -46.08 -24.82 -7.92
C ALA B 509 -45.14 -24.83 -9.10
N THR B 510 -43.87 -25.16 -8.84
CA THR B 510 -42.86 -25.20 -9.90
C THR B 510 -43.14 -26.37 -10.82
N ASP B 511 -43.03 -26.16 -12.13
CA ASP B 511 -43.21 -27.20 -13.13
C ASP B 511 -42.14 -28.32 -13.01
N HIS B 512 -42.56 -29.58 -13.21
CA HIS B 512 -41.67 -30.76 -13.27
C HIS B 512 -41.32 -31.40 -11.92
N ILE B 513 -41.58 -30.70 -10.83
CA ILE B 513 -41.10 -31.17 -9.56
C ILE B 513 -42.22 -31.40 -8.58
N TRP B 514 -41.92 -32.17 -7.55
CA TRP B 514 -42.84 -32.47 -6.47
C TRP B 514 -43.25 -31.18 -5.72
N PRO B 515 -44.55 -30.96 -5.58
CA PRO B 515 -44.98 -29.74 -4.90
C PRO B 515 -44.27 -29.55 -3.56
N SER B 516 -43.75 -28.35 -3.32
CA SER B 516 -43.01 -28.07 -2.11
C SER B 516 -43.89 -28.27 -0.89
N ALA B 517 -43.26 -28.35 0.26
CA ALA B 517 -43.96 -28.49 1.53
C ALA B 517 -44.92 -27.33 1.78
N ALA B 518 -44.46 -26.11 1.51
CA ALA B 518 -45.29 -24.92 1.68
C ALA B 518 -46.49 -24.93 0.74
N ASN B 519 -46.28 -25.39 -0.49
CA ASN B 519 -47.37 -25.51 -1.46
C ASN B 519 -48.40 -26.58 -1.08
N ILE B 520 -47.94 -27.66 -0.47
CA ILE B 520 -48.86 -28.69 -0.02
C ILE B 520 -49.64 -28.21 1.20
N ASP B 521 -48.96 -27.59 2.15
CA ASP B 521 -49.61 -27.00 3.32
C ASP B 521 -50.67 -25.99 2.91
N GLU B 522 -50.32 -25.13 1.96
CA GLU B 522 -51.26 -24.16 1.44
C GLU B 522 -52.54 -24.87 0.91
N PHE B 523 -52.40 -25.98 0.21
CA PHE B 523 -53.59 -26.68 -0.27
C PHE B 523 -54.36 -27.29 0.90
N ILE B 524 -53.63 -27.87 1.84
CA ILE B 524 -54.27 -28.45 3.01
C ILE B 524 -55.05 -27.36 3.77
N ASN B 525 -54.41 -26.23 4.03
CA ASN B 525 -55.09 -25.12 4.66
C ASN B 525 -56.33 -24.69 3.87
N PHE B 526 -56.27 -24.77 2.55
CA PHE B 526 -57.44 -24.44 1.74
C PHE B 526 -58.61 -25.39 2.03
N THR B 527 -58.34 -26.70 2.04
CA THR B 527 -59.38 -27.70 2.27
C THR B 527 -60.00 -27.56 3.65
N ARG B 528 -59.23 -27.03 4.60
CA ARG B 528 -59.71 -26.90 5.97
C ARG B 528 -60.69 -25.75 6.15
N THR B 529 -60.67 -24.79 5.24
CA THR B 529 -61.57 -23.64 5.36
C THR B 529 -62.61 -23.59 4.26
N MET B 530 -62.52 -24.48 3.29
CA MET B 530 -63.48 -24.50 2.19
C MET B 530 -64.74 -25.27 2.56
N PRO B 531 -65.80 -25.07 1.79
CA PRO B 531 -67.06 -25.73 2.04
C PRO B 531 -66.95 -27.22 1.76
N ALA B 532 -67.73 -27.96 2.54
CA ALA B 532 -67.87 -29.40 2.44
C ALA B 532 -67.93 -29.92 1.01
N ASN B 533 -68.90 -29.41 0.27
CA ASN B 533 -69.15 -29.90 -1.07
C ASN B 533 -68.53 -29.07 -2.16
N ALA B 534 -67.45 -28.39 -1.85
CA ALA B 534 -66.70 -27.66 -2.86
C ALA B 534 -66.21 -28.65 -3.93
N TRP B 535 -66.32 -28.23 -5.18
CA TRP B 535 -65.83 -29.00 -6.31
C TRP B 535 -64.51 -28.38 -6.75
N LEU B 536 -63.43 -29.17 -6.71
CA LEU B 536 -62.11 -28.63 -7.04
C LEU B 536 -61.72 -29.05 -8.42
N HIS B 537 -61.42 -28.08 -9.27
CA HIS B 537 -60.85 -28.36 -10.58
C HIS B 537 -59.39 -27.95 -10.64
N PHE B 538 -58.50 -28.94 -10.62
CA PHE B 538 -57.08 -28.67 -10.69
C PHE B 538 -56.60 -28.52 -12.12
N HIS B 539 -55.68 -27.58 -12.33
CA HIS B 539 -55.02 -27.51 -13.63
C HIS B 539 -53.62 -26.93 -13.51
N SER B 540 -52.76 -27.34 -14.43
CA SER B 540 -51.43 -26.76 -14.56
C SER B 540 -51.24 -26.38 -16.03
N GLN B 541 -50.03 -26.57 -16.57
CA GLN B 541 -49.79 -26.28 -17.98
C GLN B 541 -50.38 -27.42 -18.78
N ALA B 542 -49.99 -28.65 -18.45
CA ALA B 542 -50.37 -29.83 -19.23
C ALA B 542 -51.43 -30.74 -18.58
N GLY B 543 -51.82 -30.46 -17.34
CA GLY B 543 -52.78 -31.31 -16.66
C GLY B 543 -52.19 -32.67 -16.36
N ALA B 544 -50.87 -32.73 -16.27
CA ALA B 544 -50.18 -34.00 -16.03
C ALA B 544 -49.48 -34.05 -14.64
N GLY B 545 -48.23 -33.60 -14.57
CA GLY B 545 -47.43 -33.72 -13.35
C GLY B 545 -48.02 -33.09 -12.11
N ARG B 546 -48.09 -31.76 -12.09
CA ARG B 546 -48.64 -31.04 -10.93
C ARG B 546 -50.12 -31.30 -10.68
N THR B 547 -50.94 -31.27 -11.72
CA THR B 547 -52.36 -31.52 -11.58
C THR B 547 -52.67 -32.89 -10.95
N THR B 548 -52.05 -33.93 -11.48
CA THR B 548 -52.32 -35.31 -11.06
C THR B 548 -51.80 -35.58 -9.65
N ALA B 549 -50.68 -34.94 -9.29
CA ALA B 549 -50.16 -35.04 -7.93
C ALA B 549 -51.16 -34.51 -6.90
N TYR B 550 -51.70 -33.31 -7.16
CA TYR B 550 -52.66 -32.68 -6.25
C TYR B 550 -53.98 -33.45 -6.23
N MET B 551 -54.42 -33.94 -7.39
CA MET B 551 -55.62 -34.79 -7.44
C MET B 551 -55.42 -36.09 -6.64
N ALA B 552 -54.24 -36.72 -6.77
CA ALA B 552 -53.93 -37.92 -5.98
C ALA B 552 -53.86 -37.60 -4.49
N MET B 553 -53.28 -36.46 -4.14
CA MET B 553 -53.20 -36.07 -2.73
C MET B 553 -54.57 -35.78 -2.11
N TYR B 554 -55.47 -35.15 -2.86
CA TYR B 554 -56.83 -34.93 -2.36
C TYR B 554 -57.64 -36.24 -2.30
N ASP B 555 -57.49 -37.08 -3.33
CA ASP B 555 -58.16 -38.37 -3.37
C ASP B 555 -57.81 -39.15 -2.11
N MET B 556 -56.52 -39.18 -1.79
CA MET B 556 -56.07 -39.86 -0.58
C MET B 556 -56.72 -39.29 0.69
N MET B 557 -56.71 -37.96 0.78
CA MET B 557 -57.22 -37.26 1.96
C MET B 557 -58.67 -37.62 2.21
N LYS B 558 -59.43 -37.76 1.14
CA LYS B 558 -60.85 -37.97 1.25
C LYS B 558 -61.20 -39.45 1.29
N ASN B 559 -60.29 -40.29 0.80
CA ASN B 559 -60.50 -41.75 0.77
C ASN B 559 -59.32 -42.55 1.32
N PRO B 560 -58.99 -42.35 2.62
CA PRO B 560 -57.80 -42.96 3.22
C PRO B 560 -57.90 -44.49 3.36
N ASP B 561 -59.04 -45.05 3.03
CA ASP B 561 -59.22 -46.49 3.13
C ASP B 561 -59.03 -47.17 1.76
N VAL B 562 -58.67 -46.37 0.76
CA VAL B 562 -58.27 -46.89 -0.53
C VAL B 562 -56.74 -46.91 -0.63
N SER B 563 -56.18 -48.00 -1.15
CA SER B 563 -54.74 -48.20 -1.17
C SER B 563 -54.03 -47.17 -2.04
N LEU B 564 -52.75 -46.93 -1.75
CA LEU B 564 -51.96 -46.01 -2.54
C LEU B 564 -52.04 -46.40 -4.01
N GLY B 565 -51.78 -47.67 -4.29
CA GLY B 565 -51.77 -48.18 -5.65
C GLY B 565 -53.05 -47.90 -6.42
N ASP B 566 -54.18 -48.04 -5.74
CA ASP B 566 -55.48 -47.82 -6.38
C ASP B 566 -55.70 -46.35 -6.69
N ILE B 567 -55.31 -45.49 -5.75
CA ILE B 567 -55.41 -44.05 -5.93
C ILE B 567 -54.60 -43.62 -7.14
N LEU B 568 -53.32 -43.98 -7.16
CA LEU B 568 -52.44 -43.64 -8.29
C LEU B 568 -52.91 -44.26 -9.59
N SER B 569 -53.32 -45.53 -9.53
CA SER B 569 -53.82 -46.22 -10.71
C SER B 569 -55.05 -45.56 -11.31
N ARG B 570 -56.04 -45.23 -10.49
CA ARG B 570 -57.27 -44.62 -11.04
C ARG B 570 -57.07 -43.19 -11.49
N GLN B 571 -56.22 -42.44 -10.78
CA GLN B 571 -55.89 -41.10 -11.23
C GLN B 571 -55.20 -41.16 -12.59
N TYR B 572 -54.37 -42.19 -12.77
CA TYR B 572 -53.74 -42.38 -14.08
C TYR B 572 -54.79 -42.77 -15.12
N LEU B 573 -55.62 -43.76 -14.79
CA LEU B 573 -56.63 -44.25 -15.72
C LEU B 573 -57.64 -43.18 -16.11
N LEU B 574 -57.95 -42.27 -15.19
CA LEU B 574 -58.93 -41.21 -15.48
C LEU B 574 -58.33 -40.13 -16.39
N GLY B 575 -57.03 -40.20 -16.62
CA GLY B 575 -56.41 -39.36 -17.65
C GLY B 575 -55.24 -38.53 -17.18
N GLY B 576 -54.80 -38.77 -15.95
CA GLY B 576 -53.60 -38.13 -15.41
C GLY B 576 -52.38 -38.93 -15.80
N ASN B 577 -51.23 -38.60 -15.23
CA ASN B 577 -50.09 -39.48 -15.37
C ASN B 577 -49.97 -40.35 -14.14
N TYR B 578 -48.90 -41.13 -14.04
CA TYR B 578 -48.66 -41.93 -12.85
C TYR B 578 -47.66 -41.24 -11.94
N VAL B 579 -48.10 -40.84 -10.74
CA VAL B 579 -47.34 -39.94 -9.89
C VAL B 579 -46.02 -40.56 -9.46
N ALA B 580 -45.99 -41.89 -9.39
CA ALA B 580 -44.80 -42.60 -8.93
C ALA B 580 -43.98 -43.16 -10.08
N TYR B 581 -44.14 -42.58 -11.27
CA TYR B 581 -43.32 -42.98 -12.41
C TYR B 581 -41.84 -42.71 -12.14
N GLU B 582 -40.99 -43.68 -12.46
CA GLU B 582 -39.54 -43.46 -12.43
C GLU B 582 -38.95 -43.92 -13.75
N ILE B 583 -37.87 -43.26 -14.17
CA ILE B 583 -37.20 -43.67 -15.40
C ILE B 583 -36.40 -44.94 -15.13
N ALA B 584 -36.66 -45.95 -15.96
CA ALA B 584 -36.08 -47.28 -15.78
C ALA B 584 -34.55 -47.23 -15.81
N LYS B 585 -33.98 -46.86 -16.95
CA LYS B 585 -32.52 -46.74 -17.10
C LYS B 585 -32.17 -45.41 -17.76
N PRO B 586 -32.05 -44.39 -16.94
CA PRO B 586 -31.90 -43.00 -17.27
C PRO B 586 -30.60 -42.66 -17.94
N LYS B 587 -30.73 -42.09 -19.12
CA LYS B 587 -29.60 -41.64 -19.87
C LYS B 587 -29.20 -40.25 -19.36
N PRO B 588 -28.01 -39.77 -19.76
CA PRO B 588 -27.45 -38.47 -19.36
C PRO B 588 -28.32 -37.26 -19.66
N ASP B 589 -29.05 -37.26 -20.78
CA ASP B 589 -29.87 -36.12 -21.16
C ASP B 589 -31.22 -36.05 -20.45
N GLN B 590 -31.56 -37.07 -19.67
CA GLN B 590 -32.89 -37.15 -19.03
C GLN B 590 -32.85 -36.51 -17.66
N TRP B 591 -32.83 -35.19 -17.66
CA TRP B 591 -32.62 -34.44 -16.43
C TRP B 591 -33.74 -34.63 -15.42
N LYS B 592 -34.91 -35.03 -15.87
CA LYS B 592 -36.07 -35.20 -14.99
C LYS B 592 -35.98 -36.41 -14.08
N ALA B 593 -35.02 -37.29 -14.34
CA ALA B 593 -34.95 -38.56 -13.61
C ALA B 593 -35.02 -38.39 -12.10
N ASP B 594 -34.14 -37.57 -11.55
CA ASP B 594 -34.08 -37.35 -10.12
C ASP B 594 -35.40 -36.75 -9.57
N TYR B 595 -36.10 -35.98 -10.39
CA TYR B 595 -37.32 -35.30 -9.96
C TYR B 595 -38.51 -36.24 -9.94
N TYR B 596 -38.56 -37.17 -10.90
CA TYR B 596 -39.55 -38.25 -10.87
C TYR B 596 -39.30 -39.14 -9.65
N HIS B 597 -38.04 -39.44 -9.38
CA HIS B 597 -37.75 -40.32 -8.25
C HIS B 597 -38.22 -39.65 -6.97
N GLN B 598 -37.93 -38.37 -6.85
CA GLN B 598 -38.36 -37.59 -5.70
C GLN B 598 -39.89 -37.64 -5.54
N LYS B 599 -40.62 -37.52 -6.65
CA LYS B 599 -42.08 -37.66 -6.63
C LYS B 599 -42.50 -39.05 -6.16
N ALA B 600 -41.92 -40.08 -6.76
CA ALA B 600 -42.32 -41.44 -6.43
C ALA B 600 -42.18 -41.68 -4.95
N HIS B 601 -41.11 -41.11 -4.41
CA HIS B 601 -40.79 -41.23 -3.01
C HIS B 601 -41.74 -40.46 -2.11
N MET B 602 -41.98 -39.20 -2.47
CA MET B 602 -42.74 -38.31 -1.62
C MET B 602 -44.25 -38.60 -1.67
N ILE B 603 -44.74 -39.20 -2.74
CA ILE B 603 -46.17 -39.49 -2.81
C ILE B 603 -46.51 -40.62 -1.83
N GLU B 604 -45.59 -41.58 -1.65
CA GLU B 604 -45.74 -42.62 -0.65
C GLU B 604 -45.72 -42.03 0.75
N LYS B 605 -44.78 -41.12 0.99
CA LYS B 605 -44.69 -40.42 2.27
C LYS B 605 -45.98 -39.66 2.57
N PHE B 606 -46.53 -38.98 1.55
CA PHE B 606 -47.77 -38.23 1.76
C PHE B 606 -48.90 -39.18 2.10
N TYR B 607 -48.86 -40.38 1.53
CA TYR B 607 -49.87 -41.38 1.82
C TYR B 607 -49.86 -41.74 3.31
N GLN B 608 -48.66 -41.84 3.88
CA GLN B 608 -48.50 -42.19 5.27
C GLN B 608 -48.96 -41.03 6.15
N TYR B 609 -48.70 -39.82 5.68
CA TYR B 609 -49.16 -38.64 6.38
C TYR B 609 -50.69 -38.61 6.45
N VAL B 610 -51.33 -39.07 5.39
CA VAL B 610 -52.78 -39.08 5.39
C VAL B 610 -53.29 -40.11 6.38
N GLN B 611 -52.75 -41.32 6.30
CA GLN B 611 -53.07 -42.39 7.25
C GLN B 611 -53.00 -41.92 8.69
N GLU B 612 -51.95 -41.14 9.00
CA GLU B 612 -51.69 -40.74 10.38
C GLU B 612 -52.43 -39.47 10.82
N ASN B 613 -53.02 -38.72 9.88
CA ASN B 613 -53.58 -37.42 10.24
C ASN B 613 -54.98 -37.12 9.73
N HIS B 614 -55.57 -38.01 8.95
CA HIS B 614 -56.91 -37.76 8.46
C HIS B 614 -57.95 -37.80 9.60
N ALA B 615 -57.76 -38.69 10.57
CA ALA B 615 -58.75 -38.87 11.63
C ALA B 615 -59.11 -37.53 12.31
N ASP B 616 -58.13 -36.66 12.52
CA ASP B 616 -58.40 -35.38 13.20
C ASP B 616 -58.49 -34.16 12.27
N GLY B 617 -58.58 -34.38 10.96
CA GLY B 617 -58.74 -33.27 10.02
C GLY B 617 -57.46 -32.51 9.75
N PHE B 618 -56.34 -33.23 9.77
CA PHE B 618 -55.05 -32.70 9.36
C PHE B 618 -54.66 -31.48 10.17
N LYS B 619 -54.86 -31.59 11.49
CA LYS B 619 -54.48 -30.53 12.44
C LYS B 619 -52.99 -30.28 12.46
N THR B 620 -52.21 -31.35 12.39
CA THR B 620 -50.77 -31.26 12.21
C THR B 620 -50.49 -31.10 10.72
N SER B 621 -49.73 -30.07 10.37
CA SER B 621 -49.48 -29.79 8.97
C SER B 621 -48.46 -30.76 8.42
N TRP B 622 -48.44 -30.85 7.09
CA TRP B 622 -47.46 -31.64 6.34
C TRP B 622 -46.03 -31.22 6.63
N SER B 623 -45.78 -29.91 6.74
CA SER B 623 -44.45 -29.44 7.05
C SER B 623 -43.99 -29.96 8.41
N GLN B 624 -44.87 -29.85 9.41
CA GLN B 624 -44.56 -30.29 10.78
C GLN B 624 -44.32 -31.80 10.84
N TRP B 625 -45.15 -32.55 10.11
CA TRP B 625 -45.04 -34.01 10.07
C TRP B 625 -43.76 -34.49 9.37
N LEU B 626 -43.33 -33.76 8.34
CA LEU B 626 -42.06 -34.06 7.68
C LEU B 626 -40.90 -33.82 8.64
N ALA B 627 -40.98 -32.74 9.39
CA ALA B 627 -39.93 -32.41 10.35
C ALA B 627 -40.16 -33.10 11.70
N ALA B 628 -39.90 -34.40 11.77
CA ALA B 628 -40.08 -35.15 13.01
C ALA B 628 -39.54 -36.57 12.89
N PRO C 39 -6.26 55.59 8.32
CA PRO C 39 -5.78 55.74 9.70
C PRO C 39 -4.28 55.68 9.75
N ALA C 40 -3.71 56.21 10.83
CA ALA C 40 -2.26 56.31 10.98
C ALA C 40 -1.75 55.27 11.96
N VAL C 41 -0.47 54.94 11.79
CA VAL C 41 0.20 54.01 12.70
C VAL C 41 0.39 54.73 14.01
N VAL C 42 0.05 54.04 15.11
CA VAL C 42 0.30 54.56 16.46
C VAL C 42 1.76 54.32 16.86
N LYS C 43 2.46 55.37 17.28
CA LYS C 43 3.91 55.28 17.52
C LYS C 43 4.27 54.44 18.73
N ASN C 44 3.76 54.81 19.90
CA ASN C 44 4.00 54.02 21.10
C ASN C 44 2.68 53.47 21.63
N PRO C 45 2.24 52.34 21.07
CA PRO C 45 0.99 51.75 21.52
C PRO C 45 1.17 51.11 22.90
N PRO C 46 0.08 50.96 23.66
CA PRO C 46 0.26 50.27 24.93
C PRO C 46 0.76 48.85 24.72
N LYS C 47 1.31 48.24 25.77
CA LYS C 47 1.85 46.88 25.67
C LYS C 47 0.74 45.91 25.27
N LEU C 48 -0.46 46.16 25.76
CA LEU C 48 -1.63 45.33 25.44
C LEU C 48 -2.78 46.22 25.03
N ALA C 49 -3.11 46.21 23.74
CA ALA C 49 -4.07 47.14 23.18
C ALA C 49 -5.35 46.44 22.69
N LEU C 50 -6.50 46.97 23.10
CA LEU C 50 -7.77 46.46 22.61
C LEU C 50 -7.99 47.02 21.21
N LYS C 51 -8.13 46.15 20.22
CA LYS C 51 -8.26 46.62 18.85
C LYS C 51 -9.30 45.83 18.07
N ILE C 52 -9.63 46.35 16.89
CA ILE C 52 -10.65 45.73 16.06
C ILE C 52 -10.07 44.60 15.18
N ASP C 53 -10.62 43.39 15.32
CA ASP C 53 -10.25 42.25 14.47
C ASP C 53 -11.03 42.26 13.17
N ARG C 54 -12.35 42.32 13.29
CA ARG C 54 -13.24 42.35 12.13
C ARG C 54 -14.37 43.33 12.36
N ALA C 55 -14.46 44.32 11.47
CA ALA C 55 -15.63 45.18 11.38
C ALA C 55 -16.81 44.32 10.96
N ASP C 56 -18.01 44.67 11.41
CA ASP C 56 -19.19 43.82 11.16
C ASP C 56 -19.78 44.08 9.78
N VAL C 57 -19.51 43.17 8.86
CA VAL C 57 -19.86 43.35 7.46
C VAL C 57 -20.50 42.07 6.92
N ASN C 58 -21.58 42.22 6.13
CA ASN C 58 -22.25 41.08 5.51
C ASN C 58 -21.42 40.50 4.34
N GLN C 59 -20.58 39.53 4.66
CA GLN C 59 -19.68 38.96 3.67
C GLN C 59 -19.00 37.73 4.27
N LEU C 60 -18.42 36.90 3.43
CA LEU C 60 -17.53 35.87 3.90
C LEU C 60 -16.24 36.53 4.40
N PRO C 61 -15.62 35.96 5.43
CA PRO C 61 -14.42 36.56 5.99
C PRO C 61 -13.19 36.35 5.14
N ARG C 62 -12.11 36.97 5.57
CA ARG C 62 -10.83 36.88 4.92
C ARG C 62 -10.35 35.43 4.86
N ASN C 63 -9.85 35.02 3.70
CA ASN C 63 -9.22 33.71 3.54
C ASN C 63 -10.20 32.56 3.72
N PHE C 64 -11.46 32.80 3.41
CA PHE C 64 -12.44 31.74 3.52
C PHE C 64 -12.19 30.69 2.44
N ARG C 65 -12.22 29.43 2.82
CA ARG C 65 -12.24 28.37 1.81
C ARG C 65 -12.95 27.16 2.35
N MET C 66 -13.49 26.37 1.43
CA MET C 66 -14.08 25.07 1.76
C MET C 66 -13.17 23.97 1.25
N GLY C 67 -13.19 22.83 1.93
CA GLY C 67 -12.33 21.70 1.55
C GLY C 67 -12.56 21.23 0.14
N SER C 68 -13.75 21.52 -0.39
CA SER C 68 -14.15 21.12 -1.74
C SER C 68 -13.88 22.18 -2.80
N ASP C 69 -13.27 23.30 -2.41
CA ASP C 69 -12.98 24.36 -3.37
C ASP C 69 -12.03 23.91 -4.48
N LYS C 70 -12.13 24.57 -5.63
CA LYS C 70 -11.23 24.29 -6.75
C LYS C 70 -9.83 24.83 -6.44
N TYR C 71 -8.84 24.28 -7.14
CA TYR C 71 -7.47 24.74 -7.00
C TYR C 71 -7.36 26.12 -7.62
N VAL C 72 -6.60 27.00 -6.97
CA VAL C 72 -6.27 28.29 -7.55
C VAL C 72 -4.75 28.40 -7.57
N GLY C 73 -4.17 28.82 -8.69
CA GLY C 73 -2.72 28.96 -8.83
C GLY C 73 -2.09 27.67 -9.34
N VAL C 74 -0.76 27.57 -9.22
CA VAL C 74 -0.01 26.40 -9.71
C VAL C 74 0.95 25.88 -8.67
N THR C 75 1.41 24.64 -8.85
CA THR C 75 2.53 24.13 -8.07
C THR C 75 3.86 24.41 -8.79
N LYS C 76 4.95 24.31 -8.04
CA LYS C 76 6.26 24.56 -8.60
C LYS C 76 6.60 23.65 -9.79
N THR C 77 6.01 22.47 -9.82
CA THR C 77 6.28 21.49 -10.90
C THR C 77 5.33 21.65 -12.09
N GLY C 78 4.25 22.39 -11.87
CA GLY C 78 3.17 22.46 -12.85
C GLY C 78 2.24 21.26 -12.81
N ILE C 79 2.51 20.32 -11.92
CA ILE C 79 1.66 19.14 -11.76
C ILE C 79 0.76 19.32 -10.55
N MET C 80 -0.54 19.13 -10.76
CA MET C 80 -1.50 19.27 -9.67
C MET C 80 -1.56 18.02 -8.83
N PRO C 81 -1.70 18.16 -7.52
CA PRO C 81 -1.93 17.01 -6.68
C PRO C 81 -3.34 16.45 -6.88
N THR C 82 -3.49 15.15 -6.64
CA THR C 82 -4.78 14.49 -6.69
C THR C 82 -5.78 15.23 -5.80
N ARG C 83 -7.04 15.25 -6.22
CA ARG C 83 -8.11 15.85 -5.44
C ARG C 83 -8.81 14.79 -4.59
N LYS C 84 -8.29 13.57 -4.62
CA LYS C 84 -8.99 12.46 -3.96
C LYS C 84 -9.34 12.74 -2.51
N GLY C 85 -10.62 12.61 -2.19
CA GLY C 85 -11.10 12.73 -0.83
C GLY C 85 -11.44 14.14 -0.41
N MET C 86 -11.13 15.14 -1.24
CA MET C 86 -11.31 16.53 -0.85
C MET C 86 -12.77 16.95 -0.69
N ASP C 87 -13.66 16.35 -1.47
CA ASP C 87 -15.04 16.82 -1.51
C ASP C 87 -15.95 16.29 -0.39
N THR C 88 -15.48 15.28 0.35
CA THR C 88 -16.28 14.66 1.40
C THR C 88 -15.73 14.89 2.81
N MET C 89 -14.90 15.92 2.95
CA MET C 89 -14.24 16.18 4.23
C MET C 89 -15.13 16.99 5.14
N ASN C 90 -16.04 17.76 4.55
CA ASN C 90 -17.04 18.52 5.31
C ASN C 90 -16.40 19.58 6.20
N VAL C 91 -15.59 20.42 5.58
CA VAL C 91 -14.70 21.30 6.31
C VAL C 91 -14.60 22.65 5.61
N SER C 92 -14.48 23.72 6.39
CA SER C 92 -14.15 25.04 5.86
C SER C 92 -13.19 25.72 6.83
N ALA C 93 -12.63 26.85 6.42
CA ALA C 93 -11.67 27.59 7.23
C ALA C 93 -11.62 29.06 6.81
N SER C 94 -11.09 29.90 7.69
CA SER C 94 -11.04 31.33 7.40
C SER C 94 -10.29 32.05 8.47
N SER C 95 -10.17 33.37 8.31
CA SER C 95 -9.77 34.27 9.36
C SER C 95 -10.84 34.29 10.44
N CYS C 96 -10.58 35.04 11.50
CA CYS C 96 -11.61 35.32 12.46
C CYS C 96 -12.71 36.10 11.74
N PHE C 97 -13.91 36.04 12.31
CA PHE C 97 -15.10 36.59 11.67
C PHE C 97 -15.89 37.50 12.61
N SER C 98 -16.49 38.54 12.04
CA SER C 98 -17.53 39.31 12.71
C SER C 98 -18.81 38.47 12.74
N GLU C 99 -19.84 38.97 13.41
CA GLU C 99 -21.09 38.22 13.53
C GLU C 99 -21.74 38.04 12.18
N LYS C 100 -21.85 39.12 11.41
CA LYS C 100 -22.38 39.05 10.06
C LYS C 100 -21.52 38.13 9.18
N GLU C 101 -20.22 38.11 9.38
CA GLU C 101 -19.39 37.17 8.63
C GLU C 101 -19.68 35.72 9.02
N LEU C 102 -19.95 35.48 10.30
CA LEU C 102 -20.35 34.14 10.72
C LEU C 102 -21.68 33.76 10.08
N GLU C 103 -22.62 34.69 10.05
CA GLU C 103 -23.93 34.46 9.43
C GLU C 103 -23.74 34.10 7.95
N ALA C 104 -22.83 34.80 7.28
CA ALA C 104 -22.54 34.49 5.88
C ALA C 104 -21.92 33.11 5.77
N ILE C 105 -21.07 32.75 6.74
CA ILE C 105 -20.50 31.40 6.75
C ILE C 105 -21.59 30.33 6.93
N LEU C 106 -22.45 30.51 7.93
CA LEU C 106 -23.49 29.55 8.25
C LEU C 106 -24.41 29.31 7.07
N LYS C 107 -24.72 30.38 6.35
CA LYS C 107 -25.61 30.31 5.19
C LYS C 107 -24.96 29.49 4.07
N LYS C 108 -23.66 29.72 3.86
CA LYS C 108 -22.97 29.11 2.75
C LYS C 108 -22.78 27.60 2.90
N VAL C 109 -22.41 27.15 4.08
CA VAL C 109 -22.10 25.72 4.25
C VAL C 109 -23.37 24.88 4.21
N PRO C 110 -23.30 23.67 3.65
CA PRO C 110 -24.48 22.85 3.46
C PRO C 110 -24.86 22.01 4.68
N VAL C 111 -24.99 22.67 5.82
CA VAL C 111 -25.51 22.04 7.01
C VAL C 111 -26.30 23.06 7.79
N LYS C 112 -27.07 22.58 8.75
CA LYS C 112 -27.74 23.42 9.71
C LYS C 112 -26.77 23.82 10.80
N PRO C 113 -27.06 24.93 11.50
CA PRO C 113 -26.19 25.35 12.58
C PRO C 113 -25.90 24.22 13.58
N SER C 114 -26.89 23.39 13.88
CA SER C 114 -26.69 22.30 14.85
C SER C 114 -25.58 21.31 14.49
N GLN C 115 -25.20 21.27 13.21
CA GLN C 115 -24.12 20.37 12.76
C GLN C 115 -22.78 21.09 12.58
N PHE C 116 -22.76 22.38 12.84
CA PHE C 116 -21.60 23.23 12.56
C PHE C 116 -20.77 23.39 13.82
N TYR C 117 -19.47 23.16 13.69
CA TYR C 117 -18.53 23.34 14.81
C TYR C 117 -17.49 24.40 14.48
N ASP C 118 -17.53 25.48 15.25
CA ASP C 118 -16.55 26.53 15.17
C ASP C 118 -15.31 26.10 15.95
N VAL C 119 -14.21 25.86 15.25
CA VAL C 119 -12.98 25.52 15.94
C VAL C 119 -12.09 26.74 16.05
N ASP C 120 -12.09 27.31 17.25
CA ASP C 120 -11.44 28.56 17.54
C ASP C 120 -10.04 28.33 18.05
N LEU C 121 -9.04 28.59 17.20
CA LEU C 121 -7.66 28.23 17.49
C LEU C 121 -6.89 29.35 18.19
N ARG C 122 -7.59 30.43 18.51
CA ARG C 122 -6.91 31.63 19.00
C ARG C 122 -6.62 31.59 20.49
N GLY C 123 -5.33 31.61 20.83
CA GLY C 123 -4.87 31.68 22.22
C GLY C 123 -4.92 33.09 22.77
N GLU C 124 -4.82 34.09 21.89
CA GLU C 124 -5.02 35.50 22.24
C GLU C 124 -6.45 35.79 22.75
N SER C 125 -6.57 36.70 23.72
CA SER C 125 -7.89 37.07 24.25
C SER C 125 -8.71 37.81 23.20
N HIS C 126 -9.94 37.35 22.99
CA HIS C 126 -10.81 37.97 21.99
C HIS C 126 -12.27 37.83 22.35
N GLY C 127 -13.09 38.63 21.69
CA GLY C 127 -14.53 38.56 21.87
C GLY C 127 -15.30 39.48 20.94
N TYR C 128 -16.51 39.84 21.34
CA TYR C 128 -17.44 40.57 20.46
C TYR C 128 -18.10 41.71 21.21
N LEU C 129 -18.07 42.89 20.57
CA LEU C 129 -18.91 44.03 20.95
C LEU C 129 -19.99 44.19 19.88
N ASN C 130 -21.23 43.94 20.26
CA ASN C 130 -22.28 43.64 19.30
C ASN C 130 -21.74 42.61 18.30
N GLY C 131 -21.68 42.95 17.01
CA GLY C 131 -21.17 42.02 16.00
C GLY C 131 -19.69 42.18 15.64
N THR C 132 -19.05 43.21 16.20
CA THR C 132 -17.66 43.52 15.88
C THR C 132 -16.67 42.65 16.68
N ALA C 133 -15.75 42.01 15.99
CA ALA C 133 -14.76 41.19 16.66
C ALA C 133 -13.61 42.05 17.12
N VAL C 134 -13.28 41.92 18.39
CA VAL C 134 -12.16 42.64 18.98
C VAL C 134 -11.22 41.65 19.69
N SER C 135 -10.00 42.08 19.92
CA SER C 135 -9.03 41.24 20.63
C SER C 135 -8.04 42.13 21.33
N TRP C 136 -7.35 41.56 22.32
CA TRP C 136 -6.29 42.25 23.01
C TRP C 136 -4.96 41.87 22.37
N PHE C 137 -4.31 42.87 21.79
CA PHE C 137 -3.12 42.64 20.98
C PHE C 137 -1.85 43.13 21.67
N ALA C 138 -0.86 42.25 21.74
CA ALA C 138 0.49 42.64 22.12
C ALA C 138 1.41 42.34 20.93
N ASN C 139 2.63 42.84 20.97
CA ASN C 139 3.62 42.60 19.90
C ASN C 139 3.65 41.14 19.48
N HIS C 140 3.72 40.91 18.17
CA HIS C 140 3.72 39.56 17.63
C HIS C 140 2.42 38.83 17.94
N ASP C 141 1.39 39.55 18.36
CA ASP C 141 0.13 38.93 18.77
C ASP C 141 0.31 37.86 19.87
N TRP C 142 1.13 38.18 20.88
CA TRP C 142 1.40 37.27 21.97
C TRP C 142 0.86 37.82 23.28
N GLY C 143 -0.36 38.30 23.27
CA GLY C 143 -1.00 38.87 24.45
C GLY C 143 -1.12 37.90 25.61
N ASN C 144 -1.21 36.60 25.31
CA ASN C 144 -1.29 35.57 26.32
C ASN C 144 -0.08 34.65 26.27
N ASP C 145 1.05 35.26 25.90
CA ASP C 145 2.33 34.57 25.81
C ASP C 145 2.57 33.68 27.02
N GLY C 146 2.80 32.38 26.79
CA GLY C 146 3.19 31.45 27.84
C GLY C 146 2.05 30.89 28.69
N ARG C 147 0.86 31.47 28.58
CA ARG C 147 -0.24 31.08 29.45
C ARG C 147 -0.91 29.78 29.05
N THR C 148 -1.34 29.03 30.05
CA THR C 148 -2.15 27.84 29.85
C THR C 148 -3.63 28.19 29.67
N GLU C 149 -4.36 27.23 29.12
CA GLU C 149 -5.79 27.34 28.86
C GLU C 149 -6.56 27.71 30.12
N ASP C 150 -6.15 27.17 31.27
CA ASP C 150 -6.85 27.41 32.54
C ASP C 150 -6.72 28.84 33.00
N ILE C 151 -5.67 29.52 32.58
CA ILE C 151 -5.50 30.92 32.92
C ILE C 151 -6.18 31.78 31.86
N ILE C 152 -6.01 31.41 30.59
CA ILE C 152 -6.50 32.23 29.48
C ILE C 152 -8.02 32.38 29.43
N ILE C 153 -8.76 31.29 29.59
CA ILE C 153 -10.22 31.34 29.46
C ILE C 153 -10.85 32.30 30.46
N PRO C 154 -10.61 32.10 31.77
CA PRO C 154 -11.17 33.05 32.73
C PRO C 154 -10.60 34.45 32.60
N LEU C 155 -9.34 34.57 32.24
CA LEU C 155 -8.74 35.90 32.02
C LEU C 155 -9.49 36.69 30.92
N GLU C 156 -9.75 36.02 29.81
CA GLU C 156 -10.50 36.57 28.68
C GLU C 156 -11.94 36.97 29.05
N LYS C 157 -12.60 36.18 29.88
CA LYS C 157 -13.93 36.54 30.35
C LYS C 157 -13.87 37.81 31.19
N GLU C 158 -12.83 37.92 32.02
CA GLU C 158 -12.63 39.07 32.85
C GLU C 158 -12.34 40.31 32.01
N GLN C 159 -11.47 40.17 31.02
CA GLN C 159 -11.15 41.29 30.14
C GLN C 159 -12.43 41.78 29.46
N LEU C 160 -13.23 40.84 28.96
CA LEU C 160 -14.47 41.19 28.30
C LEU C 160 -15.46 41.79 29.28
N ALA C 161 -15.54 41.24 30.49
CA ALA C 161 -16.47 41.75 31.49
C ALA C 161 -16.17 43.21 31.85
N SER C 162 -14.89 43.59 31.85
CA SER C 162 -14.51 44.96 32.19
C SER C 162 -15.08 46.01 31.20
N LEU C 163 -15.67 45.54 30.10
CA LEU C 163 -16.24 46.45 29.08
C LEU C 163 -17.76 46.65 29.24
N LYS C 164 -18.38 45.79 30.03
CA LYS C 164 -19.83 45.76 30.17
C LYS C 164 -20.43 46.98 30.85
N GLY C 165 -19.63 47.74 31.57
CA GLY C 165 -20.15 48.94 32.23
C GLY C 165 -20.11 50.16 31.33
N SER C 166 -20.03 49.93 30.02
CA SER C 166 -20.02 51.02 29.06
C SER C 166 -20.80 50.65 27.82
N THR C 167 -21.18 51.65 27.03
CA THR C 167 -21.86 51.40 25.76
C THR C 167 -21.12 52.03 24.58
N VAL C 168 -19.95 52.57 24.85
CA VAL C 168 -19.17 53.15 23.79
C VAL C 168 -17.74 53.18 24.25
N LYS C 169 -16.83 52.95 23.32
CA LYS C 169 -15.45 52.92 23.71
C LYS C 169 -14.54 53.14 22.52
N SER C 170 -13.45 53.86 22.77
CA SER C 170 -12.43 54.12 21.75
C SER C 170 -11.57 52.85 21.57
N ILE C 171 -11.58 52.29 20.36
CA ILE C 171 -10.92 51.00 20.12
C ILE C 171 -9.93 51.15 18.97
N TYR C 172 -8.72 50.64 19.14
CA TYR C 172 -7.70 50.79 18.09
C TYR C 172 -8.09 50.04 16.83
N ARG C 173 -7.67 50.58 15.70
CA ARG C 173 -7.80 49.86 14.44
C ARG C 173 -6.51 49.10 14.19
N PHE C 174 -6.43 48.40 13.06
CA PHE C 174 -5.38 47.42 12.88
C PHE C 174 -5.07 47.18 11.42
N ASP C 175 -3.78 47.18 11.08
CA ASP C 175 -3.33 46.88 9.74
C ASP C 175 -2.91 45.41 9.64
N ASP C 176 -3.62 44.66 8.81
CA ASP C 176 -3.38 43.21 8.70
C ASP C 176 -2.12 42.87 7.91
N LYS C 177 -1.65 43.81 7.11
CA LYS C 177 -0.44 43.60 6.34
C LYS C 177 0.81 43.62 7.22
N LYS C 178 0.89 44.59 8.12
CA LYS C 178 2.07 44.76 8.95
C LYS C 178 1.83 44.28 10.37
N ASN C 179 0.59 43.94 10.68
CA ASN C 179 0.22 43.54 12.04
C ASN C 179 0.63 44.60 13.06
N VAL C 180 0.15 45.82 12.83
CA VAL C 180 0.39 46.92 13.77
C VAL C 180 -0.87 47.72 14.07
N ILE C 181 -0.85 48.35 15.25
CA ILE C 181 -1.95 49.11 15.79
C ILE C 181 -2.12 50.43 15.06
N LEU C 182 -3.36 50.74 14.67
CA LEU C 182 -3.67 51.97 13.98
C LEU C 182 -4.57 52.84 14.85
N SER C 183 -4.69 54.12 14.52
CA SER C 183 -5.45 55.05 15.33
C SER C 183 -6.90 54.58 15.51
N PRO C 184 -7.46 54.87 16.69
CA PRO C 184 -8.72 54.27 17.12
C PRO C 184 -9.96 54.95 16.56
N VAL C 185 -11.08 54.22 16.62
CA VAL C 185 -12.37 54.80 16.39
C VAL C 185 -13.25 54.42 17.56
N TYR C 186 -14.36 55.13 17.71
CA TYR C 186 -15.30 54.82 18.76
C TYR C 186 -16.26 53.73 18.29
N VAL C 187 -16.47 52.74 19.13
CA VAL C 187 -17.35 51.64 18.83
C VAL C 187 -18.53 51.65 19.79
N ASN C 188 -19.76 51.63 19.25
CA ASN C 188 -20.97 51.63 20.07
C ASN C 188 -21.51 50.23 20.20
N TYR C 189 -21.90 49.85 21.42
CA TYR C 189 -22.34 48.50 21.68
C TYR C 189 -23.23 48.46 22.91
N ASN C 190 -24.10 47.47 22.98
CA ASN C 190 -24.87 47.25 24.20
C ASN C 190 -24.84 45.78 24.59
N LYS C 191 -23.93 45.03 23.95
CA LYS C 191 -23.67 43.67 24.38
C LYS C 191 -22.22 43.24 24.15
N VAL C 192 -21.70 42.48 25.11
CA VAL C 192 -20.32 42.01 25.10
C VAL C 192 -20.35 40.50 25.26
N ARG C 193 -19.68 39.78 24.36
CA ARG C 193 -19.77 38.33 24.31
C ARG C 193 -18.44 37.67 24.02
N THR C 194 -18.20 36.50 24.59
CA THR C 194 -17.12 35.64 24.14
C THR C 194 -17.54 35.09 22.79
N GLU C 195 -16.59 34.54 22.05
CA GLU C 195 -16.94 33.91 20.77
C GLU C 195 -17.91 32.76 21.02
N GLU C 196 -17.68 32.03 22.10
CA GLU C 196 -18.54 30.89 22.42
C GLU C 196 -20.00 31.31 22.52
N GLU C 197 -20.24 32.38 23.27
CA GLU C 197 -21.59 32.88 23.47
C GLU C 197 -22.20 33.32 22.16
N MET C 198 -21.43 34.03 21.33
CA MET C 198 -21.95 34.55 20.08
C MET C 198 -22.30 33.40 19.15
N VAL C 199 -21.46 32.37 19.13
CA VAL C 199 -21.67 31.23 18.23
C VAL C 199 -22.85 30.38 18.69
N LYS C 200 -22.95 30.13 19.99
CA LYS C 200 -24.06 29.35 20.49
C LYS C 200 -25.40 30.07 20.31
N GLN C 201 -25.39 31.38 20.41
CA GLN C 201 -26.61 32.14 20.18
C GLN C 201 -27.11 31.96 18.75
N HIS C 202 -26.21 31.53 17.86
CA HIS C 202 -26.59 31.25 16.49
C HIS C 202 -26.95 29.77 16.29
N GLY C 203 -27.05 29.05 17.40
CA GLY C 203 -27.42 27.63 17.37
C GLY C 203 -26.32 26.69 16.90
N ALA C 204 -25.07 27.15 16.89
CA ALA C 204 -23.97 26.33 16.42
C ALA C 204 -23.14 25.83 17.60
N ASN C 205 -22.17 24.97 17.32
CA ASN C 205 -21.26 24.45 18.34
C ASN C 205 -19.89 25.12 18.36
N TYR C 206 -19.19 24.96 19.47
CA TYR C 206 -17.96 25.71 19.70
C TYR C 206 -16.89 24.81 20.34
N PHE C 207 -15.67 24.94 19.86
CA PHE C 207 -14.55 24.25 20.45
C PHE C 207 -13.33 25.14 20.40
N ARG C 208 -12.66 25.28 21.53
CA ARG C 208 -11.53 26.20 21.66
C ARG C 208 -10.24 25.47 21.92
N LEU C 209 -9.21 25.82 21.17
CA LEU C 209 -7.85 25.52 21.53
C LEU C 209 -7.11 26.83 21.65
N THR C 210 -6.40 27.02 22.74
CA THR C 210 -5.72 28.30 22.99
C THR C 210 -4.28 28.28 22.44
N LEU C 211 -4.15 28.41 21.12
CA LEU C 211 -2.84 28.31 20.46
C LEU C 211 -2.17 29.67 20.30
N GLN C 212 -0.89 29.72 20.64
CA GLN C 212 -0.10 30.92 20.42
C GLN C 212 0.05 31.22 18.93
N ASP C 213 -0.16 32.46 18.54
CA ASP C 213 0.10 32.86 17.16
C ASP C 213 1.56 32.54 16.80
N HIS C 214 1.78 32.14 15.55
CA HIS C 214 3.11 31.87 14.99
C HIS C 214 3.71 30.47 15.22
N PHE C 215 3.10 29.64 16.06
CA PHE C 215 3.69 28.34 16.38
C PHE C 215 2.73 27.20 16.13
N ARG C 216 3.28 26.00 15.96
CA ARG C 216 2.50 24.78 15.96
C ARG C 216 1.78 24.60 17.27
N PRO C 217 0.75 23.76 17.31
CA PRO C 217 0.15 23.35 18.57
C PRO C 217 1.07 22.41 19.36
N ASP C 218 1.13 22.54 20.67
CA ASP C 218 1.86 21.56 21.47
C ASP C 218 1.13 20.23 21.50
N ASP C 219 1.87 19.16 21.77
CA ASP C 219 1.29 17.83 21.83
C ASP C 219 -0.02 17.71 22.66
N PRO C 220 -0.06 18.28 23.89
CA PRO C 220 -1.30 18.13 24.66
C PRO C 220 -2.53 18.74 23.99
N ASP C 221 -2.33 19.84 23.26
CA ASP C 221 -3.42 20.45 22.48
C ASP C 221 -3.81 19.60 21.23
N VAL C 222 -2.84 18.90 20.68
CA VAL C 222 -3.13 17.89 19.66
C VAL C 222 -3.98 16.79 20.29
N ASP C 223 -3.62 16.31 21.47
CA ASP C 223 -4.43 15.27 22.14
C ASP C 223 -5.85 15.76 22.37
N LYS C 224 -5.96 16.98 22.85
CA LYS C 224 -7.25 17.59 23.12
C LYS C 224 -8.10 17.61 21.85
N PHE C 225 -7.52 18.08 20.75
CA PHE C 225 -8.23 18.10 19.47
C PHE C 225 -8.69 16.71 19.04
N LEU C 226 -7.80 15.73 19.12
CA LEU C 226 -8.14 14.37 18.69
C LEU C 226 -9.29 13.77 19.50
N GLU C 227 -9.30 14.00 20.80
CA GLU C 227 -10.39 13.52 21.64
C GLU C 227 -11.71 14.19 21.23
N PHE C 228 -11.66 15.49 20.97
CA PHE C 228 -12.80 16.20 20.40
C PHE C 228 -13.21 15.59 19.04
N TYR C 229 -12.22 15.38 18.18
CA TYR C 229 -12.48 14.89 16.84
C TYR C 229 -13.20 13.56 16.88
N LYS C 230 -12.72 12.65 17.71
CA LYS C 230 -13.27 11.30 17.83
C LYS C 230 -14.68 11.25 18.42
N SER C 231 -15.09 12.30 19.09
CA SER C 231 -16.39 12.33 19.72
C SER C 231 -17.41 12.99 18.81
N LEU C 232 -16.98 13.44 17.63
CA LEU C 232 -17.89 14.15 16.72
C LEU C 232 -18.91 13.22 16.08
N PRO C 233 -20.12 13.73 15.85
CA PRO C 233 -21.04 12.98 15.02
C PRO C 233 -20.61 12.93 13.56
N LYS C 234 -21.10 11.95 12.85
CA LYS C 234 -20.61 11.70 11.54
C LYS C 234 -20.96 12.79 10.57
N ASP C 235 -22.02 13.56 10.87
CA ASP C 235 -22.46 14.64 9.99
C ASP C 235 -21.92 16.01 10.39
N ALA C 236 -20.90 16.02 11.24
CA ALA C 236 -20.34 17.27 11.75
C ALA C 236 -19.63 18.06 10.68
N TRP C 237 -19.83 19.37 10.67
CA TRP C 237 -19.08 20.22 9.78
C TRP C 237 -18.13 21.04 10.63
N LEU C 238 -16.84 20.97 10.31
CA LEU C 238 -15.80 21.71 11.03
C LEU C 238 -15.32 22.97 10.28
N HIS C 239 -15.38 24.10 10.97
CA HIS C 239 -14.83 25.35 10.46
C HIS C 239 -13.69 25.78 11.36
N TYR C 240 -12.44 25.69 10.87
CA TYR C 240 -11.27 26.12 11.62
C TYR C 240 -10.97 27.58 11.39
N HIS C 241 -10.62 28.31 12.44
CA HIS C 241 -10.10 29.65 12.25
C HIS C 241 -9.08 30.08 13.30
N SER C 242 -8.26 31.04 12.91
CA SER C 242 -7.30 31.70 13.78
C SER C 242 -7.53 33.20 13.66
N TYR C 243 -6.48 34.02 13.71
CA TYR C 243 -6.68 35.42 13.43
C TYR C 243 -6.71 35.68 11.92
N ALA C 244 -5.71 35.19 11.18
CA ALA C 244 -5.60 35.54 9.77
C ALA C 244 -6.09 34.44 8.84
N GLY C 245 -6.38 33.26 9.39
CA GLY C 245 -6.74 32.12 8.57
C GLY C 245 -5.53 31.65 7.75
N MET C 246 -4.34 31.96 8.25
CA MET C 246 -3.10 31.60 7.58
C MET C 246 -2.38 30.43 8.25
N GLY C 247 -1.52 30.70 9.24
CA GLY C 247 -0.69 29.68 9.88
C GLY C 247 -1.43 28.60 10.67
N ARG C 248 -2.02 28.98 11.79
CA ARG C 248 -2.62 28.01 12.68
C ARG C 248 -3.75 27.30 11.97
N THR C 249 -4.48 28.06 11.16
CA THR C 249 -5.62 27.52 10.40
C THR C 249 -5.16 26.48 9.39
N THR C 250 -4.08 26.77 8.67
CA THR C 250 -3.61 25.83 7.65
C THR C 250 -3.04 24.57 8.29
N ILE C 251 -2.35 24.74 9.42
CA ILE C 251 -1.92 23.57 10.15
C ILE C 251 -3.12 22.66 10.38
N PHE C 252 -4.24 23.21 10.83
CA PHE C 252 -5.35 22.35 11.20
C PHE C 252 -6.14 21.85 10.01
N MET C 253 -6.12 22.58 8.90
CA MET C 253 -6.74 22.10 7.66
C MET C 253 -5.96 20.91 7.09
N VAL C 254 -4.63 20.99 7.22
CA VAL C 254 -3.75 19.90 6.83
C VAL C 254 -3.95 18.70 7.75
N MET C 255 -4.09 18.93 9.05
CA MET C 255 -4.38 17.86 9.99
C MET C 255 -5.70 17.17 9.65
N HIS C 256 -6.74 17.97 9.39
CA HIS C 256 -8.05 17.43 9.00
C HIS C 256 -7.94 16.53 7.76
N ASP C 257 -7.29 17.07 6.73
CA ASP C 257 -7.12 16.37 5.45
C ASP C 257 -6.40 15.06 5.70
N ILE C 258 -5.36 15.12 6.53
CA ILE C 258 -4.61 13.92 6.89
C ILE C 258 -5.50 12.89 7.62
N LEU C 259 -6.32 13.34 8.56
CA LEU C 259 -7.22 12.42 9.29
C LEU C 259 -8.20 11.70 8.36
N LYS C 260 -8.63 12.40 7.32
CA LYS C 260 -9.57 11.84 6.36
C LYS C 260 -8.89 11.01 5.29
N ASN C 261 -7.67 11.39 4.92
CA ASN C 261 -7.12 10.91 3.65
C ASN C 261 -5.71 10.34 3.68
N ALA C 262 -5.08 10.28 4.84
CA ALA C 262 -3.67 9.86 4.89
C ALA C 262 -3.45 8.49 4.26
N LYS C 263 -4.42 7.60 4.38
CA LYS C 263 -4.32 6.25 3.81
C LYS C 263 -4.19 6.26 2.29
N ASP C 264 -4.82 7.23 1.64
CA ASP C 264 -4.94 7.22 0.18
C ASP C 264 -4.14 8.33 -0.50
N VAL C 265 -3.70 9.33 0.26
CA VAL C 265 -3.08 10.52 -0.36
C VAL C 265 -1.74 10.84 0.30
N SER C 266 -0.77 11.24 -0.51
CA SER C 266 0.57 11.50 0.01
C SER C 266 0.63 12.79 0.81
N PHE C 267 1.63 12.86 1.67
CA PHE C 267 1.86 14.03 2.49
C PHE C 267 2.10 15.27 1.65
N ASP C 268 2.96 15.15 0.64
CA ASP C 268 3.26 16.30 -0.23
C ASP C 268 1.99 16.80 -0.92
N ASP C 269 1.14 15.88 -1.36
CA ASP C 269 -0.08 16.24 -2.06
C ASP C 269 -0.99 17.03 -1.13
N ILE C 270 -1.13 16.56 0.09
CA ILE C 270 -1.94 17.27 1.06
C ILE C 270 -1.39 18.68 1.29
N ILE C 271 -0.09 18.80 1.54
CA ILE C 271 0.50 20.12 1.77
C ILE C 271 0.20 21.03 0.57
N GLN C 272 0.47 20.54 -0.65
CA GLN C 272 0.22 21.33 -1.85
C GLN C 272 -1.26 21.70 -2.02
N ARG C 273 -2.17 20.75 -1.88
CA ARG C 273 -3.56 21.07 -2.18
C ARG C 273 -4.14 22.06 -1.18
N GLN C 274 -3.68 22.00 0.06
CA GLN C 274 -4.15 22.95 1.06
C GLN C 274 -3.60 24.36 0.80
N LYS C 275 -2.46 24.46 0.13
CA LYS C 275 -2.02 25.76 -0.38
C LYS C 275 -2.94 26.20 -1.54
N LEU C 276 -3.24 25.27 -2.43
CA LEU C 276 -4.00 25.61 -3.64
C LEU C 276 -5.42 26.13 -3.36
N ILE C 277 -6.09 25.58 -2.35
CA ILE C 277 -7.43 26.07 -1.98
C ILE C 277 -7.37 27.18 -0.91
N GLY C 278 -6.18 27.40 -0.37
CA GLY C 278 -5.97 28.38 0.69
C GLY C 278 -4.89 29.40 0.37
N ILE C 279 -4.03 29.67 1.36
CA ILE C 279 -3.10 30.81 1.32
C ILE C 279 -1.69 30.45 1.78
N VAL C 280 -1.52 29.32 2.46
CA VAL C 280 -0.21 28.95 2.99
C VAL C 280 0.26 27.56 2.56
N ASP C 281 1.50 27.53 2.08
CA ASP C 281 2.22 26.28 1.83
C ASP C 281 3.16 26.03 3.00
N LEU C 282 2.76 25.11 3.86
CA LEU C 282 3.50 24.82 5.07
C LEU C 282 4.92 24.34 4.80
N SER C 283 5.22 23.87 3.59
CA SER C 283 6.58 23.41 3.28
C SER C 283 7.49 24.55 2.82
N GLU C 284 6.93 25.74 2.69
CA GLU C 284 7.73 26.84 2.21
C GLU C 284 8.44 27.51 3.37
N ILE C 285 9.77 27.49 3.33
CA ILE C 285 10.58 28.27 4.25
C ILE C 285 11.22 29.42 3.49
N PRO C 286 10.57 30.59 3.46
CA PRO C 286 10.99 31.67 2.58
C PRO C 286 12.22 32.43 3.06
N ASP C 287 12.91 33.05 2.11
CA ASP C 287 14.14 33.78 2.38
C ASP C 287 13.97 34.89 3.42
N LYS C 288 12.80 35.51 3.47
CA LYS C 288 12.59 36.62 4.39
C LYS C 288 12.51 36.14 5.86
N LYS C 289 12.24 34.85 6.08
CA LYS C 289 12.23 34.32 7.45
C LYS C 289 13.64 33.94 7.87
N LYS C 290 14.06 34.51 9.01
CA LYS C 290 15.41 34.30 9.51
C LYS C 290 15.38 33.98 11.00
N ASN C 291 16.52 33.52 11.51
CA ASN C 291 16.70 33.24 12.92
C ASN C 291 15.43 32.64 13.55
N TYR C 292 14.85 33.30 14.56
CA TYR C 292 13.71 32.74 15.28
C TYR C 292 12.51 32.39 14.39
N GLY C 293 12.13 33.31 13.52
CA GLY C 293 10.93 33.15 12.67
C GLY C 293 11.10 31.94 11.76
N ARG C 294 12.30 31.80 11.22
CA ARG C 294 12.64 30.63 10.41
C ARG C 294 12.49 29.34 11.21
N LYS C 295 12.98 29.33 12.45
CA LYS C 295 12.80 28.14 13.30
C LYS C 295 11.33 27.74 13.46
N ALA C 296 10.46 28.72 13.63
CA ALA C 296 9.04 28.45 13.84
C ALA C 296 8.41 27.89 12.57
N TYR C 297 8.85 28.34 11.40
CA TYR C 297 8.31 27.80 10.15
C TYR C 297 8.75 26.34 10.00
N ILE C 298 10.01 26.10 10.31
CA ILE C 298 10.57 24.77 10.27
C ILE C 298 9.85 23.86 11.27
N GLU C 299 9.68 24.32 12.51
CA GLU C 299 9.02 23.55 13.54
C GLU C 299 7.60 23.16 13.14
N ARG C 300 6.82 24.07 12.58
CA ARG C 300 5.45 23.69 12.23
C ARG C 300 5.38 22.77 10.99
N TYR C 301 6.30 22.90 10.05
CA TYR C 301 6.37 21.95 8.94
C TYR C 301 6.68 20.55 9.45
N GLN C 302 7.67 20.44 10.32
CA GLN C 302 8.03 19.14 10.87
C GLN C 302 6.86 18.54 11.64
N PHE C 303 6.08 19.38 12.30
CA PHE C 303 4.96 18.86 13.06
C PHE C 303 3.94 18.16 12.16
N VAL C 304 3.61 18.77 11.02
CA VAL C 304 2.61 18.14 10.17
C VAL C 304 3.17 16.87 9.54
N GLN C 305 4.49 16.80 9.38
CA GLN C 305 5.11 15.56 8.92
C GLN C 305 4.93 14.46 9.98
N HIS C 306 5.13 14.80 11.25
CA HIS C 306 4.97 13.82 12.32
C HIS C 306 3.52 13.42 12.53
N PHE C 307 2.60 14.38 12.42
CA PHE C 307 1.18 14.06 12.50
C PHE C 307 0.76 13.11 11.38
N TYR C 308 1.23 13.36 10.16
CA TYR C 308 0.97 12.44 9.03
C TYR C 308 1.39 11.00 9.37
N ASP C 309 2.65 10.86 9.76
CA ASP C 309 3.18 9.56 10.18
C ASP C 309 2.33 8.94 11.29
N TYR C 310 1.90 9.75 12.26
CA TYR C 310 1.10 9.25 13.38
C TYR C 310 -0.20 8.63 12.88
N VAL C 311 -0.91 9.36 12.02
CA VAL C 311 -2.17 8.87 11.50
C VAL C 311 -1.93 7.64 10.60
N LYS C 312 -0.86 7.68 9.81
CA LYS C 312 -0.51 6.53 8.97
C LYS C 312 -0.29 5.28 9.79
N GLU C 313 0.44 5.41 10.89
CA GLU C 313 0.76 4.28 11.74
C GLU C 313 -0.37 3.93 12.68
N ASN C 314 -1.24 4.88 12.98
CA ASN C 314 -2.30 4.65 13.93
C ASN C 314 -3.68 5.00 13.39
N PRO C 315 -4.15 4.26 12.38
CA PRO C 315 -5.41 4.62 11.71
C PRO C 315 -6.63 4.48 12.63
N ASP C 316 -6.46 3.81 13.75
CA ASP C 316 -7.52 3.71 14.76
C ASP C 316 -7.47 4.86 15.76
N LEU C 317 -6.38 5.64 15.74
CA LEU C 317 -6.19 6.76 16.67
C LEU C 317 -6.28 6.32 18.13
N LYS C 318 -5.88 5.08 18.40
CA LYS C 318 -5.98 4.52 19.74
C LYS C 318 -4.89 5.07 20.68
N THR C 319 -3.62 4.92 20.31
CA THR C 319 -2.53 5.52 21.08
C THR C 319 -2.61 7.04 20.94
N PRO C 320 -2.56 7.77 22.05
CA PRO C 320 -2.57 9.22 21.95
C PRO C 320 -1.39 9.76 21.13
N TYR C 321 -1.57 10.92 20.49
CA TYR C 321 -0.50 11.50 19.68
C TYR C 321 0.73 11.77 20.54
N SER C 322 0.52 12.30 21.74
CA SER C 322 1.61 12.66 22.63
C SER C 322 2.43 11.44 23.02
N VAL C 323 1.77 10.30 23.18
CA VAL C 323 2.43 9.08 23.62
C VAL C 323 3.25 8.54 22.45
N TRP C 324 2.63 8.47 21.28
CA TRP C 324 3.32 8.06 20.07
C TRP C 324 4.53 8.98 19.82
N ALA C 325 4.34 10.28 19.94
CA ALA C 325 5.39 11.23 19.60
C ALA C 325 6.61 11.03 20.50
N LYS C 326 6.32 10.87 21.80
CA LYS C 326 7.35 10.62 22.80
C LYS C 326 8.12 9.35 22.45
N LYS C 327 7.40 8.26 22.22
CA LYS C 327 8.06 7.01 21.87
C LYS C 327 8.97 7.14 20.66
N ASN C 328 8.62 8.04 19.73
CA ASN C 328 9.37 8.20 18.49
C ASN C 328 10.30 9.39 18.52
N LYS C 329 10.41 10.01 19.70
CA LYS C 329 11.37 11.07 19.95
C LYS C 329 11.13 12.33 19.13
N VAL C 330 9.89 12.53 18.68
CA VAL C 330 9.51 13.73 17.94
C VAL C 330 8.47 14.56 18.71
N ASN C 331 8.42 14.36 20.03
CA ASN C 331 7.50 15.09 20.91
C ASN C 331 7.86 16.57 21.10
N SER C 332 6.85 17.41 21.36
CA SER C 332 7.12 18.76 21.84
C SER C 332 7.53 18.68 23.32
N TRP C 333 8.25 19.67 23.78
CA TRP C 333 8.71 19.67 25.14
C TRP C 333 7.63 20.11 26.10
N GLU C 334 7.51 19.36 27.19
N GLU C 334 7.53 19.42 27.21
CA GLU C 334 6.58 19.66 28.27
CA GLU C 334 6.65 19.88 28.24
C GLU C 334 7.31 19.63 29.61
C GLU C 334 7.31 19.69 29.58
N PRO C 335 6.92 20.50 30.56
CA PRO C 335 7.54 20.40 31.86
C PRO C 335 7.10 19.14 32.59
N ASP C 336 8.02 18.58 33.37
CA ASP C 336 7.71 17.44 34.20
C ASP C 336 7.57 17.92 35.64
N TYR C 337 6.38 17.74 36.21
CA TYR C 337 6.10 18.24 37.55
C TYR C 337 6.15 17.13 38.58
N ASN C 338 6.64 15.96 38.19
CA ASN C 338 6.70 14.83 39.11
C ASN C 338 7.79 15.00 40.15
N GLY C 339 7.52 14.53 41.36
CA GLY C 339 8.49 14.61 42.45
C GLY C 339 9.77 13.84 42.18
N TYR C 340 10.89 14.37 42.65
CA TYR C 340 12.18 13.73 42.45
C TYR C 340 13.04 13.78 43.72
N ILE C 341 12.49 14.29 44.82
CA ILE C 341 13.27 14.40 46.04
C ILE C 341 12.37 14.48 47.27
N TRP C 342 12.84 13.90 48.37
CA TRP C 342 12.19 14.09 49.65
C TRP C 342 12.66 15.41 50.24
N ARG C 343 11.74 16.36 50.32
CA ARG C 343 12.02 17.64 50.91
C ARG C 343 11.77 17.56 52.40
N LEU C 344 12.68 18.14 53.17
CA LEU C 344 12.47 18.30 54.60
C LEU C 344 11.63 19.55 54.82
N ASP C 345 10.34 19.38 55.12
CA ASP C 345 9.44 20.52 55.31
C ASP C 345 9.73 21.20 56.63
N THR C 346 9.81 20.39 57.69
CA THR C 346 10.14 20.93 58.99
C THR C 346 10.75 19.86 59.88
N LYS C 347 11.81 20.27 60.53
CA LYS C 347 12.58 19.39 61.38
C LYS C 347 11.79 19.14 62.64
N ASP C 348 11.92 17.95 63.20
CA ASP C 348 11.30 17.63 64.49
C ASP C 348 11.91 18.50 65.57
N ARG C 349 11.11 19.41 66.11
CA ARG C 349 11.56 20.39 67.10
C ARG C 349 10.44 20.69 68.09
N ASN C 350 10.81 20.98 69.34
CA ASN C 350 9.84 21.25 70.39
C ASN C 350 9.50 22.72 70.48
N GLN C 351 8.65 23.16 69.56
CA GLN C 351 8.19 24.54 69.52
C GLN C 351 6.97 24.56 68.61
N LEU C 352 6.22 25.66 68.64
CA LEU C 352 5.09 25.83 67.75
C LEU C 352 5.61 25.86 66.32
N PRO C 353 4.83 25.35 65.35
CA PRO C 353 5.23 25.34 63.95
C PRO C 353 5.33 26.74 63.41
N ARG C 354 5.95 26.90 62.24
CA ARG C 354 6.12 28.21 61.63
C ARG C 354 4.75 28.83 61.31
N ASN C 355 4.66 30.15 61.41
CA ASN C 355 3.44 30.88 61.04
C ASN C 355 2.20 30.40 61.80
N PHE C 356 2.36 30.00 63.06
CA PHE C 356 1.23 29.53 63.86
C PHE C 356 0.39 30.69 64.35
N ARG C 357 -0.93 30.58 64.27
CA ARG C 357 -1.81 31.60 64.86
C ARG C 357 -3.21 31.08 65.13
N THR C 358 -3.84 31.66 66.14
CA THR C 358 -5.25 31.44 66.41
C THR C 358 -5.94 32.77 66.24
N MET C 359 -7.26 32.76 66.16
CA MET C 359 -7.99 34.01 66.00
C MET C 359 -7.97 34.84 67.29
N ASN C 360 -7.39 34.29 68.36
CA ASN C 360 -7.16 35.06 69.58
C ASN C 360 -5.76 35.67 69.65
N SER C 361 -4.96 35.48 68.61
CA SER C 361 -3.55 35.89 68.64
C SER C 361 -3.39 37.40 68.45
N ALA C 362 -2.24 37.91 68.84
CA ALA C 362 -1.92 39.34 68.65
C ALA C 362 -1.63 39.62 67.17
N PHE C 363 -2.00 40.81 66.72
CA PHE C 363 -1.64 41.26 65.40
C PHE C 363 -0.12 41.35 65.31
N ARG C 364 0.42 41.11 64.12
CA ARG C 364 1.86 41.19 63.89
C ARG C 364 2.35 42.64 63.98
N THR C 365 3.64 42.82 64.24
CA THR C 365 4.21 44.17 64.29
C THR C 365 5.12 44.50 63.10
N ASP C 366 5.29 43.52 62.21
CA ASP C 366 6.15 43.69 61.04
C ASP C 366 5.34 43.87 59.76
N VAL C 367 4.34 44.75 59.79
CA VAL C 367 3.52 44.97 58.59
C VAL C 367 4.35 45.51 57.43
N ASN C 368 4.21 44.86 56.28
CA ASN C 368 4.80 45.34 55.03
C ASN C 368 3.68 45.67 54.06
N VAL C 369 3.31 46.94 53.97
CA VAL C 369 2.20 47.37 53.13
C VAL C 369 2.37 46.97 51.68
N LYS C 370 3.61 46.80 51.25
CA LYS C 370 3.87 46.43 49.85
C LYS C 370 3.56 44.97 49.56
N LYS C 371 3.36 44.18 50.60
CA LYS C 371 2.91 42.80 50.45
C LYS C 371 1.43 42.62 50.76
N THR C 372 0.70 43.73 50.83
CA THR C 372 -0.74 43.67 51.08
C THR C 372 -1.47 43.80 49.75
N GLY C 373 -2.45 44.66 49.66
CA GLY C 373 -3.21 44.78 48.42
C GLY C 373 -4.50 45.53 48.62
N LYS C 374 -5.42 45.41 47.65
CA LYS C 374 -6.69 46.13 47.68
C LYS C 374 -7.48 45.85 48.97
N GLY C 375 -7.86 46.91 49.65
CA GLY C 375 -8.72 46.81 50.82
C GLY C 375 -7.95 46.82 52.14
N PHE C 376 -6.63 46.79 52.07
CA PHE C 376 -5.85 46.63 53.30
C PHE C 376 -6.00 47.80 54.27
N THR C 377 -6.29 47.46 55.51
CA THR C 377 -6.22 48.41 56.61
C THR C 377 -5.44 47.82 57.77
N PRO C 378 -4.66 48.68 58.44
CA PRO C 378 -3.92 48.27 59.62
C PRO C 378 -4.79 48.15 60.88
N THR C 379 -6.05 48.57 60.78
CA THR C 379 -6.95 48.55 61.93
C THR C 379 -8.31 47.98 61.58
N PRO C 380 -8.34 46.69 61.20
CA PRO C 380 -9.62 46.06 60.88
C PRO C 380 -10.37 45.65 62.14
N THR C 381 -11.67 45.47 62.01
CA THR C 381 -12.49 44.99 63.11
C THR C 381 -12.06 43.57 63.48
N ARG C 382 -12.12 43.26 64.78
CA ARG C 382 -11.84 41.92 65.27
C ARG C 382 -13.14 41.23 65.60
N LYS C 383 -14.24 41.78 65.08
CA LYS C 383 -15.53 41.22 65.35
C LYS C 383 -15.64 39.79 64.89
N GLY C 384 -16.10 38.93 65.79
CA GLY C 384 -16.34 37.54 65.45
C GLY C 384 -15.16 36.60 65.75
N LEU C 385 -13.96 37.16 65.91
CA LEU C 385 -12.76 36.36 66.08
C LEU C 385 -12.78 35.50 67.35
N ASP C 386 -13.48 35.99 68.37
CA ASP C 386 -13.50 35.32 69.67
C ASP C 386 -14.29 34.00 69.63
N THR C 387 -15.17 33.84 68.63
CA THR C 387 -15.93 32.60 68.51
C THR C 387 -15.69 31.87 67.19
N LEU C 388 -14.73 32.34 66.40
CA LEU C 388 -14.46 31.76 65.08
C LEU C 388 -13.78 30.38 65.16
N TYR C 389 -13.10 30.11 66.26
CA TYR C 389 -12.48 28.82 66.55
C TYR C 389 -11.66 28.28 65.38
N MET C 390 -10.63 29.02 65.01
CA MET C 390 -9.84 28.66 63.85
C MET C 390 -8.40 28.99 64.12
N SER C 391 -7.50 28.17 63.56
CA SER C 391 -6.08 28.45 63.64
C SER C 391 -5.41 28.02 62.34
N GLY C 392 -4.16 28.42 62.16
CA GLY C 392 -3.42 28.04 60.96
C GLY C 392 -1.92 27.96 61.20
N SER C 393 -1.24 27.16 60.38
CA SER C 393 0.21 27.12 60.45
C SER C 393 0.83 26.47 59.22
N ALA C 394 2.15 26.50 59.19
CA ALA C 394 2.92 25.69 58.27
C ALA C 394 2.78 24.21 58.64
N GLU C 395 3.38 23.34 57.85
CA GLU C 395 3.38 21.94 58.19
C GLU C 395 4.06 21.77 59.55
N PHE C 396 3.76 20.68 60.23
CA PHE C 396 4.32 20.42 61.57
C PHE C 396 4.99 19.03 61.66
N SER C 397 6.14 19.01 62.32
CA SER C 397 6.76 17.77 62.74
C SER C 397 6.02 17.24 63.98
N ASN C 398 6.45 16.10 64.50
CA ASN C 398 5.90 15.56 65.74
C ASN C 398 6.08 16.55 66.90
N GLY C 399 7.30 17.02 67.07
CA GLY C 399 7.59 17.98 68.12
C GLY C 399 6.70 19.19 68.04
N GLU C 400 6.38 19.66 66.84
CA GLU C 400 5.62 20.89 66.71
C GLU C 400 4.13 20.63 66.96
N LEU C 401 3.68 19.43 66.65
CA LEU C 401 2.32 19.07 66.98
C LEU C 401 2.16 19.02 68.50
N GLN C 402 3.15 18.47 69.18
CA GLN C 402 3.10 18.36 70.65
C GLN C 402 3.04 19.73 71.30
N ALA C 403 3.74 20.70 70.72
CA ALA C 403 3.66 22.06 71.22
C ALA C 403 2.30 22.69 70.90
N MET C 404 1.68 22.30 69.80
CA MET C 404 0.38 22.85 69.43
C MET C 404 -0.73 22.39 70.35
N LEU C 405 -0.64 21.14 70.78
CA LEU C 405 -1.72 20.51 71.52
C LEU C 405 -2.28 21.32 72.68
N PRO C 406 -1.42 21.71 73.64
CA PRO C 406 -1.95 22.41 74.82
C PRO C 406 -2.52 23.77 74.48
N VAL C 407 -1.96 24.42 73.48
CA VAL C 407 -2.46 25.74 73.09
C VAL C 407 -3.87 25.60 72.53
N LEU C 408 -4.07 24.67 71.62
CA LEU C 408 -5.37 24.49 71.00
C LEU C 408 -6.41 23.99 72.00
N LYS C 409 -6.03 23.03 72.84
CA LYS C 409 -6.95 22.53 73.86
C LYS C 409 -7.30 23.59 74.89
N GLN C 410 -6.38 24.53 75.10
CA GLN C 410 -6.65 25.67 75.96
C GLN C 410 -7.78 26.55 75.40
N GLN C 411 -7.82 26.72 74.08
CA GLN C 411 -8.75 27.68 73.47
C GLN C 411 -9.99 27.04 72.86
N ALA C 412 -9.91 25.75 72.57
CA ALA C 412 -10.98 25.06 71.88
C ALA C 412 -12.15 24.76 72.80
N LYS C 413 -13.36 24.89 72.27
CA LYS C 413 -14.59 24.64 73.03
C LYS C 413 -15.30 23.42 72.50
N GLY C 414 -14.59 22.63 71.70
CA GLY C 414 -15.17 21.45 71.06
C GLY C 414 -14.10 20.68 70.30
N PRO C 415 -14.52 19.74 69.45
CA PRO C 415 -13.58 18.88 68.72
C PRO C 415 -12.67 19.61 67.73
N ILE C 416 -11.40 19.24 67.74
CA ILE C 416 -10.38 19.90 66.95
C ILE C 416 -10.07 19.11 65.69
N TYR C 417 -10.16 19.77 64.54
CA TYR C 417 -9.83 19.14 63.26
C TYR C 417 -8.56 19.75 62.70
N ILE C 418 -7.66 18.90 62.24
CA ILE C 418 -6.53 19.33 61.46
C ILE C 418 -6.97 19.26 60.00
N MET C 419 -7.02 20.41 59.33
CA MET C 419 -7.39 20.48 57.94
C MET C 419 -6.12 20.55 57.10
N ASP C 420 -5.71 19.42 56.57
CA ASP C 420 -4.52 19.33 55.76
C ASP C 420 -4.93 19.73 54.34
N LEU C 421 -4.35 20.82 53.83
CA LEU C 421 -4.79 21.32 52.52
C LEU C 421 -3.82 20.96 51.40
N ARG C 422 -2.93 20.01 51.64
CA ARG C 422 -1.84 19.76 50.70
C ARG C 422 -2.15 18.73 49.61
N GLN C 423 -2.04 19.15 48.35
CA GLN C 423 -2.19 18.20 47.24
C GLN C 423 -0.96 17.30 47.15
N GLU C 424 0.20 17.89 47.39
CA GLU C 424 1.46 17.16 47.25
C GLU C 424 1.55 16.08 48.29
N THR C 425 2.20 14.98 47.93
CA THR C 425 2.42 13.87 48.84
C THR C 425 3.37 14.28 49.96
N HIS C 426 2.98 14.00 51.19
CA HIS C 426 3.82 14.28 52.35
C HIS C 426 3.52 13.29 53.47
N GLY C 427 4.33 13.35 54.51
CA GLY C 427 4.22 12.46 55.66
C GLY C 427 5.27 12.78 56.69
N VAL C 428 5.66 11.78 57.48
CA VAL C 428 6.61 11.98 58.57
C VAL C 428 7.68 10.90 58.57
N PHE C 429 8.94 11.32 58.45
CA PHE C 429 10.11 10.43 58.56
C PHE C 429 10.86 10.73 59.85
N ASN C 430 11.03 9.71 60.70
CA ASN C 430 11.76 9.88 61.97
C ASN C 430 11.30 11.11 62.75
N GLY C 431 10.00 11.40 62.69
CA GLY C 431 9.46 12.56 63.41
C GLY C 431 9.48 13.86 62.63
N ASN C 432 10.16 13.84 61.48
CA ASN C 432 10.29 15.05 60.66
C ASN C 432 9.24 15.08 59.55
N ALA C 433 8.66 16.26 59.33
CA ALA C 433 7.72 16.47 58.23
C ALA C 433 8.46 16.49 56.89
N VAL C 434 8.04 15.63 55.97
CA VAL C 434 8.66 15.56 54.66
C VAL C 434 7.59 15.57 53.55
N SER C 435 8.01 15.89 52.34
CA SER C 435 7.14 15.85 51.18
C SER C 435 7.90 15.41 49.93
N TRP C 436 7.17 14.80 48.99
CA TRP C 436 7.75 14.38 47.73
C TRP C 436 7.69 15.58 46.78
N TYR C 437 8.81 16.28 46.65
CA TYR C 437 8.83 17.57 45.98
C TYR C 437 9.09 17.42 44.49
N GLY C 438 8.19 17.98 43.70
CA GLY C 438 8.43 18.13 42.27
C GLY C 438 8.51 19.60 41.90
N LEU C 439 8.94 19.89 40.69
CA LEU C 439 8.98 21.26 40.20
C LEU C 439 7.70 22.03 40.56
N ARG C 440 7.87 23.27 41.01
CA ARG C 440 6.75 24.11 41.51
C ARG C 440 5.92 23.48 42.65
N ASP C 441 6.47 22.47 43.31
CA ASP C 441 5.73 21.71 44.31
C ASP C 441 4.43 21.15 43.72
N TRP C 442 4.48 20.73 42.46
CA TRP C 442 3.30 20.17 41.79
C TRP C 442 3.41 18.65 41.57
N GLY C 443 3.98 17.94 42.54
CA GLY C 443 4.12 16.49 42.47
C GLY C 443 2.86 15.70 42.17
N ASN C 444 1.70 16.22 42.56
CA ASN C 444 0.43 15.54 42.36
C ASN C 444 -0.57 16.32 41.51
N LEU C 445 -0.06 17.25 40.70
CA LEU C 445 -0.90 18.04 39.81
C LEU C 445 -1.75 17.09 38.99
N GLY C 446 -3.04 17.40 38.87
CA GLY C 446 -3.95 16.64 38.03
C GLY C 446 -4.61 15.46 38.72
N LYS C 447 -4.11 15.06 39.89
CA LYS C 447 -4.65 13.88 40.57
C LYS C 447 -5.85 14.25 41.41
N ASN C 448 -6.85 13.36 41.45
CA ASN C 448 -7.94 13.49 42.41
C ASN C 448 -7.48 13.02 43.80
N LYS C 449 -8.35 13.18 44.79
CA LYS C 449 -8.02 12.88 46.18
C LYS C 449 -7.62 11.43 46.42
N ALA C 450 -8.32 10.51 45.76
CA ALA C 450 -8.05 9.09 45.91
C ALA C 450 -6.67 8.71 45.39
N GLU C 451 -6.30 9.26 44.23
CA GLU C 451 -4.99 9.02 43.65
C GLU C 451 -3.89 9.66 44.48
N VAL C 452 -4.17 10.82 45.04
CA VAL C 452 -3.23 11.47 45.96
C VAL C 452 -2.92 10.57 47.16
N LEU C 453 -3.95 10.10 47.84
CA LEU C 453 -3.73 9.26 49.03
C LEU C 453 -3.06 7.94 48.67
N LYS C 454 -3.33 7.44 47.48
CA LYS C 454 -2.71 6.21 47.01
C LYS C 454 -1.22 6.42 46.77
N ASP C 455 -0.90 7.48 46.04
CA ASP C 455 0.49 7.86 45.82
C ASP C 455 1.20 8.07 47.14
N GLU C 456 0.56 8.82 48.03
CA GLU C 456 1.14 9.12 49.34
C GLU C 456 1.47 7.85 50.13
N ASN C 457 0.49 6.96 50.27
CA ASN C 457 0.71 5.75 51.04
C ASN C 457 1.76 4.86 50.42
N SER C 458 1.79 4.82 49.09
CA SER C 458 2.75 3.96 48.38
C SER C 458 4.20 4.45 48.56
N ARG C 459 4.40 5.74 48.37
CA ARG C 459 5.74 6.30 48.47
C ARG C 459 6.28 6.32 49.89
N LEU C 460 5.42 6.55 50.88
CA LEU C 460 5.84 6.54 52.28
C LEU C 460 6.26 5.13 52.70
N ASN C 461 5.43 4.14 52.39
CA ASN C 461 5.76 2.74 52.68
C ASN C 461 7.06 2.33 52.01
N ALA C 462 7.27 2.77 50.77
CA ALA C 462 8.48 2.41 50.03
C ALA C 462 9.73 3.07 50.58
N ALA C 463 9.57 4.10 51.39
CA ALA C 463 10.72 4.84 51.92
C ALA C 463 11.23 4.20 53.19
N ARG C 464 10.37 3.41 53.77
CA ARG C 464 10.62 2.92 55.07
C ARG C 464 11.90 2.06 55.15
N GLY C 465 12.72 2.22 56.17
CA GLY C 465 13.92 1.39 56.26
C GLY C 465 14.91 1.55 55.13
N LYS C 466 14.72 2.55 54.28
CA LYS C 466 15.71 2.86 53.26
C LYS C 466 16.64 3.95 53.75
N SER C 467 17.74 4.14 53.03
CA SER C 467 18.62 5.28 53.24
C SER C 467 18.43 6.26 52.07
N LEU C 468 17.91 7.45 52.37
CA LEU C 468 17.50 8.40 51.32
C LEU C 468 17.92 9.85 51.61
N ILE C 469 18.07 10.63 50.55
CA ILE C 469 18.26 12.06 50.68
C ILE C 469 16.95 12.70 51.15
N VAL C 470 17.02 13.43 52.26
CA VAL C 470 15.93 14.26 52.75
C VAL C 470 16.55 15.61 53.06
N ALA C 471 16.22 16.62 52.26
CA ALA C 471 16.95 17.87 52.31
C ALA C 471 16.03 19.07 52.40
N GLU C 472 16.44 20.07 53.16
CA GLU C 472 15.78 21.35 53.12
C GLU C 472 16.13 21.98 51.77
N LEU C 473 15.17 22.67 51.17
CA LEU C 473 15.42 23.41 49.93
C LEU C 473 15.75 24.88 50.20
N ASP C 474 16.64 25.44 49.39
CA ASP C 474 16.97 26.87 49.50
C ASP C 474 16.00 27.74 48.68
N LYS C 475 16.32 29.03 48.58
CA LYS C 475 15.52 29.98 47.84
C LYS C 475 15.33 29.57 46.37
N ASP C 476 16.29 28.83 45.81
CA ASP C 476 16.21 28.38 44.42
C ASP C 476 15.66 26.95 44.30
N LYS C 477 15.21 26.38 45.40
CA LYS C 477 14.62 25.03 45.40
C LYS C 477 15.67 23.97 45.12
N MET C 478 16.90 24.26 45.49
CA MET C 478 17.99 23.31 45.37
C MET C 478 18.26 22.80 46.77
N PRO C 479 18.64 21.52 46.89
CA PRO C 479 18.87 20.99 48.22
C PRO C 479 20.09 21.63 48.91
N ILE C 480 19.98 21.84 50.22
CA ILE C 480 21.07 22.34 51.04
C ILE C 480 21.83 21.19 51.71
N ASP C 481 23.14 21.12 51.44
CA ASP C 481 24.01 20.06 51.99
C ASP C 481 23.34 18.70 52.09
N PRO C 482 22.90 18.15 50.94
CA PRO C 482 22.21 16.87 50.91
C PRO C 482 23.08 15.69 51.35
N LYS C 483 22.54 14.87 52.24
CA LYS C 483 23.25 13.70 52.69
C LYS C 483 22.21 12.65 53.05
N PRO C 484 22.43 11.39 52.61
CA PRO C 484 21.47 10.33 52.85
C PRO C 484 21.29 10.08 54.33
N VAL C 485 20.06 9.80 54.73
CA VAL C 485 19.76 9.53 56.12
C VAL C 485 18.90 8.29 56.18
N LYS C 486 19.10 7.52 57.24
CA LYS C 486 18.40 6.26 57.40
C LYS C 486 16.99 6.59 57.85
N ILE C 487 16.00 6.02 57.17
CA ILE C 487 14.62 6.26 57.53
C ILE C 487 14.16 5.14 58.45
N GLU C 488 14.06 5.44 59.74
CA GLU C 488 13.73 4.44 60.75
C GLU C 488 12.20 4.33 60.93
N SER C 489 11.52 5.45 61.13
CA SER C 489 10.06 5.42 61.30
C SER C 489 9.30 6.27 60.25
N VAL C 490 8.15 5.76 59.83
CA VAL C 490 7.37 6.37 58.77
C VAL C 490 5.87 6.37 59.09
N MET C 491 5.30 7.57 59.18
CA MET C 491 3.84 7.77 59.39
C MET C 491 3.24 8.70 58.33
N THR C 492 1.94 8.54 58.06
CA THR C 492 1.15 9.60 57.41
C THR C 492 0.85 10.66 58.45
N GLU C 493 0.50 11.87 58.00
CA GLU C 493 0.14 12.92 58.95
C GLU C 493 -1.13 12.52 59.71
N GLN C 494 -2.01 11.81 59.02
CA GLN C 494 -3.26 11.38 59.62
C GLN C 494 -3.02 10.41 60.78
N GLN C 495 -2.11 9.46 60.59
CA GLN C 495 -1.74 8.55 61.67
C GLN C 495 -1.19 9.34 62.82
N LEU C 496 -0.26 10.26 62.54
CA LEU C 496 0.29 11.10 63.58
C LEU C 496 -0.78 11.87 64.34
N VAL C 497 -1.70 12.51 63.61
CA VAL C 497 -2.70 13.38 64.24
C VAL C 497 -3.70 12.59 65.10
N GLU C 498 -4.17 11.47 64.57
CA GLU C 498 -5.23 10.71 65.25
C GLU C 498 -4.70 10.02 66.50
N LYS C 499 -3.47 9.51 66.39
CA LYS C 499 -2.70 8.97 67.52
C LYS C 499 -2.60 9.99 68.65
N ASN C 500 -2.60 11.28 68.31
CA ASN C 500 -2.58 12.33 69.33
C ASN C 500 -3.97 12.85 69.70
N GLY C 501 -5.00 12.13 69.28
CA GLY C 501 -6.36 12.39 69.76
C GLY C 501 -7.08 13.52 69.06
N LEU C 502 -6.68 13.82 67.82
CA LEU C 502 -7.35 14.87 67.05
C LEU C 502 -7.98 14.26 65.79
N HIS C 503 -8.94 14.96 65.20
CA HIS C 503 -9.54 14.52 63.96
C HIS C 503 -8.73 15.04 62.78
N TYR C 504 -8.91 14.44 61.61
CA TYR C 504 -8.13 14.77 60.44
C TYR C 504 -9.03 14.85 59.23
N TYR C 505 -8.84 15.89 58.42
CA TYR C 505 -9.53 15.99 57.15
C TYR C 505 -8.57 16.51 56.09
N ARG C 506 -8.64 15.91 54.90
CA ARG C 506 -7.73 16.24 53.81
C ARG C 506 -8.44 16.88 52.62
N ILE C 507 -7.96 18.04 52.19
CA ILE C 507 -8.35 18.62 50.90
C ILE C 507 -7.09 18.76 50.06
N ALA C 508 -7.10 18.22 48.85
CA ALA C 508 -5.90 18.17 48.04
C ALA C 508 -5.77 19.43 47.18
N ALA C 509 -5.36 20.53 47.81
CA ALA C 509 -5.25 21.80 47.13
C ALA C 509 -3.84 21.96 46.54
N THR C 510 -3.78 22.35 45.28
CA THR C 510 -2.51 22.50 44.57
C THR C 510 -1.79 23.76 45.06
N ASP C 511 -0.50 23.62 45.35
CA ASP C 511 0.31 24.72 45.86
C ASP C 511 0.35 25.88 44.87
N HIS C 512 0.38 27.09 45.39
CA HIS C 512 0.54 28.33 44.60
C HIS C 512 -0.72 28.87 43.94
N ILE C 513 -1.75 28.04 43.81
CA ILE C 513 -2.92 28.48 43.04
C ILE C 513 -4.18 28.62 43.89
N TRP C 514 -5.13 29.37 43.35
CA TRP C 514 -6.44 29.55 43.97
C TRP C 514 -7.13 28.20 44.05
N PRO C 515 -7.65 27.85 45.23
CA PRO C 515 -8.27 26.53 45.40
C PRO C 515 -9.37 26.28 44.35
N SER C 516 -9.40 25.09 43.80
CA SER C 516 -10.36 24.80 42.74
C SER C 516 -11.78 24.82 43.30
N ALA C 517 -12.75 24.97 42.41
CA ALA C 517 -14.15 24.98 42.80
C ALA C 517 -14.52 23.75 43.61
N ALA C 518 -14.07 22.58 43.16
CA ALA C 518 -14.32 21.32 43.84
C ALA C 518 -13.73 21.32 45.24
N ASN C 519 -12.53 21.87 45.37
CA ASN C 519 -11.87 21.93 46.67
C ASN C 519 -12.56 22.88 47.64
N ILE C 520 -13.22 23.90 47.10
CA ILE C 520 -13.92 24.86 47.92
C ILE C 520 -15.27 24.30 48.34
N ASP C 521 -15.95 23.63 47.41
CA ASP C 521 -17.20 22.95 47.73
C ASP C 521 -17.00 21.89 48.80
N GLU C 522 -15.92 21.11 48.68
CA GLU C 522 -15.59 20.09 49.66
C GLU C 522 -15.52 20.73 51.03
N PHE C 523 -14.82 21.85 51.14
CA PHE C 523 -14.73 22.51 52.43
C PHE C 523 -16.10 23.00 52.91
N ILE C 524 -16.87 23.59 52.01
CA ILE C 524 -18.18 24.13 52.38
C ILE C 524 -19.08 23.00 52.88
N ASN C 525 -19.08 21.90 52.15
CA ASN C 525 -19.82 20.73 52.59
C ASN C 525 -19.35 20.22 53.94
N PHE C 526 -18.04 20.25 54.16
CA PHE C 526 -17.51 19.82 55.46
C PHE C 526 -18.07 20.71 56.56
N THR C 527 -18.15 22.01 56.31
CA THR C 527 -18.62 22.94 57.35
C THR C 527 -20.08 22.74 57.71
N ARG C 528 -20.88 22.24 56.76
CA ARG C 528 -22.31 22.05 56.99
C ARG C 528 -22.57 20.96 58.01
N THR C 529 -21.73 19.93 57.98
CA THR C 529 -21.95 18.73 58.80
C THR C 529 -21.05 18.68 60.04
N MET C 530 -20.08 19.58 60.15
CA MET C 530 -19.15 19.50 61.28
C MET C 530 -19.84 19.78 62.60
N PRO C 531 -19.30 19.22 63.68
CA PRO C 531 -19.97 19.41 64.96
C PRO C 531 -19.88 20.83 65.44
N ALA C 532 -20.85 21.25 66.24
CA ALA C 532 -20.84 22.61 66.74
C ALA C 532 -19.63 22.79 67.65
N ASN C 533 -19.15 24.02 67.71
CA ASN C 533 -17.95 24.35 68.45
C ASN C 533 -16.70 23.63 67.93
N ALA C 534 -16.79 22.98 66.78
CA ALA C 534 -15.61 22.42 66.14
C ALA C 534 -14.56 23.52 65.92
N TRP C 535 -13.30 23.18 66.19
CA TRP C 535 -12.18 24.08 65.94
C TRP C 535 -11.42 23.57 64.73
N LEU C 536 -11.14 24.44 63.77
CA LEU C 536 -10.43 24.05 62.55
C LEU C 536 -9.04 24.61 62.54
N HIS C 537 -8.06 23.73 62.42
CA HIS C 537 -6.68 24.15 62.23
C HIS C 537 -6.21 23.85 60.83
N PHE C 538 -6.04 24.90 60.04
CA PHE C 538 -5.63 24.75 58.67
C PHE C 538 -4.13 24.79 58.56
N HIS C 539 -3.59 23.93 57.72
CA HIS C 539 -2.19 24.03 57.41
C HIS C 539 -1.94 23.60 55.97
N SER C 540 -0.85 24.09 55.41
CA SER C 540 -0.37 23.65 54.13
C SER C 540 1.13 23.39 54.28
N GLN C 541 1.95 23.82 53.32
CA GLN C 541 3.41 23.64 53.43
C GLN C 541 3.96 24.74 54.32
N ALA C 542 3.66 25.99 53.96
CA ALA C 542 4.23 27.16 54.66
C ALA C 542 3.25 27.92 55.55
N GLY C 543 1.97 27.58 55.50
CA GLY C 543 0.98 28.31 56.28
C GLY C 543 0.69 29.67 55.68
N ALA C 544 0.94 29.82 54.38
CA ALA C 544 0.79 31.10 53.72
C ALA C 544 -0.34 31.08 52.70
N GLY C 545 -0.02 30.73 51.45
CA GLY C 545 -0.98 30.75 50.35
C GLY C 545 -2.29 30.04 50.59
N ARG C 546 -2.24 28.71 50.58
CA ARG C 546 -3.44 27.90 50.71
C ARG C 546 -4.11 28.06 52.07
N THR C 547 -3.32 28.04 53.13
CA THR C 547 -3.85 28.17 54.48
C THR C 547 -4.64 29.45 54.70
N THR C 548 -4.06 30.60 54.31
CA THR C 548 -4.70 31.90 54.51
C THR C 548 -5.93 32.10 53.65
N ALA C 549 -5.92 31.55 52.45
CA ALA C 549 -7.10 31.54 51.57
C ALA C 549 -8.27 30.83 52.25
N TYR C 550 -8.04 29.61 52.70
CA TYR C 550 -9.11 28.87 53.38
C TYR C 550 -9.54 29.56 54.68
N MET C 551 -8.58 30.05 55.46
CA MET C 551 -8.94 30.77 56.68
C MET C 551 -9.79 32.02 56.35
N ALA C 552 -9.42 32.73 55.30
CA ALA C 552 -10.15 33.92 54.87
C ALA C 552 -11.56 33.56 54.42
N MET C 553 -11.68 32.45 53.71
CA MET C 553 -13.01 32.03 53.24
C MET C 553 -13.92 31.63 54.41
N TYR C 554 -13.37 30.89 55.37
CA TYR C 554 -14.17 30.50 56.53
C TYR C 554 -14.55 31.71 57.37
N ASP C 555 -13.61 32.63 57.55
CA ASP C 555 -13.88 33.86 58.27
C ASP C 555 -15.08 34.57 57.65
N MET C 556 -15.10 34.67 56.31
CA MET C 556 -16.18 35.36 55.60
C MET C 556 -17.52 34.67 55.80
N MET C 557 -17.50 33.35 55.68
CA MET C 557 -18.73 32.57 55.77
C MET C 557 -19.37 32.79 57.15
N LYS C 558 -18.54 32.93 58.17
CA LYS C 558 -19.04 33.03 59.55
C LYS C 558 -19.36 34.46 59.95
N ASN C 559 -18.77 35.42 59.23
CA ASN C 559 -18.89 36.83 59.55
C ASN C 559 -19.14 37.65 58.30
N PRO C 560 -20.25 37.37 57.61
CA PRO C 560 -20.58 38.03 56.35
C PRO C 560 -20.80 39.54 56.47
N ASP C 561 -20.94 40.05 57.69
CA ASP C 561 -21.14 41.49 57.91
C ASP C 561 -19.82 42.26 57.99
N VAL C 562 -18.71 41.55 58.01
CA VAL C 562 -17.40 42.19 58.01
C VAL C 562 -16.93 42.39 56.57
N SER C 563 -16.26 43.50 56.29
CA SER C 563 -15.87 43.84 54.92
C SER C 563 -14.76 42.92 54.38
N LEU C 564 -14.69 42.79 53.06
CA LEU C 564 -13.68 41.95 52.44
C LEU C 564 -12.32 42.43 52.86
N GLY C 565 -12.10 43.73 52.81
CA GLY C 565 -10.84 44.32 53.22
C GLY C 565 -10.43 44.04 54.65
N ASP C 566 -11.41 44.03 55.56
CA ASP C 566 -11.15 43.77 56.98
C ASP C 566 -10.83 42.29 57.22
N ILE C 567 -11.51 41.40 56.50
CA ILE C 567 -11.23 39.98 56.55
C ILE C 567 -9.77 39.72 56.15
N LEU C 568 -9.40 40.19 54.97
CA LEU C 568 -8.08 39.92 54.41
C LEU C 568 -7.02 40.57 55.28
N SER C 569 -7.31 41.78 55.72
CA SER C 569 -6.38 42.51 56.54
C SER C 569 -6.14 41.80 57.88
N ARG C 570 -7.20 41.33 58.55
CA ARG C 570 -6.98 40.69 59.84
C ARG C 570 -6.32 39.32 59.66
N GLN C 571 -6.67 38.59 58.60
CA GLN C 571 -6.01 37.31 58.33
C GLN C 571 -4.53 37.53 58.04
N TYR C 572 -4.21 38.60 57.34
CA TYR C 572 -2.82 39.00 57.14
C TYR C 572 -2.20 39.39 58.49
N LEU C 573 -2.86 40.27 59.23
CA LEU C 573 -2.29 40.75 60.48
C LEU C 573 -2.08 39.64 61.50
N LEU C 574 -2.91 38.62 61.46
CA LEU C 574 -2.80 37.51 62.41
C LEU C 574 -1.68 36.54 62.06
N GLY C 575 -1.06 36.74 60.89
CA GLY C 575 0.12 35.96 60.50
C GLY C 575 0.04 35.27 59.14
N GLY C 576 -1.09 35.44 58.45
CA GLY C 576 -1.25 34.88 57.10
C GLY C 576 -0.55 35.78 56.09
N ASN C 577 -0.69 35.46 54.82
CA ASN C 577 -0.29 36.43 53.81
C ASN C 577 -1.54 37.21 53.44
N TYR C 578 -1.43 38.13 52.49
CA TYR C 578 -2.59 38.84 52.00
C TYR C 578 -3.08 38.11 50.75
N VAL C 579 -4.32 37.61 50.77
CA VAL C 579 -4.83 36.75 49.71
C VAL C 579 -4.98 37.50 48.38
N ALA C 580 -5.25 38.80 48.42
CA ALA C 580 -5.45 39.56 47.19
C ALA C 580 -4.17 40.26 46.71
N TYR C 581 -3.02 39.76 47.17
CA TYR C 581 -1.74 40.28 46.71
C TYR C 581 -1.57 40.09 45.21
N GLU C 582 -1.09 41.13 44.53
CA GLU C 582 -0.73 41.02 43.12
C GLU C 582 0.65 41.67 42.91
N ILE C 583 1.38 41.16 41.95
CA ILE C 583 2.69 41.71 41.63
C ILE C 583 2.49 43.02 40.85
N ALA C 584 3.01 44.09 41.43
CA ALA C 584 2.85 45.43 40.85
C ALA C 584 3.22 45.47 39.35
N LYS C 585 4.47 45.12 39.03
CA LYS C 585 4.93 45.14 37.64
C LYS C 585 5.75 43.90 37.34
N PRO C 586 5.08 42.85 36.86
CA PRO C 586 5.66 41.51 36.73
C PRO C 586 6.80 41.43 35.71
N LYS C 587 7.88 40.77 36.11
CA LYS C 587 8.97 40.45 35.21
C LYS C 587 8.77 39.03 34.65
N PRO C 588 9.50 38.69 33.57
CA PRO C 588 9.37 37.40 32.89
C PRO C 588 9.56 36.19 33.79
N ASP C 589 10.49 36.26 34.74
CA ASP C 589 10.73 35.10 35.62
C ASP C 589 9.66 34.93 36.70
N GLN C 590 8.72 35.86 36.79
CA GLN C 590 7.76 35.83 37.89
C GLN C 590 6.51 35.10 37.47
N TRP C 591 6.64 33.78 37.41
CA TRP C 591 5.60 32.92 36.84
C TRP C 591 4.32 32.94 37.69
N LYS C 592 4.42 33.32 38.95
CA LYS C 592 3.27 33.31 39.85
C LYS C 592 2.31 34.48 39.63
N ALA C 593 2.71 35.43 38.81
CA ALA C 593 1.93 36.65 38.62
C ALA C 593 0.47 36.34 38.28
N ASP C 594 0.26 35.54 37.24
CA ASP C 594 -1.10 35.21 36.80
C ASP C 594 -1.91 34.51 37.89
N TYR C 595 -1.21 33.74 38.75
CA TYR C 595 -1.90 32.97 39.80
C TYR C 595 -2.26 33.85 41.01
N TYR C 596 -1.41 34.80 41.34
CA TYR C 596 -1.75 35.83 42.32
C TYR C 596 -2.95 36.63 41.83
N HIS C 597 -2.95 36.98 40.55
CA HIS C 597 -4.06 37.76 40.00
C HIS C 597 -5.37 36.99 40.07
N GLN C 598 -5.30 35.70 39.76
CA GLN C 598 -6.48 34.86 39.82
C GLN C 598 -6.98 34.80 41.28
N LYS C 599 -6.08 34.71 42.24
CA LYS C 599 -6.51 34.70 43.63
C LYS C 599 -7.15 36.04 44.02
N ALA C 600 -6.55 37.16 43.61
CA ALA C 600 -7.09 38.47 43.97
C ALA C 600 -8.51 38.62 43.46
N HIS C 601 -8.72 38.18 42.23
CA HIS C 601 -9.99 38.26 41.57
C HIS C 601 -11.00 37.33 42.23
N MET C 602 -10.59 36.08 42.47
CA MET C 602 -11.51 35.07 42.91
C MET C 602 -11.90 35.22 44.38
N ILE C 603 -11.03 35.82 45.20
CA ILE C 603 -11.37 35.97 46.61
C ILE C 603 -12.50 37.00 46.76
N GLU C 604 -12.55 37.99 45.86
CA GLU C 604 -13.67 38.92 45.80
C GLU C 604 -14.93 38.22 45.34
N LYS C 605 -14.79 37.35 44.33
CA LYS C 605 -15.94 36.61 43.84
C LYS C 605 -16.50 35.76 44.97
N PHE C 606 -15.61 35.22 45.81
CA PHE C 606 -16.07 34.41 46.92
C PHE C 606 -16.80 35.26 47.96
N TYR C 607 -16.33 36.47 48.18
CA TYR C 607 -17.01 37.38 49.08
C TYR C 607 -18.45 37.60 48.62
N GLN C 608 -18.64 37.81 47.31
CA GLN C 608 -19.98 38.06 46.78
C GLN C 608 -20.87 36.84 47.02
N TYR C 609 -20.30 35.66 46.78
CA TYR C 609 -21.02 34.41 46.96
C TYR C 609 -21.54 34.32 48.39
N VAL C 610 -20.67 34.60 49.36
CA VAL C 610 -21.07 34.50 50.75
C VAL C 610 -22.23 35.48 51.01
N GLN C 611 -22.06 36.71 50.55
CA GLN C 611 -23.11 37.73 50.69
C GLN C 611 -24.48 37.25 50.21
N GLU C 612 -24.48 36.45 49.15
CA GLU C 612 -25.72 36.04 48.49
C GLU C 612 -26.27 34.73 49.02
N ASN C 613 -25.46 33.97 49.74
CA ASN C 613 -25.86 32.59 50.06
C ASN C 613 -25.74 32.18 51.52
N HIS C 614 -25.20 33.05 52.36
CA HIS C 614 -24.99 32.67 53.75
C HIS C 614 -26.31 32.61 54.55
N ALA C 615 -27.34 33.30 54.07
CA ALA C 615 -28.62 33.35 54.76
C ALA C 615 -29.30 31.99 54.88
N ASP C 616 -29.32 31.21 53.81
CA ASP C 616 -29.97 29.89 53.81
C ASP C 616 -28.98 28.76 54.05
N GLY C 617 -27.81 29.09 54.60
CA GLY C 617 -26.80 28.09 54.91
C GLY C 617 -26.15 27.48 53.68
N PHE C 618 -25.95 28.27 52.64
CA PHE C 618 -25.14 27.87 51.47
C PHE C 618 -25.71 26.70 50.69
N LYS C 619 -27.03 26.65 50.62
CA LYS C 619 -27.71 25.55 49.95
C LYS C 619 -27.31 25.46 48.49
N THR C 620 -27.04 26.61 47.88
CA THR C 620 -26.42 26.63 46.56
C THR C 620 -24.90 26.58 46.66
N SER C 621 -24.29 25.61 46.00
CA SER C 621 -22.86 25.42 46.12
C SER C 621 -22.10 26.53 45.40
N TRP C 622 -20.80 26.58 45.66
CA TRP C 622 -19.89 27.52 45.04
C TRP C 622 -19.79 27.23 43.56
N SER C 623 -19.67 25.95 43.22
CA SER C 623 -19.57 25.55 41.83
C SER C 623 -20.82 25.94 41.05
N GLN C 624 -21.99 25.62 41.58
CA GLN C 624 -23.26 25.95 40.92
C GLN C 624 -23.42 27.46 40.74
N TRP C 625 -23.06 28.21 41.77
CA TRP C 625 -23.11 29.66 41.72
C TRP C 625 -22.15 30.20 40.66
N LEU C 626 -20.94 29.67 40.63
CA LEU C 626 -19.99 30.07 39.60
C LEU C 626 -20.60 29.91 38.23
N ALA C 627 -21.23 28.76 38.01
CA ALA C 627 -21.84 28.41 36.73
C ALA C 627 -23.27 28.94 36.64
N ALA C 628 -23.42 30.25 36.47
CA ALA C 628 -24.74 30.85 36.39
C ALA C 628 -24.64 32.33 36.04
N PRO D 39 31.37 52.72 31.99
CA PRO D 39 30.98 53.20 30.66
C PRO D 39 29.47 53.25 30.49
N ALA D 40 28.99 54.12 29.62
CA ALA D 40 27.55 54.33 29.46
C ALA D 40 26.98 53.53 28.29
N VAL D 41 25.71 53.16 28.38
CA VAL D 41 25.03 52.42 27.31
C VAL D 41 24.77 53.29 26.09
N VAL D 42 25.25 52.85 24.94
CA VAL D 42 25.04 53.59 23.69
C VAL D 42 23.58 53.46 23.25
N LYS D 43 22.93 54.59 23.03
CA LYS D 43 21.48 54.63 22.83
C LYS D 43 21.03 54.03 21.49
N ASN D 44 21.60 54.50 20.38
CA ASN D 44 21.28 53.98 19.06
C ASN D 44 22.50 53.46 18.35
N PRO D 45 22.91 52.22 18.66
CA PRO D 45 24.15 51.72 18.09
C PRO D 45 23.98 51.37 16.62
N PRO D 46 25.07 51.42 15.85
CA PRO D 46 24.94 51.06 14.45
C PRO D 46 24.43 49.63 14.31
N LYS D 47 23.96 49.27 13.13
CA LYS D 47 23.43 47.92 12.95
C LYS D 47 24.49 46.85 13.13
N LEU D 48 25.73 47.18 12.78
CA LEU D 48 26.86 46.28 13.02
C LEU D 48 27.97 47.10 13.64
N ALA D 49 28.38 46.73 14.84
CA ALA D 49 29.35 47.52 15.59
C ALA D 49 30.58 46.71 15.94
N LEU D 50 31.74 47.26 15.64
CA LEU D 50 32.98 46.67 16.09
C LEU D 50 33.13 46.97 17.57
N LYS D 51 33.24 45.92 18.39
CA LYS D 51 33.36 46.09 19.83
C LYS D 51 34.38 45.14 20.43
N ILE D 52 34.75 45.42 21.68
CA ILE D 52 35.75 44.63 22.38
C ILE D 52 35.11 43.39 23.01
N ASP D 53 35.64 42.22 22.65
CA ASP D 53 35.23 40.96 23.25
C ASP D 53 36.01 40.74 24.55
N ARG D 54 37.34 40.77 24.44
CA ARG D 54 38.23 40.56 25.59
C ARG D 54 39.40 41.52 25.59
N ALA D 55 39.52 42.30 26.66
CA ALA D 55 40.71 43.11 26.91
C ALA D 55 41.85 42.15 27.18
N ASP D 56 43.06 42.54 26.82
CA ASP D 56 44.21 41.65 26.93
C ASP D 56 44.73 41.61 28.35
N VAL D 57 44.48 40.50 29.04
CA VAL D 57 44.85 40.35 30.44
C VAL D 57 45.45 38.98 30.72
N ASN D 58 46.49 38.95 31.54
CA ASN D 58 47.12 37.69 31.92
C ASN D 58 46.28 36.95 32.95
N GLN D 59 45.44 36.04 32.47
CA GLN D 59 44.53 35.27 33.32
C GLN D 59 43.79 34.25 32.48
N LEU D 60 43.19 33.28 33.15
CA LEU D 60 42.27 32.36 32.47
C LEU D 60 41.02 33.15 32.10
N PRO D 61 40.42 32.84 30.95
CA PRO D 61 39.26 33.58 30.51
C PRO D 61 38.00 33.25 31.29
N ARG D 62 36.93 33.97 30.98
CA ARG D 62 35.64 33.76 31.59
C ARG D 62 35.15 32.33 31.38
N ASN D 63 34.62 31.72 32.43
CA ASN D 63 33.97 30.42 32.34
C ASN D 63 34.91 29.29 31.93
N PHE D 64 36.20 29.45 32.20
CA PHE D 64 37.15 28.39 31.90
C PHE D 64 36.88 27.16 32.76
N ARG D 65 36.81 25.99 32.13
CA ARG D 65 36.86 24.74 32.88
C ARG D 65 37.56 23.65 32.11
N MET D 66 38.04 22.65 32.85
CA MET D 66 38.58 21.44 32.25
C MET D 66 37.65 20.29 32.54
N GLY D 67 37.65 19.30 31.67
CA GLY D 67 36.73 18.17 31.79
C GLY D 67 36.97 17.37 33.05
N SER D 68 38.14 17.56 33.66
CA SER D 68 38.48 16.83 34.86
C SER D 68 38.25 17.65 36.13
N ASP D 69 37.69 18.85 35.99
CA ASP D 69 37.45 19.72 37.15
C ASP D 69 36.49 19.09 38.13
N LYS D 70 36.58 19.54 39.39
CA LYS D 70 35.68 19.06 40.42
C LYS D 70 34.29 19.69 40.29
N TYR D 71 33.30 19.00 40.82
CA TYR D 71 31.93 19.49 40.79
C TYR D 71 31.84 20.73 41.68
N VAL D 72 31.04 21.69 41.25
CA VAL D 72 30.68 22.83 42.09
C VAL D 72 29.17 23.00 42.12
N GLY D 73 28.60 23.11 43.32
CA GLY D 73 27.15 23.22 43.49
C GLY D 73 26.51 21.85 43.65
N VAL D 74 25.19 21.79 43.51
CA VAL D 74 24.43 20.54 43.73
C VAL D 74 23.46 20.25 42.57
N THR D 75 23.01 19.01 42.46
CA THR D 75 21.91 18.69 41.56
C THR D 75 20.60 18.91 42.30
N LYS D 76 19.49 18.92 41.57
CA LYS D 76 18.18 19.14 42.16
C LYS D 76 17.77 18.00 43.09
N THR D 77 18.30 16.81 42.82
CA THR D 77 18.04 15.64 43.65
C THR D 77 18.97 15.57 44.85
N GLY D 78 20.07 16.27 44.79
CA GLY D 78 21.11 16.12 45.81
C GLY D 78 21.99 14.91 45.58
N ILE D 79 21.73 14.20 44.49
CA ILE D 79 22.54 13.06 44.09
C ILE D 79 23.49 13.45 42.96
N MET D 80 24.77 13.25 43.18
CA MET D 80 25.79 13.66 42.23
C MET D 80 25.90 12.60 41.14
N PRO D 81 26.08 13.05 39.89
CA PRO D 81 26.29 12.10 38.83
C PRO D 81 27.68 11.50 38.90
N THR D 82 27.80 10.27 38.44
CA THR D 82 29.08 9.61 38.34
C THR D 82 30.11 10.51 37.62
N ARG D 83 31.37 10.35 38.01
CA ARG D 83 32.46 11.08 37.36
C ARG D 83 33.15 10.20 36.35
N LYS D 84 32.60 9.02 36.12
CA LYS D 84 33.24 8.05 35.23
C LYS D 84 33.62 8.66 33.87
N GLY D 85 34.92 8.55 33.56
CA GLY D 85 35.41 8.92 32.24
C GLY D 85 35.71 10.40 32.09
N MET D 86 35.43 11.20 33.11
CA MET D 86 35.60 12.64 33.00
C MET D 86 37.07 13.05 32.91
N ASP D 87 37.93 12.35 33.65
CA ASP D 87 39.32 12.75 33.79
C ASP D 87 40.21 12.42 32.57
N THR D 88 39.73 11.56 31.67
CA THR D 88 40.51 11.16 30.50
C THR D 88 39.98 11.71 29.18
N MET D 89 39.20 12.80 29.24
CA MET D 89 38.57 13.36 28.03
C MET D 89 39.50 14.37 27.34
N ASN D 90 40.49 14.85 28.07
CA ASN D 90 41.48 15.75 27.49
C ASN D 90 40.80 16.93 26.82
N VAL D 91 40.02 17.66 27.61
CA VAL D 91 39.19 18.71 27.07
C VAL D 91 39.16 19.90 28.03
N SER D 92 39.01 21.09 27.48
CA SER D 92 38.71 22.27 28.28
C SER D 92 37.79 23.17 27.48
N ALA D 93 37.26 24.22 28.11
CA ALA D 93 36.32 25.11 27.44
C ALA D 93 36.30 26.47 28.09
N SER D 94 35.80 27.48 27.37
CA SER D 94 35.74 28.83 27.93
C SER D 94 35.01 29.78 27.03
N SER D 95 34.90 31.02 27.48
CA SER D 95 34.52 32.15 26.65
C SER D 95 35.59 32.38 25.59
N CYS D 96 35.34 33.32 24.69
CA CYS D 96 36.40 33.81 23.85
C CYS D 96 37.51 34.40 24.72
N PHE D 97 38.72 34.44 24.16
CA PHE D 97 39.94 34.81 24.89
C PHE D 97 40.79 35.87 24.19
N SER D 98 41.42 36.73 24.99
CA SER D 98 42.49 37.59 24.51
C SER D 98 43.73 36.74 24.31
N GLU D 99 44.78 37.34 23.75
CA GLU D 99 46.01 36.61 23.49
C GLU D 99 46.64 36.11 24.79
N LYS D 100 46.73 37.00 25.77
CA LYS D 100 47.28 36.63 27.06
C LYS D 100 46.43 35.57 27.75
N GLU D 101 45.12 35.59 27.51
CA GLU D 101 44.25 34.59 28.10
C GLU D 101 44.51 33.23 27.43
N LEU D 102 44.79 33.22 26.12
CA LEU D 102 45.20 31.98 25.46
C LEU D 102 46.50 31.45 26.05
N GLU D 103 47.46 32.34 26.29
CA GLU D 103 48.76 31.94 26.83
C GLU D 103 48.58 31.30 28.21
N ALA D 104 47.69 31.87 29.00
CA ALA D 104 47.34 31.29 30.29
C ALA D 104 46.71 29.92 30.11
N ILE D 105 45.90 29.76 29.06
CA ILE D 105 45.29 28.47 28.78
C ILE D 105 46.35 27.43 28.42
N LEU D 106 47.23 27.81 27.50
CA LEU D 106 48.27 26.93 27.02
C LEU D 106 49.23 26.53 28.15
N LYS D 107 49.44 27.45 29.10
CA LYS D 107 50.28 27.13 30.23
C LYS D 107 49.64 26.17 31.21
N LYS D 108 48.32 26.27 31.35
CA LYS D 108 47.60 25.44 32.31
C LYS D 108 47.42 23.99 31.85
N VAL D 109 47.00 23.78 30.61
CA VAL D 109 46.66 22.44 30.16
C VAL D 109 47.91 21.55 30.01
N PRO D 110 47.80 20.26 30.39
CA PRO D 110 48.94 19.36 30.42
C PRO D 110 49.31 18.76 29.06
N VAL D 111 49.42 19.61 28.04
CA VAL D 111 49.93 19.16 26.74
C VAL D 111 50.80 20.25 26.12
N LYS D 112 51.48 19.90 25.04
CA LYS D 112 52.23 20.86 24.24
C LYS D 112 51.28 21.57 23.32
N PRO D 113 51.62 22.80 22.91
CA PRO D 113 50.80 23.56 21.98
C PRO D 113 50.45 22.76 20.71
N SER D 114 51.38 21.94 20.23
CA SER D 114 51.16 21.17 19.00
C SER D 114 50.05 20.13 19.15
N GLN D 115 49.67 19.84 20.40
CA GLN D 115 48.57 18.91 20.70
C GLN D 115 47.26 19.60 21.02
N PHE D 116 47.29 20.93 21.00
CA PHE D 116 46.17 21.72 21.43
C PHE D 116 45.36 22.15 20.22
N TYR D 117 44.06 21.88 20.26
CA TYR D 117 43.15 22.31 19.21
C TYR D 117 42.13 23.34 19.70
N ASP D 118 42.25 24.56 19.20
CA ASP D 118 41.26 25.59 19.45
C ASP D 118 40.04 25.35 18.56
N VAL D 119 38.93 24.90 19.17
CA VAL D 119 37.67 24.75 18.43
C VAL D 119 36.84 26.02 18.60
N ASP D 120 36.86 26.85 17.56
CA ASP D 120 36.25 28.17 17.55
C ASP D 120 34.81 28.03 17.05
N LEU D 121 33.83 28.21 17.92
CA LEU D 121 32.42 27.94 17.56
C LEU D 121 31.66 29.17 17.08
N ARG D 122 32.37 30.27 16.90
CA ARG D 122 31.71 31.53 16.66
C ARG D 122 31.45 31.80 15.20
N GLY D 123 30.18 31.87 14.84
CA GLY D 123 29.74 32.31 13.51
C GLY D 123 29.89 33.81 13.30
N GLU D 124 29.77 34.57 14.38
CA GLU D 124 29.94 36.02 14.31
C GLU D 124 31.37 36.36 13.88
N SER D 125 31.53 37.43 13.10
CA SER D 125 32.87 37.81 12.64
C SER D 125 33.71 38.39 13.79
N HIS D 126 34.91 37.86 13.97
CA HIS D 126 35.80 38.30 15.04
C HIS D 126 37.27 38.21 14.65
N GLY D 127 38.12 38.81 15.48
CA GLY D 127 39.56 38.75 15.30
C GLY D 127 40.30 39.43 16.43
N TYR D 128 41.54 39.83 16.16
CA TYR D 128 42.44 40.36 17.19
C TYR D 128 43.15 41.61 16.69
N LEU D 129 43.16 42.64 17.54
CA LEU D 129 44.01 43.82 17.34
C LEU D 129 45.09 43.78 18.40
N ASN D 130 46.31 43.49 17.98
CA ASN D 130 47.34 43.02 18.89
C ASN D 130 46.74 41.87 19.67
N GLY D 131 46.69 41.96 21.00
CA GLY D 131 46.19 40.88 21.83
C GLY D 131 44.72 40.99 22.22
N THR D 132 44.10 42.11 21.85
CA THR D 132 42.70 42.35 22.19
C THR D 132 41.74 41.64 21.23
N ALA D 133 40.77 40.93 21.79
CA ALA D 133 39.79 40.24 20.97
C ALA D 133 38.62 41.16 20.71
N VAL D 134 38.23 41.25 19.44
CA VAL D 134 37.17 42.16 19.00
C VAL D 134 36.25 41.44 18.04
N SER D 135 35.03 41.95 17.89
CA SER D 135 34.08 41.33 17.00
C SER D 135 33.05 42.30 16.48
N TRP D 136 32.37 41.88 15.43
CA TRP D 136 31.32 42.68 14.82
C TRP D 136 29.96 42.20 15.34
N PHE D 137 29.35 43.06 16.14
CA PHE D 137 28.13 42.75 16.87
C PHE D 137 26.90 43.43 16.28
N ALA D 138 25.88 42.61 15.99
CA ALA D 138 24.54 43.12 15.70
C ALA D 138 23.61 42.61 16.80
N ASN D 139 22.36 43.07 16.81
CA ASN D 139 21.43 42.66 17.85
C ASN D 139 21.35 41.14 18.00
N HIS D 140 21.30 40.66 19.24
CA HIS D 140 21.28 39.22 19.53
C HIS D 140 22.56 38.50 19.07
N ASP D 141 23.60 39.25 18.74
CA ASP D 141 24.87 38.67 18.27
C ASP D 141 24.68 37.90 16.96
N TRP D 142 23.85 38.44 16.09
CA TRP D 142 23.54 37.80 14.82
C TRP D 142 24.15 38.55 13.64
N GLY D 143 25.40 38.98 13.82
CA GLY D 143 26.09 39.74 12.79
C GLY D 143 26.12 39.01 11.46
N ASN D 144 26.22 37.69 11.49
CA ASN D 144 26.25 36.88 10.27
C ASN D 144 25.01 36.01 10.11
N ASP D 145 23.90 36.51 10.64
CA ASP D 145 22.60 35.84 10.55
C ASP D 145 22.36 35.27 9.16
N GLY D 146 22.11 33.98 9.10
CA GLY D 146 21.70 33.31 7.87
C GLY D 146 22.85 32.82 7.01
N ARG D 147 24.05 33.33 7.25
CA ARG D 147 25.14 33.14 6.33
C ARG D 147 25.81 31.78 6.47
N THR D 148 26.25 31.26 5.34
CA THR D 148 27.02 30.02 5.31
C THR D 148 28.51 30.29 5.57
N GLU D 149 29.21 29.23 5.94
CA GLU D 149 30.63 29.26 6.23
C GLU D 149 31.45 29.85 5.07
N ASP D 150 31.11 29.52 3.83
CA ASP D 150 31.91 29.99 2.69
C ASP D 150 31.68 31.46 2.38
N ILE D 151 30.64 32.05 2.97
CA ILE D 151 30.49 33.49 2.93
C ILE D 151 31.20 34.09 4.14
N ILE D 152 30.98 33.51 5.32
CA ILE D 152 31.47 34.08 6.57
C ILE D 152 33.01 34.16 6.67
N ILE D 153 33.71 33.11 6.26
CA ILE D 153 35.15 33.09 6.44
C ILE D 153 35.83 34.22 5.65
N PRO D 154 35.59 34.29 4.33
CA PRO D 154 36.24 35.38 3.61
C PRO D 154 35.73 36.77 4.01
N LEU D 155 34.46 36.88 4.39
CA LEU D 155 33.91 38.16 4.84
C LEU D 155 34.66 38.66 6.09
N GLU D 156 34.85 37.77 7.07
CA GLU D 156 35.64 38.06 8.29
C GLU D 156 37.05 38.54 7.96
N LYS D 157 37.74 37.85 7.07
CA LYS D 157 39.08 38.28 6.67
C LYS D 157 39.06 39.71 6.12
N GLU D 158 38.05 39.99 5.31
CA GLU D 158 37.88 41.30 4.70
C GLU D 158 37.58 42.38 5.72
N GLN D 159 36.69 42.07 6.66
CA GLN D 159 36.38 43.02 7.72
C GLN D 159 37.64 43.37 8.51
N LEU D 160 38.46 42.36 8.77
CA LEU D 160 39.71 42.56 9.49
C LEU D 160 40.72 43.29 8.59
N ALA D 161 40.76 42.93 7.31
CA ALA D 161 41.70 43.57 6.40
C ALA D 161 41.45 45.07 6.36
N SER D 162 40.20 45.46 6.54
CA SER D 162 39.83 46.86 6.49
C SER D 162 40.40 47.70 7.64
N LEU D 163 40.96 47.05 8.67
CA LEU D 163 41.52 47.75 9.83
C LEU D 163 43.04 47.88 9.74
N LYS D 164 43.65 47.13 8.82
CA LYS D 164 45.07 47.24 8.56
C LYS D 164 45.29 48.60 7.90
N GLY D 165 46.48 49.17 8.01
CA GLY D 165 46.66 50.52 7.49
C GLY D 165 46.10 51.58 8.42
N SER D 166 45.59 51.16 9.57
CA SER D 166 45.37 52.09 10.69
C SER D 166 46.15 51.56 11.87
N THR D 167 46.43 52.43 12.83
CA THR D 167 47.07 51.99 14.06
C THR D 167 46.24 52.45 15.26
N VAL D 168 45.06 53.00 14.99
CA VAL D 168 44.14 53.39 16.07
C VAL D 168 42.65 53.50 15.59
N LYS D 169 41.71 52.95 16.37
CA LYS D 169 40.26 52.94 16.10
C LYS D 169 39.47 53.22 17.33
N SER D 170 38.38 53.90 17.13
CA SER D 170 37.42 53.96 18.17
C SER D 170 36.66 52.64 18.12
N ILE D 171 36.71 51.91 19.24
CA ILE D 171 36.05 50.60 19.34
C ILE D 171 34.99 50.63 20.46
N TYR D 172 33.74 50.25 20.15
CA TYR D 172 32.67 50.19 21.17
C TYR D 172 33.04 49.23 22.28
N ARG D 173 32.69 49.58 23.52
CA ARG D 173 32.80 48.66 24.63
C ARG D 173 31.52 47.88 24.75
N PHE D 174 31.50 46.93 25.68
CA PHE D 174 30.42 45.97 25.72
C PHE D 174 30.12 45.52 27.14
N ASP D 175 28.83 45.28 27.42
CA ASP D 175 28.39 44.73 28.69
C ASP D 175 27.90 43.29 28.52
N ASP D 176 28.61 42.34 29.13
CA ASP D 176 28.32 40.92 28.98
C ASP D 176 27.06 40.48 29.71
N LYS D 177 26.65 41.23 30.73
CA LYS D 177 25.47 40.87 31.49
C LYS D 177 24.21 41.08 30.64
N LYS D 178 24.16 42.21 29.95
CA LYS D 178 22.98 42.55 29.16
C LYS D 178 23.22 42.32 27.67
N ASN D 179 24.46 42.05 27.29
CA ASN D 179 24.83 41.91 25.88
C ASN D 179 24.41 43.14 25.07
N VAL D 180 24.88 44.30 25.49
CA VAL D 180 24.64 45.55 24.76
C VAL D 180 25.92 46.35 24.58
N ILE D 181 25.95 47.13 23.51
CA ILE D 181 27.08 47.99 23.18
C ILE D 181 27.24 49.16 24.16
N LEU D 182 28.46 49.39 24.63
CA LEU D 182 28.76 50.51 25.54
C LEU D 182 29.58 51.55 24.78
N SER D 183 29.58 52.77 25.28
CA SER D 183 30.29 53.82 24.58
C SER D 183 31.73 53.40 24.31
N PRO D 184 32.25 53.84 23.18
CA PRO D 184 33.57 53.40 22.69
C PRO D 184 34.81 54.02 23.35
N VAL D 185 35.96 53.41 23.07
CA VAL D 185 37.29 53.88 23.51
C VAL D 185 38.19 53.71 22.28
N TYR D 186 39.35 54.36 22.29
CA TYR D 186 40.29 54.24 21.21
C TYR D 186 41.23 53.09 21.50
N VAL D 187 41.45 52.24 20.50
CA VAL D 187 42.37 51.15 20.67
C VAL D 187 43.56 51.42 19.76
N ASN D 188 44.78 51.24 20.29
CA ASN D 188 45.97 51.31 19.46
C ASN D 188 46.49 49.92 19.17
N TYR D 189 46.91 49.70 17.93
CA TYR D 189 47.40 48.40 17.52
C TYR D 189 48.33 48.60 16.35
N ASN D 190 49.19 47.61 16.10
CA ASN D 190 50.02 47.52 14.89
C ASN D 190 49.92 46.14 14.24
N LYS D 191 48.94 45.34 14.68
CA LYS D 191 48.80 43.96 14.23
C LYS D 191 47.32 43.62 14.18
N VAL D 192 46.87 43.10 13.04
CA VAL D 192 45.50 42.64 12.88
C VAL D 192 45.55 41.17 12.48
N ARG D 193 44.80 40.33 13.20
CA ARG D 193 44.82 38.89 12.97
C ARG D 193 43.45 38.23 13.11
N THR D 194 43.23 37.18 12.31
CA THR D 194 42.14 36.27 12.56
C THR D 194 42.54 35.46 13.76
N GLU D 195 41.58 34.75 14.35
CA GLU D 195 41.89 33.92 15.50
C GLU D 195 42.86 32.84 15.07
N GLU D 196 42.63 32.32 13.87
CA GLU D 196 43.49 31.28 13.33
C GLU D 196 44.94 31.75 13.32
N GLU D 197 45.20 32.91 12.73
CA GLU D 197 46.56 33.41 12.68
C GLU D 197 47.13 33.55 14.10
N MET D 198 46.35 34.11 15.02
CA MET D 198 46.85 34.32 16.37
C MET D 198 47.21 32.98 17.02
N VAL D 199 46.35 32.00 16.86
CA VAL D 199 46.54 30.69 17.52
C VAL D 199 47.72 29.93 16.94
N LYS D 200 47.86 29.94 15.63
CA LYS D 200 48.93 29.20 14.98
C LYS D 200 50.30 29.81 15.29
N GLN D 201 50.32 31.10 15.56
CA GLN D 201 51.54 31.77 15.99
C GLN D 201 51.98 31.36 17.37
N HIS D 202 51.08 30.71 18.12
CA HIS D 202 51.44 30.16 19.41
C HIS D 202 51.77 28.67 19.31
N GLY D 203 51.83 28.17 18.07
CA GLY D 203 52.18 26.76 17.82
C GLY D 203 51.02 25.79 18.00
N ALA D 204 49.81 26.31 18.10
CA ALA D 204 48.63 25.47 18.32
C ALA D 204 47.82 25.25 17.05
N ASN D 205 46.80 24.43 17.16
CA ASN D 205 45.95 24.10 16.01
C ASN D 205 44.61 24.82 16.09
N TYR D 206 43.94 24.96 14.96
CA TYR D 206 42.71 25.74 14.90
C TYR D 206 41.68 25.03 14.05
N PHE D 207 40.45 25.00 14.55
CA PHE D 207 39.31 24.46 13.80
C PHE D 207 38.10 25.34 14.03
N ARG D 208 37.38 25.64 12.94
CA ARG D 208 36.30 26.61 12.98
C ARG D 208 34.97 26.02 12.58
N LEU D 209 33.97 26.21 13.43
CA LEU D 209 32.57 26.04 13.03
C LEU D 209 31.88 27.38 13.18
N THR D 210 31.15 27.79 12.15
CA THR D 210 30.52 29.08 12.17
C THR D 210 29.10 28.95 12.68
N LEU D 211 28.96 28.78 14.00
CA LEU D 211 27.65 28.61 14.64
C LEU D 211 27.01 29.94 15.08
N GLN D 212 25.74 30.11 14.75
CA GLN D 212 24.99 31.29 15.19
C GLN D 212 24.82 31.24 16.69
N ASP D 213 24.99 32.38 17.34
CA ASP D 213 24.73 32.49 18.77
C ASP D 213 23.27 32.11 19.03
N HIS D 214 23.03 31.43 20.16
CA HIS D 214 21.69 31.11 20.66
C HIS D 214 21.05 29.84 20.12
N PHE D 215 21.68 29.16 19.18
CA PHE D 215 21.10 27.98 18.58
C PHE D 215 22.02 26.77 18.64
N ARG D 216 21.43 25.60 18.48
CA ARG D 216 22.17 24.37 18.25
C ARG D 216 22.87 24.50 16.93
N PRO D 217 23.87 23.65 16.68
CA PRO D 217 24.47 23.51 15.35
C PRO D 217 23.54 22.75 14.39
N ASP D 218 23.49 23.14 13.13
CA ASP D 218 22.70 22.40 12.16
C ASP D 218 23.42 21.09 11.85
N ASP D 219 22.66 20.10 11.38
CA ASP D 219 23.21 18.78 11.08
C ASP D 219 24.51 18.79 10.27
N PRO D 220 24.59 19.61 9.19
CA PRO D 220 25.83 19.57 8.40
C PRO D 220 27.08 20.03 9.17
N ASP D 221 26.90 20.93 10.13
CA ASP D 221 28.00 21.35 11.00
C ASP D 221 28.36 20.25 12.01
N VAL D 222 27.36 19.51 12.45
CA VAL D 222 27.61 18.35 13.29
C VAL D 222 28.47 17.37 12.50
N ASP D 223 28.12 17.11 11.23
CA ASP D 223 28.90 16.21 10.37
C ASP D 223 30.35 16.68 10.24
N LYS D 224 30.51 17.99 10.04
CA LYS D 224 31.84 18.56 9.87
C LYS D 224 32.67 18.40 11.14
N PHE D 225 32.04 18.62 12.29
CA PHE D 225 32.73 18.42 13.56
C PHE D 225 33.14 16.95 13.76
N LEU D 226 32.26 16.03 13.37
CA LEU D 226 32.52 14.61 13.52
C LEU D 226 33.66 14.15 12.61
N GLU D 227 33.72 14.69 11.40
CA GLU D 227 34.81 14.36 10.50
C GLU D 227 36.12 14.93 11.05
N PHE D 228 36.04 16.11 11.65
CA PHE D 228 37.21 16.67 12.34
C PHE D 228 37.60 15.81 13.54
N TYR D 229 36.62 15.46 14.36
CA TYR D 229 36.87 14.70 15.58
C TYR D 229 37.55 13.37 15.27
N LYS D 230 36.98 12.63 14.32
CA LYS D 230 37.52 11.32 13.93
C LYS D 230 38.93 11.40 13.34
N SER D 231 39.34 12.57 12.87
CA SER D 231 40.63 12.65 12.19
C SER D 231 41.73 13.08 13.16
N LEU D 232 41.39 13.22 14.43
CA LEU D 232 42.32 13.70 15.44
C LEU D 232 43.31 12.63 15.87
N PRO D 233 44.54 13.04 16.20
CA PRO D 233 45.44 12.11 16.83
C PRO D 233 44.97 11.77 18.22
N LYS D 234 45.29 10.56 18.64
CA LYS D 234 44.79 10.06 19.89
C LYS D 234 45.04 10.95 21.08
N ASP D 235 46.18 11.63 21.06
CA ASP D 235 46.61 12.47 22.17
C ASP D 235 46.14 13.93 22.05
N ALA D 236 45.15 14.18 21.21
CA ALA D 236 44.71 15.54 20.93
C ALA D 236 43.99 16.16 22.13
N TRP D 237 44.25 17.44 22.38
CA TRP D 237 43.54 18.20 23.42
C TRP D 237 42.59 19.21 22.79
N LEU D 238 41.30 19.10 23.09
CA LEU D 238 40.31 20.01 22.51
C LEU D 238 39.92 21.11 23.48
N HIS D 239 39.99 22.35 23.02
CA HIS D 239 39.45 23.46 23.80
C HIS D 239 38.30 24.11 23.02
N TYR D 240 37.08 23.95 23.52
CA TYR D 240 35.91 24.57 22.89
C TYR D 240 35.69 25.96 23.44
N HIS D 241 35.35 26.89 22.56
CA HIS D 241 34.90 28.18 23.01
C HIS D 241 33.93 28.80 22.03
N SER D 242 33.09 29.69 22.55
CA SER D 242 32.16 30.48 21.77
C SER D 242 32.40 31.93 22.20
N TYR D 243 31.36 32.73 22.37
CA TYR D 243 31.58 34.07 22.91
C TYR D 243 31.62 34.01 24.45
N ALA D 244 30.57 33.46 25.05
CA ALA D 244 30.44 33.50 26.49
C ALA D 244 30.91 32.22 27.17
N GLY D 245 31.10 31.16 26.41
CA GLY D 245 31.41 29.86 26.97
C GLY D 245 30.20 29.26 27.69
N MET D 246 29.01 29.67 27.28
CA MET D 246 27.78 29.18 27.88
C MET D 246 27.05 28.21 26.94
N GLY D 247 26.17 28.72 26.09
CA GLY D 247 25.34 27.89 25.22
C GLY D 247 26.07 26.98 24.23
N ARG D 248 26.65 27.57 23.19
CA ARG D 248 27.33 26.78 22.17
C ARG D 248 28.47 25.97 22.78
N THR D 249 29.16 26.53 23.76
CA THR D 249 30.30 25.82 24.37
C THR D 249 29.81 24.60 25.17
N THR D 250 28.73 24.77 25.91
CA THR D 250 28.20 23.64 26.68
C THR D 250 27.61 22.58 25.76
N ILE D 251 27.02 22.97 24.64
CA ILE D 251 26.53 21.96 23.71
C ILE D 251 27.65 21.04 23.30
N PHE D 252 28.81 21.61 23.01
CA PHE D 252 29.91 20.82 22.48
C PHE D 252 30.68 20.07 23.54
N MET D 253 30.73 20.59 24.77
CA MET D 253 31.29 19.84 25.89
C MET D 253 30.42 18.63 26.18
N VAL D 254 29.09 18.77 26.03
CA VAL D 254 28.20 17.62 26.17
C VAL D 254 28.40 16.61 25.04
N MET D 255 28.57 17.08 23.80
CA MET D 255 28.85 16.18 22.67
C MET D 255 30.16 15.42 22.87
N HIS D 256 31.19 16.12 23.31
CA HIS D 256 32.49 15.53 23.58
C HIS D 256 32.37 14.46 24.66
N ASP D 257 31.77 14.84 25.79
CA ASP D 257 31.50 13.91 26.88
C ASP D 257 30.77 12.70 26.33
N ILE D 258 29.76 12.95 25.49
CA ILE D 258 28.98 11.85 24.89
C ILE D 258 29.84 10.94 23.99
N LEU D 259 30.66 11.55 23.14
CA LEU D 259 31.54 10.78 22.25
C LEU D 259 32.50 9.88 23.03
N LYS D 260 32.96 10.36 24.18
CA LYS D 260 33.85 9.57 25.02
C LYS D 260 33.16 8.52 25.89
N ASN D 261 31.93 8.80 26.34
CA ASN D 261 31.37 8.08 27.49
C ASN D 261 29.93 7.55 27.36
N ALA D 262 29.29 7.79 26.23
CA ALA D 262 27.88 7.40 26.09
C ALA D 262 27.65 5.94 26.45
N LYS D 263 28.62 5.07 26.17
CA LYS D 263 28.44 3.64 26.40
C LYS D 263 28.32 3.30 27.88
N ASP D 264 28.91 4.13 28.72
CA ASP D 264 29.00 3.83 30.15
C ASP D 264 28.26 4.80 31.03
N VAL D 265 27.90 5.98 30.51
CA VAL D 265 27.26 7.02 31.31
C VAL D 265 25.93 7.46 30.71
N SER D 266 24.93 7.64 31.56
CA SER D 266 23.61 8.04 31.11
C SER D 266 23.61 9.45 30.56
N PHE D 267 22.64 9.73 29.70
CA PHE D 267 22.44 11.07 29.17
C PHE D 267 22.27 12.08 30.28
N ASP D 268 21.42 11.79 31.25
CA ASP D 268 21.14 12.76 32.30
C ASP D 268 22.38 13.06 33.13
N ASP D 269 23.25 12.07 33.28
CA ASP D 269 24.43 12.28 34.08
C ASP D 269 25.39 13.20 33.35
N ILE D 270 25.49 13.05 32.04
CA ILE D 270 26.35 13.92 31.26
C ILE D 270 25.86 15.38 31.33
N ILE D 271 24.55 15.57 31.16
CA ILE D 271 23.98 16.91 31.20
C ILE D 271 24.26 17.58 32.55
N GLN D 272 23.98 16.86 33.63
CA GLN D 272 24.23 17.38 34.98
C GLN D 272 25.70 17.67 35.23
N ARG D 273 26.58 16.74 34.89
CA ARG D 273 27.99 16.97 35.24
C ARG D 273 28.62 18.08 34.43
N GLN D 274 28.15 18.30 33.20
CA GLN D 274 28.66 19.44 32.42
C GLN D 274 28.17 20.76 32.99
N LYS D 275 27.07 20.72 33.74
CA LYS D 275 26.62 21.89 34.49
C LYS D 275 27.51 22.08 35.71
N LEU D 276 27.75 21.00 36.43
CA LEU D 276 28.52 21.08 37.67
C LEU D 276 29.97 21.59 37.49
N ILE D 277 30.61 21.25 36.37
CA ILE D 277 31.95 21.78 36.10
C ILE D 277 31.88 23.08 35.29
N GLY D 278 30.68 23.40 34.79
CA GLY D 278 30.53 24.56 33.93
C GLY D 278 29.55 25.60 34.45
N ILE D 279 28.69 26.07 33.54
CA ILE D 279 27.81 27.19 33.83
C ILE D 279 26.38 26.99 33.31
N VAL D 280 26.18 26.08 32.36
CA VAL D 280 24.84 25.82 31.81
C VAL D 280 24.34 24.38 31.97
N ASP D 281 23.09 24.25 32.40
CA ASP D 281 22.35 22.99 32.41
C ASP D 281 21.40 23.03 31.22
N LEU D 282 21.75 22.28 30.16
CA LEU D 282 21.02 22.31 28.92
C LEU D 282 19.58 21.81 29.05
N SER D 283 19.29 21.07 30.12
CA SER D 283 17.95 20.55 30.32
C SER D 283 17.05 21.56 30.98
N GLU D 284 17.63 22.66 31.43
CA GLU D 284 16.86 23.70 32.08
C GLU D 284 16.21 24.64 31.06
N ILE D 285 14.89 24.71 31.11
CA ILE D 285 14.12 25.71 30.33
C ILE D 285 13.46 26.65 31.32
N PRO D 286 14.13 27.77 31.62
CA PRO D 286 13.71 28.62 32.70
C PRO D 286 12.50 29.49 32.35
N ASP D 287 11.81 29.94 33.40
CA ASP D 287 10.59 30.76 33.27
C ASP D 287 10.82 32.01 32.44
N LYS D 288 11.98 32.62 32.59
CA LYS D 288 12.29 33.87 31.88
C LYS D 288 12.44 33.71 30.37
N LYS D 289 12.64 32.48 29.90
CA LYS D 289 12.68 32.23 28.46
C LYS D 289 11.27 32.01 27.94
N LYS D 290 10.86 32.83 26.97
CA LYS D 290 9.51 32.77 26.45
C LYS D 290 9.48 32.78 24.92
N ASN D 291 8.37 32.35 24.36
CA ASN D 291 8.18 32.36 22.91
C ASN D 291 9.43 31.87 22.15
N TYR D 292 10.02 32.72 21.31
CA TYR D 292 11.15 32.29 20.46
C TYR D 292 12.37 31.73 21.24
N GLY D 293 12.81 32.46 22.26
CA GLY D 293 13.98 32.05 23.06
C GLY D 293 13.76 30.69 23.69
N ARG D 294 12.54 30.49 24.18
CA ARG D 294 12.11 29.23 24.74
C ARG D 294 12.25 28.08 23.74
N LYS D 295 11.85 28.33 22.50
CA LYS D 295 11.96 27.32 21.45
C LYS D 295 13.41 26.93 21.20
N ALA D 296 14.30 27.93 21.21
CA ALA D 296 15.71 27.68 20.99
C ALA D 296 16.30 26.79 22.11
N TYR D 297 15.91 27.03 23.37
CA TYR D 297 16.41 26.23 24.49
C TYR D 297 15.91 24.79 24.32
N ILE D 298 14.64 24.68 23.96
CA ILE D 298 14.04 23.39 23.74
C ILE D 298 14.77 22.72 22.57
N GLU D 299 14.91 23.44 21.46
CA GLU D 299 15.57 22.92 20.26
C GLU D 299 16.98 22.38 20.55
N ARG D 300 17.76 23.10 21.34
CA ARG D 300 19.11 22.62 21.63
C ARG D 300 19.16 21.45 22.62
N TYR D 301 18.23 21.38 23.57
CA TYR D 301 18.18 20.25 24.48
C TYR D 301 17.82 18.99 23.72
N GLN D 302 16.84 19.10 22.83
CA GLN D 302 16.41 17.93 22.09
C GLN D 302 17.56 17.49 21.17
N PHE D 303 18.35 18.43 20.70
CA PHE D 303 19.49 18.08 19.88
C PHE D 303 20.50 17.19 20.61
N VAL D 304 20.87 17.57 21.84
CA VAL D 304 21.86 16.76 22.57
C VAL D 304 21.28 15.39 22.96
N GLN D 305 19.97 15.30 23.12
CA GLN D 305 19.29 14.01 23.27
C GLN D 305 19.48 13.17 22.00
N HIS D 306 19.29 13.78 20.84
CA HIS D 306 19.39 13.02 19.60
C HIS D 306 20.83 12.64 19.35
N PHE D 307 21.75 13.56 19.64
CA PHE D 307 23.16 13.24 19.47
C PHE D 307 23.60 12.07 20.34
N TYR D 308 23.13 12.06 21.59
CA TYR D 308 23.37 10.93 22.50
C TYR D 308 22.92 9.61 21.87
N ASP D 309 21.69 9.58 21.36
CA ASP D 309 21.14 8.37 20.77
C ASP D 309 21.96 7.93 19.57
N TYR D 310 22.42 8.90 18.79
CA TYR D 310 23.18 8.61 17.60
C TYR D 310 24.50 7.94 18.00
N VAL D 311 25.14 8.47 19.03
CA VAL D 311 26.40 7.89 19.46
C VAL D 311 26.17 6.48 20.06
N LYS D 312 25.08 6.31 20.82
CA LYS D 312 24.73 5.00 21.37
C LYS D 312 24.49 3.97 20.28
N GLU D 313 23.75 4.34 19.26
CA GLU D 313 23.42 3.40 18.20
C GLU D 313 24.58 3.22 17.22
N ASN D 314 25.46 4.21 17.12
CA ASN D 314 26.55 4.16 16.15
C ASN D 314 27.91 4.38 16.78
N PRO D 315 28.31 3.47 17.65
CA PRO D 315 29.58 3.62 18.36
C PRO D 315 30.75 3.72 17.38
N ASP D 316 30.57 3.22 16.17
CA ASP D 316 31.64 3.28 15.17
C ASP D 316 31.62 4.60 14.39
N LEU D 317 30.56 5.39 14.58
CA LEU D 317 30.43 6.68 13.89
C LEU D 317 30.56 6.56 12.37
N LYS D 318 30.13 5.42 11.83
CA LYS D 318 30.24 5.16 10.40
C LYS D 318 29.19 5.97 9.63
N THR D 319 27.92 5.72 9.93
CA THR D 319 26.84 6.50 9.35
C THR D 319 26.95 7.95 9.80
N PRO D 320 26.94 8.89 8.85
CA PRO D 320 27.01 10.29 9.26
C PRO D 320 25.81 10.68 10.15
N TYR D 321 25.99 11.66 11.03
CA TYR D 321 24.91 12.09 11.92
C TYR D 321 23.69 12.54 11.10
N SER D 322 23.93 13.30 10.05
CA SER D 322 22.83 13.83 9.25
C SER D 322 22.02 12.71 8.60
N VAL D 323 22.70 11.63 8.22
CA VAL D 323 22.02 10.51 7.58
C VAL D 323 21.19 9.75 8.61
N TRP D 324 21.75 9.56 9.80
CA TRP D 324 21.03 8.91 10.88
C TRP D 324 19.84 9.76 11.34
N ALA D 325 20.03 11.08 11.38
CA ALA D 325 18.98 11.97 11.85
C ALA D 325 17.80 11.98 10.91
N LYS D 326 18.09 12.03 9.60
CA LYS D 326 17.05 12.01 8.57
C LYS D 326 16.24 10.73 8.69
N LYS D 327 16.92 9.60 8.71
CA LYS D 327 16.24 8.33 8.81
C LYS D 327 15.36 8.22 10.06
N ASN D 328 15.75 8.89 11.14
CA ASN D 328 14.99 8.83 12.39
C ASN D 328 14.03 10.01 12.56
N LYS D 329 13.93 10.84 11.52
CA LYS D 329 13.02 11.98 11.48
C LYS D 329 13.25 13.01 12.57
N VAL D 330 14.51 13.17 12.97
CA VAL D 330 14.88 14.17 13.95
C VAL D 330 16.00 15.07 13.39
N ASN D 331 16.05 15.16 12.06
CA ASN D 331 17.03 16.01 11.37
C ASN D 331 16.68 17.49 11.46
N SER D 332 17.69 18.36 11.37
CA SER D 332 17.41 19.77 11.19
C SER D 332 17.05 19.99 9.72
N TRP D 333 16.39 21.10 9.43
CA TRP D 333 15.87 21.34 8.09
C TRP D 333 16.94 21.96 7.24
N GLU D 334 16.98 21.50 5.99
N GLU D 334 16.98 21.54 5.99
CA GLU D 334 17.91 21.98 4.98
CA GLU D 334 17.84 22.20 5.07
C GLU D 334 17.19 22.21 3.65
C GLU D 334 17.17 22.29 3.72
N PRO D 335 17.61 23.24 2.90
CA PRO D 335 16.99 23.46 1.60
C PRO D 335 17.32 22.33 0.63
N ASP D 336 16.41 22.09 -0.29
CA ASP D 336 16.64 21.09 -1.33
C ASP D 336 16.80 21.77 -2.68
N TYR D 337 18.03 21.73 -3.22
CA TYR D 337 18.35 22.46 -4.46
C TYR D 337 18.21 21.62 -5.74
N ASN D 338 17.79 20.37 -5.60
CA ASN D 338 17.67 19.49 -6.74
C ASN D 338 16.59 19.92 -7.74
N GLY D 339 16.85 19.65 -9.01
CA GLY D 339 15.93 20.00 -10.07
C GLY D 339 14.61 19.28 -9.88
N TYR D 340 13.54 19.96 -10.25
CA TYR D 340 12.21 19.38 -10.18
C TYR D 340 11.36 19.69 -11.41
N ILE D 341 11.87 20.50 -12.34
CA ILE D 341 11.09 20.87 -13.52
C ILE D 341 11.98 21.20 -14.71
N TRP D 342 11.49 20.90 -15.91
CA TRP D 342 12.14 21.38 -17.12
C TRP D 342 11.73 22.83 -17.37
N ARG D 343 12.71 23.70 -17.31
CA ARG D 343 12.53 25.11 -17.58
C ARG D 343 12.80 25.39 -19.04
N LEU D 344 11.95 26.20 -19.65
CA LEU D 344 12.19 26.66 -21.01
C LEU D 344 13.07 27.91 -20.99
N ASP D 345 14.36 27.75 -21.32
CA ASP D 345 15.33 28.85 -21.27
C ASP D 345 15.10 29.84 -22.40
N THR D 346 14.96 29.33 -23.62
CA THR D 346 14.71 30.21 -24.76
C THR D 346 14.08 29.41 -25.89
N LYS D 347 13.00 29.97 -26.40
CA LYS D 347 12.21 29.38 -27.48
C LYS D 347 12.95 29.40 -28.81
N ASP D 348 12.80 28.34 -29.58
CA ASP D 348 13.43 28.29 -30.89
C ASP D 348 12.89 29.43 -31.73
N ARG D 349 13.75 30.37 -32.10
CA ARG D 349 13.36 31.56 -32.86
C ARG D 349 14.49 32.05 -33.75
N ASN D 350 14.16 32.62 -34.90
CA ASN D 350 15.19 33.04 -35.85
C ASN D 350 15.71 34.45 -35.61
N GLN D 351 16.58 34.57 -34.61
CA GLN D 351 17.15 35.86 -34.23
C GLN D 351 18.30 35.67 -33.24
N LEU D 352 19.06 36.72 -32.99
CA LEU D 352 20.18 36.61 -32.07
C LEU D 352 19.66 36.34 -30.69
N PRO D 353 20.45 35.61 -29.89
CA PRO D 353 20.00 35.30 -28.55
C PRO D 353 19.98 36.57 -27.72
N ARG D 354 19.28 36.53 -26.60
CA ARG D 354 19.18 37.66 -25.71
C ARG D 354 20.56 38.11 -25.23
N ASN D 355 20.74 39.40 -25.06
CA ASN D 355 21.99 39.98 -24.52
C ASN D 355 23.23 39.63 -25.34
N PHE D 356 23.07 39.56 -26.66
CA PHE D 356 24.19 39.24 -27.55
C PHE D 356 25.07 40.45 -27.73
N ARG D 357 26.38 40.23 -27.69
CA ARG D 357 27.30 41.30 -28.00
C ARG D 357 28.68 40.76 -28.32
N THR D 358 29.41 41.51 -29.14
CA THR D 358 30.80 41.26 -29.41
C THR D 358 31.58 42.49 -28.96
N MET D 359 32.90 42.42 -29.01
CA MET D 359 33.72 43.56 -28.61
C MET D 359 33.74 44.63 -29.70
N ASN D 360 33.03 44.39 -30.80
CA ASN D 360 32.87 45.41 -31.85
C ASN D 360 31.50 46.10 -31.77
N SER D 361 30.70 45.71 -30.79
CA SER D 361 29.31 46.18 -30.69
C SER D 361 29.23 47.62 -30.19
N ALA D 362 28.09 48.24 -30.47
CA ALA D 362 27.82 49.59 -29.97
C ALA D 362 27.53 49.51 -28.49
N PHE D 363 28.02 50.50 -27.76
CA PHE D 363 27.63 50.70 -26.37
C PHE D 363 26.13 50.92 -26.23
N ARG D 364 25.62 50.53 -25.07
CA ARG D 364 24.20 50.62 -24.83
C ARG D 364 23.71 52.04 -24.63
N THR D 365 22.47 52.26 -25.01
CA THR D 365 21.92 53.58 -24.81
C THR D 365 21.17 53.67 -23.48
N ASP D 366 20.85 52.51 -22.87
CA ASP D 366 19.93 52.46 -21.73
C ASP D 366 20.65 52.36 -20.39
N VAL D 367 21.72 53.13 -20.25
CA VAL D 367 22.56 53.05 -19.05
C VAL D 367 21.78 53.35 -17.76
N ASN D 368 21.97 52.52 -16.74
CA ASN D 368 21.34 52.74 -15.44
C ASN D 368 22.37 52.80 -14.35
N VAL D 369 22.72 54.02 -14.02
CA VAL D 369 23.84 54.20 -13.15
C VAL D 369 23.63 53.46 -11.84
N LYS D 370 22.38 53.19 -11.49
CA LYS D 370 22.08 52.56 -10.22
C LYS D 370 22.39 51.05 -10.23
N LYS D 371 22.60 50.50 -11.42
CA LYS D 371 22.91 49.08 -11.58
C LYS D 371 24.39 48.84 -11.92
N THR D 372 25.20 49.88 -11.73
CA THR D 372 26.62 49.75 -11.97
C THR D 372 27.27 49.56 -10.61
N GLY D 373 28.34 50.29 -10.35
CA GLY D 373 29.01 50.18 -9.05
C GLY D 373 30.36 50.85 -9.03
N LYS D 374 31.20 50.43 -8.11
CA LYS D 374 32.49 51.07 -7.94
C LYS D 374 33.33 51.05 -9.22
N GLY D 375 33.76 52.25 -9.64
CA GLY D 375 34.67 52.42 -10.77
C GLY D 375 33.96 52.68 -12.09
N PHE D 376 32.64 52.71 -12.08
CA PHE D 376 31.92 52.89 -13.34
C PHE D 376 32.20 54.27 -13.95
N THR D 377 32.40 54.28 -15.26
CA THR D 377 32.39 55.52 -16.05
C THR D 377 31.61 55.27 -17.32
N PRO D 378 30.86 56.28 -17.81
CA PRO D 378 30.16 56.09 -19.07
C PRO D 378 31.08 56.23 -20.28
N THR D 379 32.36 56.55 -20.05
CA THR D 379 33.36 56.73 -21.12
C THR D 379 34.69 56.03 -20.83
N PRO D 380 34.67 54.70 -20.70
CA PRO D 380 35.88 53.89 -20.50
C PRO D 380 36.67 53.83 -21.79
N THR D 381 37.97 53.60 -21.70
CA THR D 381 38.76 53.37 -22.92
C THR D 381 38.21 52.13 -23.67
N ARG D 382 38.12 52.17 -25.02
CA ARG D 382 37.80 50.98 -25.86
C ARG D 382 39.07 50.23 -26.31
N LYS D 383 40.19 50.57 -25.68
CA LYS D 383 41.48 50.05 -26.10
C LYS D 383 41.63 48.55 -25.92
N GLY D 384 41.96 47.88 -27.02
CA GLY D 384 42.24 46.47 -27.01
C GLY D 384 41.03 45.68 -27.44
N LEU D 385 39.89 46.35 -27.56
CA LEU D 385 38.66 45.70 -27.95
C LEU D 385 38.68 45.26 -29.41
N ASP D 386 39.38 46.00 -30.27
CA ASP D 386 39.43 45.67 -31.68
C ASP D 386 40.22 44.38 -31.94
N THR D 387 41.04 43.94 -30.98
CA THR D 387 41.73 42.66 -31.09
C THR D 387 41.40 41.71 -29.94
N LEU D 388 40.33 42.00 -29.23
CA LEU D 388 39.79 41.08 -28.23
C LEU D 388 38.72 40.27 -28.92
N TYR D 389 39.06 39.07 -29.34
CA TYR D 389 38.16 38.20 -30.06
C TYR D 389 37.22 37.48 -29.10
N MET D 390 36.13 38.15 -28.73
CA MET D 390 35.26 37.65 -27.68
C MET D 390 33.84 38.16 -27.85
N SER D 391 32.88 37.31 -27.54
CA SER D 391 31.47 37.69 -27.58
C SER D 391 30.77 37.02 -26.41
N GLY D 392 29.50 37.37 -26.19
CA GLY D 392 28.74 36.77 -25.11
C GLY D 392 27.25 36.88 -25.35
N SER D 393 26.48 35.97 -24.76
CA SER D 393 25.04 36.04 -24.88
C SER D 393 24.39 35.17 -23.83
N ALA D 394 23.07 35.24 -23.78
CA ALA D 394 22.25 34.25 -23.06
C ALA D 394 22.32 32.91 -23.75
N GLU D 395 21.67 31.90 -23.18
CA GLU D 395 21.55 30.60 -23.81
C GLU D 395 20.90 30.77 -25.18
N PHE D 396 21.09 29.79 -26.05
CA PHE D 396 20.56 29.85 -27.41
C PHE D 396 19.81 28.58 -27.83
N SER D 397 18.66 28.78 -28.46
CA SER D 397 17.96 27.71 -29.12
C SER D 397 18.63 27.50 -30.46
N ASN D 398 18.18 26.52 -31.23
CA ASN D 398 18.77 26.23 -32.52
C ASN D 398 18.70 27.43 -33.44
N GLY D 399 17.52 28.02 -33.52
CA GLY D 399 17.31 29.15 -34.38
C GLY D 399 18.27 30.27 -34.01
N GLU D 400 18.43 30.50 -32.72
CA GLU D 400 19.29 31.59 -32.27
C GLU D 400 20.76 31.33 -32.58
N LEU D 401 21.18 30.07 -32.51
CA LEU D 401 22.54 29.71 -32.93
C LEU D 401 22.71 29.96 -34.43
N GLN D 402 21.69 29.65 -35.23
CA GLN D 402 21.79 29.83 -36.68
C GLN D 402 21.95 31.32 -37.01
N ALA D 403 21.31 32.17 -36.21
CA ALA D 403 21.42 33.60 -36.40
C ALA D 403 22.76 34.17 -35.90
N MET D 404 23.38 33.52 -34.92
CA MET D 404 24.73 33.92 -34.44
C MET D 404 25.83 33.56 -35.43
N LEU D 405 25.69 32.43 -36.11
CA LEU D 405 26.75 31.87 -36.94
C LEU D 405 27.34 32.85 -37.97
N PRO D 406 26.51 33.46 -38.81
CA PRO D 406 27.05 34.39 -39.80
C PRO D 406 27.70 35.62 -39.16
N VAL D 407 27.18 36.06 -38.03
CA VAL D 407 27.72 37.23 -37.38
C VAL D 407 29.10 36.95 -36.82
N LEU D 408 29.25 35.82 -36.12
CA LEU D 408 30.55 35.49 -35.54
C LEU D 408 31.56 35.21 -36.64
N LYS D 409 31.19 34.36 -37.60
CA LYS D 409 32.06 34.05 -38.72
C LYS D 409 32.47 35.33 -39.46
N GLN D 410 31.61 36.34 -39.45
CA GLN D 410 31.94 37.64 -40.04
C GLN D 410 33.08 38.37 -39.31
N GLN D 411 33.13 38.24 -37.98
CA GLN D 411 34.06 39.04 -37.18
C GLN D 411 35.29 38.27 -36.72
N ALA D 412 35.16 36.94 -36.70
CA ALA D 412 36.20 36.06 -36.15
C ALA D 412 37.41 35.98 -37.08
N LYS D 413 38.62 35.99 -36.51
CA LYS D 413 39.85 35.84 -37.29
C LYS D 413 40.55 34.51 -37.00
N GLY D 414 39.81 33.53 -36.53
CA GLY D 414 40.36 32.24 -36.16
C GLY D 414 39.22 31.34 -35.71
N PRO D 415 39.54 30.16 -35.18
CA PRO D 415 38.51 29.22 -34.77
C PRO D 415 37.61 29.79 -33.65
N ILE D 416 36.33 29.42 -33.68
CA ILE D 416 35.35 29.90 -32.72
C ILE D 416 35.01 28.83 -31.68
N TYR D 417 35.10 29.21 -30.41
CA TYR D 417 34.76 28.32 -29.31
C TYR D 417 33.53 28.85 -28.58
N ILE D 418 32.54 27.99 -28.43
CA ILE D 418 31.40 28.31 -27.60
C ILE D 418 31.79 27.88 -26.19
N MET D 419 31.83 28.82 -25.26
CA MET D 419 32.20 28.51 -23.90
C MET D 419 30.92 28.49 -23.08
N ASP D 420 30.41 27.28 -22.82
CA ASP D 420 29.19 27.10 -22.07
C ASP D 420 29.57 27.11 -20.60
N LEU D 421 29.04 28.05 -19.83
CA LEU D 421 29.49 28.24 -18.45
C LEU D 421 28.51 27.69 -17.43
N ARG D 422 27.56 26.88 -17.86
CA ARG D 422 26.47 26.45 -16.97
C ARG D 422 26.73 25.15 -16.20
N GLN D 423 26.69 25.24 -14.87
CA GLN D 423 26.75 24.04 -14.02
C GLN D 423 25.43 23.26 -14.11
N GLU D 424 24.33 23.99 -14.16
CA GLU D 424 23.01 23.38 -14.20
C GLU D 424 22.83 22.55 -15.45
N THR D 425 22.12 21.45 -15.31
CA THR D 425 21.83 20.57 -16.44
C THR D 425 20.90 21.23 -17.45
N HIS D 426 21.31 21.19 -18.72
CA HIS D 426 20.55 21.81 -19.80
C HIS D 426 20.82 21.13 -21.13
N GLY D 427 19.99 21.45 -22.10
CA GLY D 427 20.11 20.89 -23.42
C GLY D 427 19.08 21.49 -24.36
N VAL D 428 18.68 20.70 -25.35
CA VAL D 428 17.77 21.18 -26.36
C VAL D 428 16.62 20.19 -26.58
N PHE D 429 15.39 20.66 -26.39
CA PHE D 429 14.18 19.86 -26.67
C PHE D 429 13.41 20.45 -27.84
N ASN D 430 13.27 19.68 -28.92
CA ASN D 430 12.56 20.17 -30.10
C ASN D 430 13.11 21.52 -30.56
N GLY D 431 14.42 21.70 -30.42
CA GLY D 431 15.03 22.93 -30.88
C GLY D 431 15.03 24.06 -29.87
N ASN D 432 14.34 23.87 -28.75
CA ASN D 432 14.29 24.87 -27.67
C ASN D 432 15.36 24.62 -26.62
N ALA D 433 15.97 25.68 -26.11
CA ALA D 433 16.92 25.53 -25.00
C ALA D 433 16.15 25.27 -23.70
N VAL D 434 16.53 24.22 -22.99
CA VAL D 434 15.88 23.84 -21.74
C VAL D 434 16.91 23.49 -20.67
N SER D 435 16.48 23.60 -19.41
CA SER D 435 17.31 23.25 -18.28
C SER D 435 16.52 22.53 -17.19
N TRP D 436 17.21 21.72 -16.41
CA TRP D 436 16.61 21.05 -15.26
C TRP D 436 16.75 21.99 -14.10
N TYR D 437 15.63 22.61 -13.71
CA TYR D 437 15.65 23.70 -12.76
C TYR D 437 15.33 23.24 -11.34
N GLY D 438 16.20 23.63 -10.41
CA GLY D 438 15.97 23.47 -8.99
C GLY D 438 16.00 24.83 -8.31
N LEU D 439 15.57 24.87 -7.05
CA LEU D 439 15.60 26.12 -6.30
C LEU D 439 16.91 26.86 -6.52
N ARG D 440 16.80 28.17 -6.69
CA ARG D 440 17.94 29.04 -7.02
C ARG D 440 18.75 28.64 -8.26
N ASP D 441 18.13 27.86 -9.16
CA ASP D 441 18.86 27.27 -10.29
C ASP D 441 20.13 26.48 -9.86
N TRP D 442 20.09 25.84 -8.69
CA TRP D 442 21.28 25.16 -8.13
C TRP D 442 21.18 23.64 -8.24
N GLY D 443 20.62 23.20 -9.36
CA GLY D 443 20.36 21.78 -9.59
C GLY D 443 21.56 20.87 -9.51
N ASN D 444 22.74 21.41 -9.77
CA ASN D 444 23.97 20.60 -9.71
C ASN D 444 24.98 21.14 -8.71
N LEU D 445 24.50 21.91 -7.74
CA LEU D 445 25.36 22.42 -6.67
C LEU D 445 26.13 21.27 -6.08
N GLY D 446 27.43 21.47 -5.89
CA GLY D 446 28.31 20.50 -5.23
C GLY D 446 28.88 19.44 -6.15
N LYS D 447 28.32 19.30 -7.35
CA LYS D 447 28.83 18.34 -8.31
C LYS D 447 30.09 18.83 -9.01
N ASN D 448 31.00 17.90 -9.28
CA ASN D 448 32.11 18.16 -10.17
C ASN D 448 31.68 18.05 -11.64
N LYS D 449 32.58 18.41 -12.54
CA LYS D 449 32.24 18.49 -13.95
C LYS D 449 31.78 17.13 -14.49
N ALA D 450 32.49 16.08 -14.13
CA ALA D 450 32.16 14.73 -14.57
C ALA D 450 30.75 14.32 -14.16
N GLU D 451 30.36 14.67 -12.93
CA GLU D 451 29.03 14.33 -12.42
C GLU D 451 27.94 15.18 -13.09
N VAL D 452 28.28 16.43 -13.39
CA VAL D 452 27.36 17.33 -14.09
C VAL D 452 27.02 16.74 -15.46
N LEU D 453 28.05 16.38 -16.23
CA LEU D 453 27.84 15.83 -17.56
C LEU D 453 27.08 14.51 -17.52
N LYS D 454 27.43 13.67 -16.55
CA LYS D 454 26.74 12.40 -16.34
C LYS D 454 25.25 12.63 -16.06
N ASP D 455 24.95 13.55 -15.15
CA ASP D 455 23.56 13.90 -14.86
C ASP D 455 22.87 14.38 -16.13
N GLU D 456 23.55 15.25 -16.86
CA GLU D 456 22.99 15.88 -18.05
C GLU D 456 22.63 14.88 -19.15
N ASN D 457 23.58 14.00 -19.47
CA ASN D 457 23.32 12.97 -20.47
C ASN D 457 22.18 12.06 -20.06
N SER D 458 22.20 11.65 -18.79
CA SER D 458 21.17 10.75 -18.25
C SER D 458 19.77 11.37 -18.32
N ARG D 459 19.64 12.62 -17.88
CA ARG D 459 18.32 13.25 -17.82
C ARG D 459 17.79 13.63 -19.21
N LEU D 460 18.67 14.03 -20.12
CA LEU D 460 18.23 14.33 -21.48
C LEU D 460 17.77 13.06 -22.20
N ASN D 461 18.57 12.00 -22.10
CA ASN D 461 18.20 10.70 -22.65
C ASN D 461 16.85 10.22 -22.12
N ALA D 462 16.62 10.39 -20.82
CA ALA D 462 15.40 9.89 -20.17
C ALA D 462 14.17 10.68 -20.59
N ALA D 463 14.39 11.87 -21.16
CA ALA D 463 13.29 12.75 -21.55
C ALA D 463 12.75 12.46 -22.95
N ARG D 464 13.62 11.86 -23.78
CA ARG D 464 13.31 11.59 -25.18
C ARG D 464 12.04 10.77 -25.37
N GLY D 465 11.13 11.25 -26.17
CA GLY D 465 9.91 10.50 -26.41
C GLY D 465 8.89 10.53 -25.27
N LYS D 466 9.24 11.18 -24.16
CA LYS D 466 8.28 11.34 -23.06
C LYS D 466 7.41 12.59 -23.28
N SER D 467 6.30 12.68 -22.57
CA SER D 467 5.49 13.88 -22.60
C SER D 467 5.65 14.61 -21.26
N LEU D 468 6.24 15.81 -21.29
CA LEU D 468 6.69 16.46 -20.06
C LEU D 468 6.30 17.94 -20.04
N ILE D 469 6.24 18.50 -18.83
CA ILE D 469 6.07 19.93 -18.64
C ILE D 469 7.38 20.65 -18.98
N VAL D 470 7.32 21.57 -19.94
CA VAL D 470 8.47 22.40 -20.28
C VAL D 470 7.97 23.84 -20.21
N ALA D 471 8.33 24.53 -19.13
CA ALA D 471 7.63 25.75 -18.78
C ALA D 471 8.56 26.90 -18.64
N GLU D 472 8.09 28.06 -19.09
CA GLU D 472 8.73 29.30 -18.78
C GLU D 472 8.38 29.68 -17.34
N LEU D 473 9.36 30.16 -16.61
CA LEU D 473 9.16 30.55 -15.22
C LEU D 473 8.89 32.04 -15.10
N ASP D 474 7.99 32.40 -14.20
CA ASP D 474 7.69 33.82 -13.96
C ASP D 474 8.68 34.40 -12.94
N LYS D 475 8.45 35.66 -12.60
CA LYS D 475 9.35 36.40 -11.72
C LYS D 475 9.53 35.70 -10.37
N ASP D 476 8.54 34.91 -9.96
CA ASP D 476 8.60 34.15 -8.71
C ASP D 476 9.13 32.72 -8.90
N LYS D 477 9.58 32.40 -10.11
CA LYS D 477 10.10 31.06 -10.46
C LYS D 477 8.99 30.00 -10.43
N MET D 478 7.77 30.43 -10.68
CA MET D 478 6.64 29.53 -10.78
C MET D 478 6.25 29.41 -12.24
N PRO D 479 5.89 28.19 -12.66
CA PRO D 479 5.64 27.97 -14.08
C PRO D 479 4.41 28.70 -14.61
N ILE D 480 4.54 29.22 -15.83
CA ILE D 480 3.45 29.93 -16.50
C ILE D 480 2.65 28.96 -17.38
N ASP D 481 1.35 28.83 -17.12
CA ASP D 481 0.49 27.99 -17.97
C ASP D 481 1.11 26.64 -18.33
N PRO D 482 1.55 25.88 -17.32
CA PRO D 482 2.21 24.61 -17.63
C PRO D 482 1.28 23.61 -18.35
N LYS D 483 1.77 23.04 -19.44
CA LYS D 483 1.07 21.98 -20.18
C LYS D 483 2.09 20.99 -20.71
N PRO D 484 1.79 19.70 -20.61
CA PRO D 484 2.75 18.71 -21.10
C PRO D 484 2.95 18.85 -22.60
N VAL D 485 4.17 18.60 -23.05
CA VAL D 485 4.51 18.60 -24.48
C VAL D 485 5.32 17.35 -24.80
N LYS D 486 5.08 16.79 -25.98
CA LYS D 486 5.81 15.62 -26.40
C LYS D 486 7.21 16.05 -26.82
N ILE D 487 8.21 15.49 -26.16
CA ILE D 487 9.58 15.79 -26.49
C ILE D 487 9.97 14.93 -27.68
N GLU D 488 10.16 15.53 -28.85
CA GLU D 488 10.45 14.74 -30.05
C GLU D 488 11.96 14.58 -30.31
N SER D 489 12.69 15.68 -30.26
CA SER D 489 14.15 15.62 -30.42
C SER D 489 14.91 16.15 -29.21
N VAL D 490 15.99 15.46 -28.86
CA VAL D 490 16.82 15.85 -27.73
C VAL D 490 18.27 15.88 -28.17
N MET D 491 18.93 16.99 -27.88
CA MET D 491 20.39 17.09 -28.02
C MET D 491 20.99 17.82 -26.84
N THR D 492 22.25 17.50 -26.54
CA THR D 492 23.06 18.36 -25.70
C THR D 492 23.37 19.59 -26.53
N GLU D 493 23.78 20.66 -25.85
CA GLU D 493 24.27 21.83 -26.56
C GLU D 493 25.51 21.48 -27.37
N GLN D 494 26.37 20.61 -26.82
CA GLN D 494 27.59 20.19 -27.50
C GLN D 494 27.30 19.59 -28.86
N GLN D 495 26.31 18.69 -28.92
CA GLN D 495 25.89 18.09 -30.20
C GLN D 495 25.41 19.17 -31.17
N LEU D 496 24.62 20.09 -30.65
CA LEU D 496 24.13 21.21 -31.44
C LEU D 496 25.23 22.10 -31.98
N VAL D 497 26.20 22.43 -31.14
CA VAL D 497 27.23 23.36 -31.54
C VAL D 497 28.16 22.72 -32.56
N GLU D 498 28.57 21.47 -32.30
CA GLU D 498 29.58 20.80 -33.14
C GLU D 498 28.97 20.46 -34.51
N LYS D 499 27.76 19.93 -34.48
CA LYS D 499 26.99 19.66 -35.69
C LYS D 499 26.84 20.91 -36.58
N ASN D 500 26.98 22.10 -35.99
CA ASN D 500 27.05 23.35 -36.77
C ASN D 500 28.48 23.84 -37.00
N GLY D 501 29.46 22.99 -36.71
CA GLY D 501 30.84 23.25 -37.11
C GLY D 501 31.57 24.27 -36.25
N LEU D 502 31.26 24.30 -34.96
CA LEU D 502 31.99 25.14 -34.02
C LEU D 502 32.54 24.25 -32.93
N HIS D 503 33.53 24.75 -32.18
CA HIS D 503 34.06 23.99 -31.04
C HIS D 503 33.28 24.32 -29.77
N TYR D 504 33.36 23.43 -28.78
CA TYR D 504 32.60 23.55 -27.56
C TYR D 504 33.49 23.25 -26.38
N TYR D 505 33.35 24.04 -25.33
CA TYR D 505 33.98 23.74 -24.07
C TYR D 505 32.99 24.08 -22.97
N ARG D 506 32.99 23.28 -21.91
CA ARG D 506 32.08 23.46 -20.80
C ARG D 506 32.82 23.78 -19.54
N ILE D 507 32.39 24.83 -18.84
CA ILE D 507 32.82 25.08 -17.47
C ILE D 507 31.55 25.10 -16.64
N ALA D 508 31.55 24.29 -15.58
CA ALA D 508 30.36 24.06 -14.80
C ALA D 508 30.22 25.08 -13.68
N ALA D 509 29.95 26.34 -14.02
CA ALA D 509 29.88 27.43 -13.04
C ALA D 509 28.50 27.55 -12.44
N THR D 510 28.45 27.62 -11.10
CA THR D 510 27.19 27.71 -10.37
C THR D 510 26.55 29.06 -10.62
N ASP D 511 25.25 29.05 -10.93
CA ASP D 511 24.49 30.29 -11.16
C ASP D 511 24.50 31.23 -9.92
N HIS D 512 24.54 32.53 -10.18
CA HIS D 512 24.39 33.58 -9.15
C HIS D 512 25.67 33.95 -8.39
N ILE D 513 26.68 33.08 -8.42
CA ILE D 513 27.85 33.30 -7.58
C ILE D 513 29.15 33.48 -8.37
N TRP D 514 30.14 34.03 -7.69
CA TRP D 514 31.48 34.17 -8.24
C TRP D 514 32.04 32.80 -8.66
N PRO D 515 32.48 32.68 -9.91
CA PRO D 515 33.08 31.43 -10.38
C PRO D 515 34.12 30.86 -9.41
N SER D 516 34.02 29.58 -9.08
CA SER D 516 34.95 29.00 -8.11
C SER D 516 36.38 29.05 -8.65
N ALA D 517 37.35 28.89 -7.74
CA ALA D 517 38.77 28.89 -8.11
C ALA D 517 39.11 27.77 -9.10
N ALA D 518 38.46 26.63 -8.98
CA ALA D 518 38.71 25.54 -9.91
C ALA D 518 38.12 25.84 -11.29
N ASN D 519 37.02 26.58 -11.31
CA ASN D 519 36.40 27.01 -12.55
C ASN D 519 37.21 28.11 -13.25
N ILE D 520 37.90 28.94 -12.49
CA ILE D 520 38.68 30.02 -13.07
C ILE D 520 39.98 29.42 -13.61
N ASP D 521 40.57 28.53 -12.83
CA ASP D 521 41.78 27.82 -13.25
C ASP D 521 41.55 27.06 -14.55
N GLU D 522 40.40 26.41 -14.63
CA GLU D 522 40.04 25.68 -15.82
C GLU D 522 39.99 26.61 -17.04
N PHE D 523 39.42 27.80 -16.89
CA PHE D 523 39.41 28.76 -17.98
C PHE D 523 40.82 29.21 -18.36
N ILE D 524 41.62 29.54 -17.35
CA ILE D 524 42.98 30.02 -17.60
C ILE D 524 43.79 28.96 -18.35
N ASN D 525 43.71 27.71 -17.89
CA ASN D 525 44.38 26.62 -18.57
C ASN D 525 43.92 26.48 -20.01
N PHE D 526 42.63 26.72 -20.25
CA PHE D 526 42.13 26.69 -21.62
C PHE D 526 42.82 27.79 -22.45
N THR D 527 42.92 29.00 -21.90
CA THR D 527 43.52 30.10 -22.66
C THR D 527 44.97 29.77 -23.00
N ARG D 528 45.60 28.96 -22.15
CA ARG D 528 47.03 28.70 -22.28
C ARG D 528 47.36 27.70 -23.35
N THR D 529 46.38 26.87 -23.67
CA THR D 529 46.51 25.87 -24.71
C THR D 529 45.73 26.20 -25.98
N MET D 530 44.94 27.28 -26.02
CA MET D 530 44.17 27.58 -27.22
C MET D 530 44.98 28.43 -28.21
N PRO D 531 44.49 28.54 -29.44
CA PRO D 531 45.13 29.30 -30.49
C PRO D 531 45.04 30.79 -30.25
N ALA D 532 46.10 31.47 -30.65
CA ALA D 532 46.23 32.91 -30.58
C ALA D 532 44.97 33.69 -30.94
N ASN D 533 44.43 33.42 -32.12
CA ASN D 533 43.27 34.13 -32.60
C ASN D 533 41.97 33.40 -32.38
N ALA D 534 41.91 32.56 -31.37
CA ALA D 534 40.67 31.95 -30.97
C ALA D 534 39.64 33.04 -30.67
N TRP D 535 38.42 32.82 -31.12
CA TRP D 535 37.31 33.68 -30.77
C TRP D 535 36.45 32.98 -29.73
N LEU D 536 36.36 33.57 -28.54
CA LEU D 536 35.60 32.97 -27.46
C LEU D 536 34.22 33.59 -27.34
N HIS D 537 33.19 32.76 -27.46
CA HIS D 537 31.83 33.22 -27.21
C HIS D 537 31.30 32.63 -25.92
N PHE D 538 31.18 33.45 -24.89
CA PHE D 538 30.73 32.98 -23.59
C PHE D 538 29.22 33.04 -23.47
N HIS D 539 28.63 32.04 -22.83
CA HIS D 539 27.21 32.14 -22.52
C HIS D 539 26.88 31.40 -21.25
N SER D 540 25.84 31.85 -20.58
CA SER D 540 25.31 31.18 -19.42
C SER D 540 23.79 31.05 -19.62
N GLN D 541 22.99 31.23 -18.59
CA GLN D 541 21.53 31.13 -18.75
C GLN D 541 21.04 32.42 -19.39
N ALA D 542 21.42 33.54 -18.78
CA ALA D 542 20.93 34.86 -19.18
C ALA D 542 21.98 35.75 -19.86
N GLY D 543 23.23 35.33 -19.88
CA GLY D 543 24.27 36.15 -20.46
C GLY D 543 24.60 37.34 -19.57
N ALA D 544 24.29 37.23 -18.28
CA ALA D 544 24.50 38.33 -17.35
C ALA D 544 25.61 38.04 -16.36
N GLY D 545 25.28 37.42 -15.23
CA GLY D 545 26.26 37.19 -14.15
C GLY D 545 27.52 36.44 -14.57
N ARG D 546 27.36 35.16 -14.85
CA ARG D 546 28.50 34.31 -15.17
C ARG D 546 29.21 34.71 -16.45
N THR D 547 28.43 35.01 -17.49
CA THR D 547 28.98 35.44 -18.75
C THR D 547 29.85 36.71 -18.65
N THR D 548 29.34 37.74 -17.96
CA THR D 548 30.02 39.02 -17.90
C THR D 548 31.24 38.89 -17.03
N ALA D 549 31.14 38.09 -15.98
CA ALA D 549 32.29 37.84 -15.12
C ALA D 549 33.46 37.23 -15.89
N TYR D 550 33.20 36.19 -16.68
CA TYR D 550 34.26 35.58 -17.51
C TYR D 550 34.73 36.50 -18.63
N MET D 551 33.82 37.24 -19.25
CA MET D 551 34.22 38.19 -20.27
C MET D 551 35.16 39.25 -19.67
N ALA D 552 34.85 39.73 -18.46
CA ALA D 552 35.66 40.75 -17.80
C ALA D 552 37.04 40.19 -17.45
N MET D 553 37.05 38.94 -17.01
CA MET D 553 38.31 38.28 -16.66
C MET D 553 39.24 38.10 -17.86
N TYR D 554 38.67 37.68 -18.99
CA TYR D 554 39.46 37.53 -20.20
C TYR D 554 39.95 38.90 -20.70
N ASP D 555 39.07 39.90 -20.71
CA ASP D 555 39.43 41.27 -21.07
C ASP D 555 40.66 41.70 -20.26
N MET D 556 40.58 41.57 -18.95
CA MET D 556 41.70 41.97 -18.10
C MET D 556 42.97 41.26 -18.53
N MET D 557 42.87 39.94 -18.70
CA MET D 557 44.01 39.10 -19.03
C MET D 557 44.71 39.54 -20.31
N LYS D 558 43.94 40.02 -21.28
CA LYS D 558 44.50 40.44 -22.56
C LYS D 558 44.88 41.91 -22.54
N ASN D 559 44.28 42.67 -21.61
CA ASN D 559 44.48 44.10 -21.52
C ASN D 559 44.79 44.55 -20.08
N PRO D 560 45.90 44.05 -19.52
CA PRO D 560 46.33 44.41 -18.17
C PRO D 560 46.71 45.89 -17.99
N ASP D 561 46.83 46.63 -19.07
CA ASP D 561 47.14 48.07 -18.98
C ASP D 561 45.88 48.90 -18.80
N VAL D 562 44.71 48.32 -19.05
CA VAL D 562 43.44 49.04 -18.88
C VAL D 562 42.96 48.92 -17.43
N SER D 563 42.34 50.00 -16.93
CA SER D 563 41.91 50.07 -15.53
C SER D 563 40.74 49.11 -15.23
N LEU D 564 40.70 48.59 -14.01
CA LEU D 564 39.62 47.71 -13.60
C LEU D 564 38.27 48.36 -13.86
N GLY D 565 38.16 49.65 -13.55
CA GLY D 565 36.92 50.40 -13.78
C GLY D 565 36.51 50.46 -15.22
N ASP D 566 37.48 50.62 -16.13
CA ASP D 566 37.16 50.73 -17.57
C ASP D 566 36.74 49.38 -18.12
N ILE D 567 37.40 48.32 -17.66
CA ILE D 567 37.01 46.97 -18.05
C ILE D 567 35.56 46.70 -17.65
N LEU D 568 35.26 46.87 -16.37
CA LEU D 568 33.92 46.61 -15.88
C LEU D 568 32.91 47.50 -16.54
N SER D 569 33.26 48.77 -16.72
CA SER D 569 32.36 49.73 -17.36
C SER D 569 32.05 49.34 -18.79
N ARG D 570 33.08 49.06 -19.58
CA ARG D 570 32.83 48.75 -20.99
C ARG D 570 32.12 47.41 -21.16
N GLN D 571 32.45 46.44 -20.33
CA GLN D 571 31.71 45.16 -20.39
C GLN D 571 30.24 45.37 -20.01
N TYR D 572 29.97 46.28 -19.09
CA TYR D 572 28.58 46.63 -18.79
C TYR D 572 27.98 47.35 -19.99
N LEU D 573 28.73 48.29 -20.55
CA LEU D 573 28.19 49.13 -21.61
C LEU D 573 27.88 48.33 -22.85
N LEU D 574 28.67 47.29 -23.09
CA LEU D 574 28.51 46.48 -24.28
C LEU D 574 27.33 45.53 -24.19
N GLY D 575 26.75 45.41 -22.99
CA GLY D 575 25.53 44.62 -22.81
C GLY D 575 25.56 43.62 -21.69
N GLY D 576 26.67 43.55 -20.97
CA GLY D 576 26.76 42.71 -19.78
C GLY D 576 26.14 43.42 -18.59
N ASN D 577 26.29 42.85 -17.42
CA ASN D 577 25.91 43.59 -16.22
C ASN D 577 27.18 44.17 -15.62
N TYR D 578 27.08 44.75 -14.44
CA TYR D 578 28.26 45.29 -13.78
C TYR D 578 28.74 44.31 -12.73
N VAL D 579 29.95 43.78 -12.91
CA VAL D 579 30.39 42.64 -12.12
C VAL D 579 30.51 42.98 -10.64
N ALA D 580 30.79 44.25 -10.35
CA ALA D 580 31.01 44.70 -8.97
C ALA D 580 29.76 45.37 -8.38
N TYR D 581 28.60 45.09 -8.96
CA TYR D 581 27.34 45.59 -8.43
C TYR D 581 27.11 45.08 -7.01
N GLU D 582 26.64 45.95 -6.13
CA GLU D 582 26.26 45.56 -4.79
C GLU D 582 24.90 46.16 -4.47
N ILE D 583 24.10 45.45 -3.68
CA ILE D 583 22.81 46.01 -3.29
C ILE D 583 23.04 47.08 -2.22
N ALA D 584 22.53 48.28 -2.53
CA ALA D 584 22.69 49.46 -1.69
C ALA D 584 22.23 49.23 -0.26
N LYS D 585 20.93 49.00 -0.08
CA LYS D 585 20.38 48.78 1.25
C LYS D 585 19.56 47.49 1.27
N PRO D 586 20.26 46.36 1.47
CA PRO D 586 19.70 45.02 1.30
C PRO D 586 18.54 44.70 2.24
N LYS D 587 17.42 44.28 1.68
CA LYS D 587 16.29 43.80 2.48
C LYS D 587 16.39 42.28 2.71
N PRO D 588 15.73 41.79 3.78
CA PRO D 588 15.79 40.38 4.19
C PRO D 588 15.55 39.35 3.08
N ASP D 589 14.65 39.63 2.15
CA ASP D 589 14.37 38.68 1.06
C ASP D 589 15.41 38.69 -0.08
N GLN D 590 16.38 39.60 -0.01
CA GLN D 590 17.36 39.75 -1.09
C GLN D 590 18.57 38.86 -0.85
N TRP D 591 18.37 37.57 -1.07
CA TRP D 591 19.36 36.57 -0.69
C TRP D 591 20.68 36.73 -1.45
N LYS D 592 20.62 37.38 -2.62
CA LYS D 592 21.79 37.52 -3.47
C LYS D 592 22.80 38.53 -2.97
N ALA D 593 22.42 39.34 -1.99
CA ALA D 593 23.26 40.44 -1.53
C ALA D 593 24.70 40.02 -1.24
N ASP D 594 24.88 38.96 -0.46
CA ASP D 594 26.21 38.52 -0.07
C ASP D 594 27.01 38.00 -1.26
N TYR D 595 26.32 37.49 -2.26
CA TYR D 595 26.98 36.87 -3.42
C TYR D 595 27.45 37.94 -4.39
N TYR D 596 26.66 39.00 -4.52
CA TYR D 596 27.09 40.21 -5.24
C TYR D 596 28.30 40.84 -4.55
N HIS D 597 28.26 40.98 -3.23
CA HIS D 597 29.39 41.57 -2.54
C HIS D 597 30.66 40.77 -2.79
N GLN D 598 30.52 39.45 -2.71
CA GLN D 598 31.64 38.56 -2.90
C GLN D 598 32.22 38.71 -4.32
N LYS D 599 31.33 38.90 -5.30
CA LYS D 599 31.79 39.16 -6.67
C LYS D 599 32.54 40.47 -6.78
N ALA D 600 31.99 41.55 -6.22
CA ALA D 600 32.61 42.86 -6.28
C ALA D 600 33.99 42.78 -5.64
N HIS D 601 34.07 41.92 -4.64
CA HIS D 601 35.30 41.75 -3.92
C HIS D 601 36.29 40.93 -4.71
N MET D 602 35.82 39.80 -5.19
CA MET D 602 36.73 38.90 -5.84
C MET D 602 37.17 39.38 -7.22
N ILE D 603 36.41 40.25 -7.87
CA ILE D 603 36.81 40.74 -9.20
C ILE D 603 38.01 41.69 -9.11
N GLU D 604 38.04 42.52 -8.07
CA GLU D 604 39.19 43.39 -7.80
C GLU D 604 40.42 42.51 -7.54
N LYS D 605 40.22 41.44 -6.80
CA LYS D 605 41.32 40.53 -6.50
C LYS D 605 41.84 39.80 -7.74
N PHE D 606 40.94 39.46 -8.66
CA PHE D 606 41.38 38.81 -9.89
C PHE D 606 42.19 39.78 -10.72
N TYR D 607 41.84 41.06 -10.65
CA TYR D 607 42.58 42.09 -11.37
C TYR D 607 44.03 42.09 -10.89
N GLN D 608 44.19 42.05 -9.58
CA GLN D 608 45.50 42.12 -8.99
C GLN D 608 46.31 40.88 -9.38
N TYR D 609 45.61 39.76 -9.50
CA TYR D 609 46.25 38.52 -9.92
C TYR D 609 46.73 38.59 -11.36
N VAL D 610 45.96 39.25 -12.22
CA VAL D 610 46.39 39.49 -13.59
C VAL D 610 47.67 40.34 -13.58
N GLN D 611 47.61 41.48 -12.90
CA GLN D 611 48.76 42.37 -12.78
C GLN D 611 50.06 41.59 -12.43
N GLU D 612 49.96 40.63 -11.50
CA GLU D 612 51.12 39.88 -10.98
C GLU D 612 51.51 38.62 -11.79
N ASN D 613 50.68 38.22 -12.73
CA ASN D 613 50.95 37.00 -13.45
C ASN D 613 50.80 37.06 -14.99
N HIS D 614 50.36 38.19 -15.54
CA HIS D 614 50.17 38.31 -17.00
C HIS D 614 51.47 38.26 -17.79
N ALA D 615 52.52 38.91 -17.26
CA ALA D 615 53.79 39.08 -17.99
C ALA D 615 54.42 37.74 -18.38
N ASP D 616 54.30 36.75 -17.52
CA ASP D 616 54.85 35.43 -17.83
C ASP D 616 53.79 34.43 -18.31
N GLY D 617 52.60 34.91 -18.63
CA GLY D 617 51.56 34.05 -19.19
C GLY D 617 50.82 33.17 -18.20
N PHE D 618 50.64 33.67 -16.98
CA PHE D 618 49.84 32.98 -15.98
C PHE D 618 50.32 31.55 -15.66
N LYS D 619 51.63 31.38 -15.47
CA LYS D 619 52.25 30.09 -15.06
C LYS D 619 51.79 29.64 -13.67
N THR D 620 51.65 30.61 -12.78
CA THR D 620 51.08 30.37 -11.45
C THR D 620 49.56 30.46 -11.58
N SER D 621 48.86 29.42 -11.14
CA SER D 621 47.41 29.37 -11.30
C SER D 621 46.75 30.35 -10.35
N TRP D 622 45.50 30.67 -10.60
CA TRP D 622 44.71 31.51 -9.71
C TRP D 622 44.60 30.91 -8.29
N SER D 623 44.47 29.60 -8.21
CA SER D 623 44.33 28.94 -6.92
C SER D 623 45.59 29.07 -6.05
N GLN D 624 46.74 28.74 -6.65
CA GLN D 624 48.03 28.88 -5.96
C GLN D 624 48.22 30.30 -5.47
N TRP D 625 47.81 31.27 -6.28
CA TRP D 625 47.98 32.67 -5.94
C TRP D 625 47.02 33.07 -4.82
N LEU D 626 45.78 32.61 -4.90
CA LEU D 626 44.83 32.89 -3.83
C LEU D 626 45.38 32.34 -2.53
N ALA D 627 45.99 31.16 -2.61
CA ALA D 627 46.62 30.59 -1.44
C ALA D 627 48.04 31.15 -1.21
N ALA D 628 48.14 32.40 -0.73
CA ALA D 628 49.42 33.04 -0.35
C ALA D 628 49.15 34.27 0.51
#